data_5JNE
#
_entry.id   5JNE
#
_cell.length_a   93.421
_cell.length_b   205.882
_cell.length_c   142.501
_cell.angle_alpha   90.00
_cell.angle_beta   95.30
_cell.angle_gamma   90.00
#
_symmetry.space_group_name_H-M   'C 1 2 1'
#
loop_
_entity.id
_entity.type
_entity.pdbx_description
1 polymer 'E3 SUMO-protein ligase SIZ1,Ubiquitin-like protein SMT3'
2 polymer 'SUMO-conjugating enzyme UBC9'
3 polymer 'Ubiquitin-like protein SMT3'
4 polymer 'Proliferating cell nuclear antigen'
5 non-polymer 'ZINC ION'
6 non-polymer GLYCEROL
7 non-polymer ethane-1,2-dithiol
8 water water
#
loop_
_entity_poly.entity_id
_entity_poly.type
_entity_poly.pdbx_seq_one_letter_code
_entity_poly.pdbx_strand_id
1 'polypeptide(L)'
;SLSSSFAVPTIHFKESPFYKIQRLIPELVMNVEVTGGRGMCSAKFKLSKADYNLLSNPNSKHRLYLFSGMINPLGSRGNE
PIQFPFPNELRCNNVQIKDNIRGFKSKPGTAKPADLTPHLKPYTQQNNVELIYAFTTKEYKLFGYIVEMITPEQLLEKVL
QHPKIIKQATLLYLKKTLREDEEMGLTTTSTIMSLQDPISYTRMKYPSKSINCKHLQCFDALWFLHSQLQIPTWQCPVCQ
IDIALENLAISEFVDDILQNCQKNVEQVELTSDGKWTAILEDDDDKLRPETHINLKVSDGSSEIFFKIKKTTPLRRLMEA
FAKRQGKEMDSLRFLYDGIRIQADQTPEDLDMEDNDIIEAHREQIGG
;
A,E
2 'polypeptide(L)'
;GSHMSSLSLQRLQEERKKWRKDHPFGFYAKPVKKADGSMDLQKWEAGIPGKEGTNWAGGVYPITVEYPNEYPSKPPKVKF
PAGFYHPNVYPSGTICLSILNEDQDWRPAITLKQIVLGVQDLLDSPNPNSPKQEPAWRSFSRNKAEYDKKVLLQARQYSK
;
B,F
3 'polypeptide(L)'
;GSHMRPETHINLKVSDGSSEIFFKIKKTTPLRRLMEAFAKRQGKEMDSLRFLYDGIRIQADQTPEDLDMEDNDIIEAHRE
QIGG
;
C,G
4 'polypeptide(L)'
;MLEAKFEEASLFKRIIDGFKDCVQLVNFQCKEDGIIAQAVDDSRVLLVSLEIGVEAFQEYRCDHPVTLGMDLTSLSDILR
EGNNTDTLTLIADNTPDSIILLFEDTKKDDIAEYSLKLMDIDADFLGIEELQYDSTLSLPSSEFSKIVRDLSQLSDSINI
MITCETIKFVADGDIGSGSVIIKPFVDMEHPETSIKLEMDQPVDLTFGAKYLLDIIKGSSLSDRVGIRLSSEAPALFQFD
LKSGFLQFFLAPKFNDEE
;
D,H
#
# COMPACT_ATOMS: atom_id res chain seq x y z
N PRO A 9 -13.77 -25.17 10.17
CA PRO A 9 -13.44 -24.37 9.00
C PRO A 9 -14.25 -23.07 8.92
N THR A 10 -13.82 -22.06 9.66
CA THR A 10 -14.47 -20.76 9.66
C THR A 10 -13.68 -19.75 8.83
N ILE A 11 -14.39 -18.77 8.28
CA ILE A 11 -13.80 -17.75 7.41
C ILE A 11 -13.97 -16.39 8.07
N HIS A 12 -12.90 -15.61 8.10
CA HIS A 12 -12.91 -14.27 8.66
C HIS A 12 -13.06 -13.27 7.51
N PHE A 13 -14.20 -12.58 7.48
CA PHE A 13 -14.48 -11.60 6.45
C PHE A 13 -13.94 -10.23 6.85
N LYS A 14 -13.78 -9.37 5.86
CA LYS A 14 -13.34 -8.00 6.12
C LYS A 14 -14.45 -7.23 6.82
N GLU A 15 -14.12 -6.65 7.96
CA GLU A 15 -15.12 -5.94 8.76
C GLU A 15 -15.64 -4.71 8.02
N SER A 16 -16.83 -4.28 8.43
CA SER A 16 -17.48 -3.11 7.85
C SER A 16 -17.84 -2.14 8.96
N PRO A 17 -17.70 -0.83 8.72
CA PRO A 17 -18.11 0.15 9.73
C PRO A 17 -19.61 0.29 9.88
N PHE A 18 -20.40 -0.24 8.92
CA PHE A 18 -21.85 -0.14 8.99
C PHE A 18 -22.49 -1.26 9.79
N TYR A 19 -21.80 -2.38 9.99
CA TYR A 19 -22.33 -3.47 10.79
C TYR A 19 -21.17 -4.22 11.45
N LYS A 20 -21.36 -4.57 12.72
CA LYS A 20 -20.37 -5.34 13.46
C LYS A 20 -20.96 -6.72 13.78
N ILE A 21 -20.18 -7.76 13.48
CA ILE A 21 -20.66 -9.12 13.67
C ILE A 21 -20.76 -9.43 15.16
N GLN A 22 -21.88 -9.99 15.58
CA GLN A 22 -22.12 -10.29 16.99
C GLN A 22 -22.01 -11.79 17.25
N ARG A 23 -22.97 -12.56 16.76
CA ARG A 23 -23.08 -13.98 17.10
C ARG A 23 -23.41 -14.78 15.85
N LEU A 24 -22.90 -16.00 15.80
CA LEU A 24 -23.12 -16.90 14.68
C LEU A 24 -24.33 -17.79 14.94
N ILE A 25 -25.08 -18.06 13.87
CA ILE A 25 -26.13 -19.08 13.89
C ILE A 25 -25.49 -20.39 13.42
N PRO A 26 -25.20 -21.33 14.32
CA PRO A 26 -24.46 -22.53 13.91
C PRO A 26 -25.18 -23.37 12.87
N GLU A 27 -26.50 -23.46 12.96
CA GLU A 27 -27.26 -24.26 12.00
C GLU A 27 -27.29 -23.63 10.61
N LEU A 28 -27.08 -22.32 10.52
CA LEU A 28 -27.18 -21.60 9.25
C LEU A 28 -25.79 -21.53 8.60
N VAL A 29 -25.34 -22.70 8.14
CA VAL A 29 -24.07 -22.85 7.43
C VAL A 29 -24.27 -23.87 6.32
N MET A 30 -23.81 -23.55 5.12
CA MET A 30 -23.92 -24.47 3.99
C MET A 30 -22.73 -24.28 3.07
N ASN A 31 -22.44 -25.32 2.29
CA ASN A 31 -21.29 -25.35 1.42
C ASN A 31 -21.74 -25.42 -0.04
N VAL A 32 -20.95 -24.80 -0.91
CA VAL A 32 -21.18 -24.81 -2.35
C VAL A 32 -20.04 -25.57 -3.00
N GLU A 33 -20.37 -26.63 -3.72
CA GLU A 33 -19.38 -27.51 -4.33
C GLU A 33 -19.19 -27.17 -5.81
N VAL A 34 -18.01 -27.49 -6.33
CA VAL A 34 -17.71 -27.25 -7.73
C VAL A 34 -18.51 -28.21 -8.60
N THR A 35 -19.25 -27.66 -9.56
CA THR A 35 -20.05 -28.48 -10.47
C THR A 35 -20.25 -27.72 -11.77
N GLY A 36 -20.39 -28.48 -12.86
CA GLY A 36 -20.63 -27.89 -14.16
C GLY A 36 -22.10 -27.74 -14.47
N GLY A 37 -22.94 -28.44 -13.70
CA GLY A 37 -24.37 -28.39 -13.87
C GLY A 37 -25.06 -27.66 -12.74
N ARG A 38 -26.35 -27.95 -12.57
CA ARG A 38 -27.14 -27.30 -11.54
C ARG A 38 -26.73 -27.82 -10.15
N GLY A 39 -26.88 -26.96 -9.16
CA GLY A 39 -26.55 -27.33 -7.80
C GLY A 39 -27.41 -26.53 -6.83
N MET A 40 -27.62 -27.10 -5.64
CA MET A 40 -28.46 -26.46 -4.65
C MET A 40 -28.14 -27.02 -3.28
N CYS A 41 -28.04 -26.13 -2.29
CA CYS A 41 -27.81 -26.49 -0.90
C CYS A 41 -28.77 -25.72 -0.02
N SER A 42 -29.33 -26.40 0.98
CA SER A 42 -30.28 -25.79 1.89
C SER A 42 -29.75 -25.87 3.32
N ALA A 43 -30.36 -25.07 4.20
CA ALA A 43 -29.96 -25.03 5.60
C ALA A 43 -31.18 -24.64 6.43
N LYS A 44 -31.59 -25.51 7.34
CA LYS A 44 -32.72 -25.26 8.22
C LYS A 44 -32.22 -24.87 9.60
N PHE A 45 -32.75 -23.77 10.14
CA PHE A 45 -32.34 -23.28 11.44
C PHE A 45 -33.57 -22.75 12.18
N LYS A 46 -33.44 -22.72 13.51
CA LYS A 46 -34.51 -22.24 14.37
C LYS A 46 -33.94 -21.20 15.32
N LEU A 47 -34.69 -20.15 15.57
CA LEU A 47 -34.27 -19.06 16.44
C LEU A 47 -35.03 -19.09 17.76
N SER A 48 -34.35 -18.69 18.82
CA SER A 48 -34.99 -18.59 20.12
C SER A 48 -35.91 -17.38 20.16
N LYS A 49 -36.78 -17.34 21.18
CA LYS A 49 -37.65 -16.19 21.36
C LYS A 49 -36.85 -14.92 21.59
N ALA A 50 -35.70 -15.03 22.28
CA ALA A 50 -34.87 -13.86 22.53
C ALA A 50 -34.28 -13.31 21.24
N ASP A 51 -33.75 -14.21 20.39
CA ASP A 51 -33.16 -13.75 19.13
C ASP A 51 -34.23 -13.26 18.16
N TYR A 52 -35.39 -13.91 18.13
CA TYR A 52 -36.47 -13.46 17.27
C TYR A 52 -36.94 -12.06 17.66
N ASN A 53 -37.17 -11.85 18.95
CA ASN A 53 -37.55 -10.51 19.42
C ASN A 53 -36.42 -9.52 19.17
N LEU A 54 -35.16 -9.95 19.33
CA LEU A 54 -34.03 -9.08 19.08
C LEU A 54 -34.04 -8.56 17.64
N LEU A 55 -34.50 -9.40 16.69
CA LEU A 55 -34.52 -9.04 15.29
C LEU A 55 -35.86 -8.51 14.82
N SER A 56 -36.95 -8.77 15.54
CA SER A 56 -38.27 -8.38 15.09
C SER A 56 -38.86 -7.19 15.82
N ASN A 57 -38.32 -6.83 16.99
CA ASN A 57 -38.82 -5.67 17.69
C ASN A 57 -38.62 -4.42 16.84
N PRO A 58 -39.55 -3.47 16.85
CA PRO A 58 -39.42 -2.30 15.98
C PRO A 58 -38.22 -1.45 16.39
N ASN A 59 -37.64 -0.78 15.38
CA ASN A 59 -36.42 0.01 15.57
C ASN A 59 -35.29 -0.83 16.14
N SER A 60 -35.21 -2.09 15.70
CA SER A 60 -34.12 -2.96 16.11
C SER A 60 -32.88 -2.65 15.29
N LYS A 61 -31.74 -2.48 15.97
CA LYS A 61 -30.47 -2.22 15.30
C LYS A 61 -29.73 -3.52 14.98
N HIS A 62 -30.42 -4.64 14.95
CA HIS A 62 -29.81 -5.94 14.68
C HIS A 62 -30.49 -6.59 13.47
N ARG A 63 -29.69 -7.30 12.68
CA ARG A 63 -30.16 -8.02 11.51
C ARG A 63 -29.53 -9.40 11.48
N LEU A 64 -30.03 -10.24 10.58
CA LEU A 64 -29.48 -11.57 10.32
C LEU A 64 -28.92 -11.56 8.90
N TYR A 65 -27.62 -11.34 8.78
CA TYR A 65 -26.97 -11.28 7.47
C TYR A 65 -26.43 -12.64 7.06
N LEU A 66 -26.50 -12.92 5.76
CA LEU A 66 -25.99 -14.16 5.19
C LEU A 66 -24.70 -13.85 4.43
N PHE A 67 -23.58 -14.30 4.99
CA PHE A 67 -22.27 -14.08 4.39
C PHE A 67 -21.89 -15.24 3.47
N SER A 68 -21.01 -14.94 2.52
CA SER A 68 -20.53 -15.93 1.56
C SER A 68 -19.06 -15.66 1.28
N GLY A 69 -18.27 -16.72 1.27
CA GLY A 69 -16.84 -16.60 1.05
C GLY A 69 -16.35 -17.68 0.12
N MET A 70 -15.43 -17.30 -0.77
CA MET A 70 -14.84 -18.23 -1.71
C MET A 70 -13.69 -18.97 -1.04
N ILE A 71 -13.77 -20.30 -1.02
CA ILE A 71 -12.75 -21.10 -0.36
C ILE A 71 -11.48 -21.09 -1.18
N ASN A 72 -10.35 -20.87 -0.51
CA ASN A 72 -9.04 -20.85 -1.15
C ASN A 72 -8.24 -22.05 -0.69
N PRO A 73 -7.78 -22.91 -1.60
CA PRO A 73 -6.95 -24.07 -1.18
C PRO A 73 -5.65 -23.67 -0.50
N LEU A 74 -5.14 -22.46 -0.77
CA LEU A 74 -3.92 -21.97 -0.14
C LEU A 74 -4.15 -21.47 1.27
N GLY A 75 -5.37 -21.61 1.80
CA GLY A 75 -5.66 -21.11 3.13
C GLY A 75 -6.14 -19.68 3.13
N SER A 76 -7.05 -19.37 4.05
CA SER A 76 -7.60 -18.03 4.16
C SER A 76 -6.59 -17.12 4.84
N ARG A 77 -6.25 -16.02 4.18
CA ARG A 77 -5.33 -15.03 4.74
C ARG A 77 -6.03 -13.94 5.53
N GLY A 78 -7.31 -14.09 5.81
CA GLY A 78 -8.05 -13.13 6.60
C GLY A 78 -8.57 -11.98 5.76
N ASN A 79 -9.60 -11.32 6.30
CA ASN A 79 -10.26 -10.17 5.65
C ASN A 79 -10.73 -10.55 4.25
N GLU A 80 -11.42 -11.67 4.15
CA GLU A 80 -11.95 -12.12 2.88
C GLU A 80 -13.10 -11.22 2.42
N PRO A 81 -13.23 -11.00 1.12
CA PRO A 81 -14.40 -10.28 0.61
C PRO A 81 -15.61 -11.20 0.56
N ILE A 82 -16.76 -10.59 0.27
CA ILE A 82 -18.02 -11.30 0.13
C ILE A 82 -18.18 -11.70 -1.33
N GLN A 83 -18.28 -13.01 -1.58
CA GLN A 83 -18.38 -13.54 -2.94
C GLN A 83 -19.38 -14.69 -2.95
N PHE A 84 -20.49 -14.50 -3.65
CA PHE A 84 -21.50 -15.50 -3.94
C PHE A 84 -21.26 -16.10 -5.32
N PRO A 85 -21.68 -17.35 -5.56
CA PRO A 85 -21.61 -17.90 -6.92
C PRO A 85 -22.71 -17.32 -7.80
N PHE A 86 -22.35 -17.04 -9.04
CA PHE A 86 -23.32 -16.53 -10.02
C PHE A 86 -23.28 -17.34 -11.30
N PRO A 87 -24.45 -17.62 -11.89
CA PRO A 87 -25.79 -17.19 -11.44
C PRO A 87 -26.29 -17.97 -10.23
N ASN A 88 -27.28 -17.43 -9.53
CA ASN A 88 -27.83 -18.09 -8.36
C ASN A 88 -29.23 -17.57 -8.10
N GLU A 89 -29.95 -18.29 -7.24
CA GLU A 89 -31.24 -17.85 -6.73
C GLU A 89 -31.26 -18.11 -5.23
N LEU A 90 -31.19 -17.05 -4.44
CA LEU A 90 -31.24 -17.16 -2.99
C LEU A 90 -32.68 -17.12 -2.53
N ARG A 91 -33.05 -18.03 -1.63
CA ARG A 91 -34.40 -18.13 -1.13
C ARG A 91 -34.37 -18.33 0.38
N CYS A 92 -35.27 -17.63 1.07
CA CYS A 92 -35.43 -17.76 2.52
C CYS A 92 -36.90 -17.99 2.81
N ASN A 93 -37.25 -19.23 3.16
CA ASN A 93 -38.65 -19.64 3.36
C ASN A 93 -39.48 -19.36 2.11
N ASN A 94 -38.99 -19.86 0.97
CA ASN A 94 -39.61 -19.76 -0.34
C ASN A 94 -39.73 -18.31 -0.82
N VAL A 95 -39.08 -17.37 -0.15
CA VAL A 95 -39.07 -15.97 -0.57
C VAL A 95 -37.79 -15.71 -1.34
N GLN A 96 -37.91 -15.39 -2.62
CA GLN A 96 -36.76 -15.11 -3.45
C GLN A 96 -36.12 -13.79 -3.00
N ILE A 97 -34.89 -13.87 -2.49
CA ILE A 97 -34.19 -12.69 -2.00
C ILE A 97 -33.58 -11.95 -3.17
N LYS A 98 -34.03 -10.72 -3.39
CA LYS A 98 -33.57 -9.90 -4.51
C LYS A 98 -32.55 -8.85 -4.08
N ASP A 99 -31.81 -9.12 -3.00
CA ASP A 99 -30.79 -8.19 -2.55
C ASP A 99 -29.64 -8.13 -3.56
N ASN A 100 -28.78 -7.12 -3.37
CA ASN A 100 -27.63 -6.90 -4.26
C ASN A 100 -26.42 -7.55 -3.61
N ILE A 101 -26.24 -8.84 -3.87
CA ILE A 101 -25.09 -9.60 -3.37
C ILE A 101 -24.00 -9.72 -4.41
N ARG A 102 -24.11 -9.00 -5.54
CA ARG A 102 -23.14 -9.07 -6.62
C ARG A 102 -22.07 -7.99 -6.48
N GLY A 103 -22.49 -6.75 -6.24
CA GLY A 103 -21.54 -5.66 -6.18
C GLY A 103 -20.90 -5.40 -7.54
N PHE A 104 -19.62 -5.02 -7.50
CA PHE A 104 -18.84 -4.82 -8.71
C PHE A 104 -17.96 -6.04 -8.96
N LYS A 105 -17.92 -6.48 -10.22
CA LYS A 105 -17.16 -7.69 -10.55
C LYS A 105 -15.66 -7.43 -10.44
N SER A 106 -15.18 -6.33 -11.03
CA SER A 106 -13.75 -6.06 -11.06
C SER A 106 -13.20 -5.66 -9.69
N LYS A 107 -14.06 -5.28 -8.75
CA LYS A 107 -13.65 -4.84 -7.42
C LYS A 107 -14.18 -5.81 -6.38
N PRO A 108 -13.40 -6.82 -6.00
CA PRO A 108 -13.82 -7.71 -4.91
C PRO A 108 -13.91 -6.94 -3.60
N GLY A 109 -14.97 -7.21 -2.85
CA GLY A 109 -15.26 -6.49 -1.62
C GLY A 109 -16.37 -5.48 -1.73
N THR A 110 -16.98 -5.33 -2.90
CA THR A 110 -18.11 -4.44 -3.09
C THR A 110 -19.45 -5.15 -2.94
N ALA A 111 -19.45 -6.47 -2.72
CA ALA A 111 -20.69 -7.20 -2.51
C ALA A 111 -21.09 -7.13 -1.04
N LYS A 112 -22.36 -6.87 -0.79
CA LYS A 112 -22.91 -6.75 0.55
C LYS A 112 -23.59 -8.04 0.95
N PRO A 113 -23.72 -8.30 2.26
CA PRO A 113 -24.41 -9.51 2.70
C PRO A 113 -25.90 -9.45 2.38
N ALA A 114 -26.52 -10.63 2.39
CA ALA A 114 -27.95 -10.74 2.19
C ALA A 114 -28.69 -10.60 3.51
N ASP A 115 -29.82 -9.91 3.48
CA ASP A 115 -30.61 -9.64 4.68
C ASP A 115 -31.73 -10.67 4.77
N LEU A 116 -31.65 -11.56 5.75
CA LEU A 116 -32.67 -12.57 5.98
C LEU A 116 -33.74 -12.12 6.98
N THR A 117 -33.56 -10.96 7.61
CA THR A 117 -34.45 -10.55 8.70
C THR A 117 -35.92 -10.42 8.27
N PRO A 118 -36.27 -9.78 7.15
CA PRO A 118 -37.70 -9.60 6.84
C PRO A 118 -38.43 -10.90 6.53
N HIS A 119 -37.72 -12.01 6.30
CA HIS A 119 -38.34 -13.24 5.83
C HIS A 119 -38.32 -14.35 6.88
N LEU A 120 -38.12 -14.01 8.15
CA LEU A 120 -38.04 -15.00 9.20
C LEU A 120 -39.43 -15.43 9.66
N LYS A 121 -39.59 -16.73 9.88
CA LYS A 121 -40.79 -17.25 10.49
C LYS A 121 -40.75 -17.00 11.99
N PRO A 122 -41.91 -17.04 12.67
CA PRO A 122 -41.90 -16.91 14.13
C PRO A 122 -41.03 -17.97 14.78
N TYR A 123 -40.51 -17.63 15.97
CA TYR A 123 -39.53 -18.47 16.64
C TYR A 123 -40.04 -19.89 16.86
N THR A 124 -41.35 -20.10 16.92
CA THR A 124 -41.90 -21.43 17.10
C THR A 124 -41.73 -22.30 15.87
N GLN A 125 -41.59 -21.71 14.68
CA GLN A 125 -41.48 -22.45 13.44
C GLN A 125 -40.01 -22.54 13.00
N GLN A 126 -39.76 -23.45 12.07
CA GLN A 126 -38.42 -23.73 11.58
C GLN A 126 -38.19 -23.03 10.25
N ASN A 127 -37.13 -22.24 10.18
CA ASN A 127 -36.80 -21.52 8.95
C ASN A 127 -36.02 -22.42 8.00
N ASN A 128 -35.80 -21.91 6.79
CA ASN A 128 -35.11 -22.68 5.76
C ASN A 128 -34.55 -21.71 4.72
N VAL A 129 -33.24 -21.72 4.55
CA VAL A 129 -32.56 -20.92 3.54
C VAL A 129 -32.03 -21.86 2.46
N GLU A 130 -32.29 -21.50 1.20
CA GLU A 130 -31.91 -22.34 0.06
C GLU A 130 -31.13 -21.51 -0.95
N LEU A 131 -30.02 -22.06 -1.43
CA LEU A 131 -29.19 -21.40 -2.43
C LEU A 131 -29.05 -22.30 -3.64
N ILE A 132 -29.65 -21.91 -4.75
CA ILE A 132 -29.54 -22.63 -6.01
C ILE A 132 -28.40 -22.00 -6.81
N TYR A 133 -27.57 -22.82 -7.43
CA TYR A 133 -26.44 -22.34 -8.22
C TYR A 133 -26.23 -23.24 -9.43
N ALA A 134 -25.35 -22.81 -10.31
CA ALA A 134 -25.07 -23.55 -11.54
C ALA A 134 -23.73 -23.12 -12.10
N PHE A 135 -22.96 -24.10 -12.58
CA PHE A 135 -21.66 -23.88 -13.22
C PHE A 135 -20.73 -23.08 -12.31
N THR A 136 -20.31 -23.75 -11.24
CA THR A 136 -19.38 -23.18 -10.28
C THR A 136 -17.98 -23.71 -10.53
N THR A 137 -16.99 -22.82 -10.44
CA THR A 137 -15.59 -23.19 -10.60
C THR A 137 -14.84 -23.25 -9.28
N LYS A 138 -15.29 -22.50 -8.28
CA LYS A 138 -14.68 -22.50 -6.95
C LYS A 138 -15.69 -23.00 -5.94
N GLU A 139 -15.21 -23.29 -4.73
CA GLU A 139 -16.07 -23.68 -3.62
C GLU A 139 -16.37 -22.47 -2.74
N TYR A 140 -17.62 -22.35 -2.33
CA TYR A 140 -18.08 -21.23 -1.54
C TYR A 140 -18.60 -21.70 -0.19
N LYS A 141 -18.43 -20.86 0.83
CA LYS A 141 -18.84 -21.16 2.19
C LYS A 141 -19.80 -20.08 2.67
N LEU A 142 -20.98 -20.50 3.10
CA LEU A 142 -22.03 -19.58 3.52
C LEU A 142 -22.14 -19.55 5.04
N PHE A 143 -22.36 -18.36 5.59
CA PHE A 143 -22.50 -18.17 7.03
C PHE A 143 -23.69 -17.28 7.32
N GLY A 144 -24.26 -17.44 8.51
CA GLY A 144 -25.35 -16.60 8.96
C GLY A 144 -25.09 -15.98 10.31
N TYR A 145 -24.74 -14.70 10.34
CA TYR A 145 -24.39 -14.00 11.57
C TYR A 145 -25.46 -12.99 11.94
N ILE A 146 -25.54 -12.70 13.24
CA ILE A 146 -26.32 -11.58 13.74
C ILE A 146 -25.39 -10.39 13.86
N VAL A 147 -25.79 -9.26 13.27
CA VAL A 147 -24.96 -8.06 13.24
C VAL A 147 -25.70 -6.92 13.93
N GLU A 148 -24.94 -5.88 14.28
CA GLU A 148 -25.50 -4.66 14.84
C GLU A 148 -25.27 -3.52 13.86
N MET A 149 -26.35 -2.84 13.49
CA MET A 149 -26.27 -1.80 12.46
C MET A 149 -25.64 -0.53 12.99
N ILE A 150 -24.87 0.13 12.12
CA ILE A 150 -24.31 1.45 12.41
C ILE A 150 -24.72 2.37 11.27
N THR A 151 -25.45 3.44 11.60
CA THR A 151 -25.95 4.36 10.59
C THR A 151 -24.85 5.28 10.09
N PRO A 152 -25.00 5.80 8.86
CA PRO A 152 -24.01 6.78 8.37
C PRO A 152 -23.87 8.00 9.25
N GLU A 153 -24.95 8.41 9.93
CA GLU A 153 -24.86 9.55 10.83
C GLU A 153 -23.99 9.26 12.03
N GLN A 154 -23.96 8.01 12.49
CA GLN A 154 -23.09 7.64 13.59
C GLN A 154 -21.62 7.65 13.17
N LEU A 155 -21.35 7.24 11.93
CA LEU A 155 -19.97 7.30 11.43
C LEU A 155 -19.53 8.73 11.17
N LEU A 156 -20.47 9.61 10.78
CA LEU A 156 -20.12 11.01 10.57
C LEU A 156 -19.64 11.67 11.86
N GLU A 157 -20.20 11.27 13.00
CA GLU A 157 -19.80 11.85 14.27
C GLU A 157 -18.32 11.60 14.56
N LYS A 158 -17.79 10.45 14.13
CA LYS A 158 -16.38 10.18 14.30
C LYS A 158 -15.52 10.95 13.30
N VAL A 159 -16.05 11.23 12.11
CA VAL A 159 -15.28 11.99 11.12
C VAL A 159 -15.10 13.43 11.58
N LEU A 160 -16.12 14.00 12.22
CA LEU A 160 -16.01 15.36 12.73
C LEU A 160 -15.05 15.48 13.91
N GLN A 161 -14.83 14.38 14.63
CA GLN A 161 -13.83 14.37 15.69
C GLN A 161 -12.41 14.20 15.16
N HIS A 162 -12.26 13.64 13.96
CA HIS A 162 -10.94 13.46 13.39
C HIS A 162 -10.30 14.80 13.06
N PRO A 163 -8.96 14.87 13.01
CA PRO A 163 -8.32 16.13 12.68
C PRO A 163 -8.68 16.60 11.27
N LYS A 164 -8.86 17.90 11.12
CA LYS A 164 -9.28 18.49 9.86
C LYS A 164 -8.09 18.75 8.95
N ILE A 165 -8.39 18.94 7.67
CA ILE A 165 -7.42 19.44 6.71
C ILE A 165 -7.37 20.96 6.89
N ILE A 166 -6.32 21.45 7.54
CA ILE A 166 -6.30 22.85 7.96
C ILE A 166 -6.07 23.77 6.76
N LYS A 167 -6.40 25.04 6.96
CA LYS A 167 -6.24 26.04 5.90
C LYS A 167 -4.79 26.18 5.47
N GLN A 168 -3.85 25.93 6.39
CA GLN A 168 -2.44 26.00 6.04
C GLN A 168 -2.09 24.96 4.98
N ALA A 169 -2.70 23.77 5.05
CA ALA A 169 -2.39 22.72 4.09
C ALA A 169 -2.90 23.07 2.70
N THR A 170 -4.08 23.68 2.61
CA THR A 170 -4.63 24.05 1.31
C THR A 170 -3.89 25.23 0.70
N LEU A 171 -3.46 26.17 1.53
CA LEU A 171 -2.65 27.28 1.03
C LEU A 171 -1.31 26.79 0.49
N LEU A 172 -0.72 25.78 1.14
CA LEU A 172 0.51 25.19 0.64
C LEU A 172 0.28 24.46 -0.66
N TYR A 173 -0.85 23.76 -0.79
CA TYR A 173 -1.17 23.08 -2.04
C TYR A 173 -1.38 24.09 -3.17
N LEU A 174 -2.07 25.19 -2.88
CA LEU A 174 -2.29 26.21 -3.91
C LEU A 174 -0.98 26.86 -4.32
N LYS A 175 -0.07 27.09 -3.37
CA LYS A 175 1.23 27.66 -3.70
C LYS A 175 2.09 26.65 -4.45
N LYS A 176 2.00 25.37 -4.07
CA LYS A 176 2.78 24.35 -4.75
C LYS A 176 2.33 24.15 -6.19
N THR A 177 1.01 24.05 -6.41
CA THR A 177 0.51 23.84 -7.75
C THR A 177 0.65 25.09 -8.63
N LEU A 178 0.87 26.26 -8.02
CA LEU A 178 1.08 27.47 -8.81
C LEU A 178 2.48 27.53 -9.38
N ARG A 179 3.49 27.24 -8.55
CA ARG A 179 4.87 27.28 -9.03
C ARG A 179 5.15 26.16 -10.02
N GLU A 180 4.45 25.02 -9.89
CA GLU A 180 4.59 23.96 -10.88
C GLU A 180 4.06 24.40 -12.24
N ASP A 181 3.10 25.32 -12.27
CA ASP A 181 2.63 25.85 -13.54
C ASP A 181 3.62 26.85 -14.12
N GLU A 182 4.29 27.63 -13.26
CA GLU A 182 5.28 28.59 -13.73
C GLU A 182 6.45 27.87 -14.40
N GLU A 183 6.87 26.73 -13.83
CA GLU A 183 7.91 25.93 -14.44
C GLU A 183 7.48 25.37 -15.78
N MET A 184 6.19 25.06 -15.94
CA MET A 184 5.63 24.55 -17.18
C MET A 184 5.17 25.67 -18.12
N GLY A 185 5.54 26.91 -17.82
CA GLY A 185 5.13 28.04 -18.64
C GLY A 185 3.70 28.47 -18.50
N LEU A 186 2.96 27.90 -17.54
CA LEU A 186 1.57 28.23 -17.33
C LEU A 186 1.42 29.26 -16.22
N THR A 187 0.35 30.04 -16.30
CA THR A 187 0.02 31.04 -15.29
C THR A 187 -1.45 30.90 -14.94
N THR A 188 -1.72 30.40 -13.73
CA THR A 188 -3.09 30.20 -13.26
C THR A 188 -3.59 31.51 -12.65
N THR A 189 -4.48 32.20 -13.36
CA THR A 189 -4.96 33.50 -12.89
C THR A 189 -5.99 33.33 -11.79
N SER A 190 -6.94 32.43 -11.96
CA SER A 190 -7.97 32.19 -10.96
C SER A 190 -8.57 30.81 -11.17
N THR A 191 -9.27 30.33 -10.16
CA THR A 191 -9.92 29.03 -10.18
C THR A 191 -11.34 29.16 -9.64
N ILE A 192 -12.29 28.53 -10.34
CA ILE A 192 -13.69 28.54 -9.95
C ILE A 192 -14.01 27.17 -9.36
N MET A 193 -14.31 27.13 -8.07
CA MET A 193 -14.62 25.89 -7.36
C MET A 193 -16.11 25.80 -7.12
N SER A 194 -16.64 24.58 -7.19
CA SER A 194 -18.07 24.34 -6.97
C SER A 194 -18.32 23.98 -5.51
N LEU A 195 -19.36 24.60 -4.94
CA LEU A 195 -19.78 24.28 -3.58
C LEU A 195 -20.74 23.09 -3.54
N GLN A 196 -21.10 22.53 -4.69
CA GLN A 196 -22.04 21.43 -4.75
C GLN A 196 -21.32 20.09 -4.53
N ASP A 197 -22.02 19.18 -3.87
CA ASP A 197 -21.46 17.86 -3.58
C ASP A 197 -21.52 17.00 -4.85
N PRO A 198 -20.40 16.45 -5.32
CA PRO A 198 -20.45 15.64 -6.53
C PRO A 198 -21.26 14.36 -6.39
N ILE A 199 -21.58 13.95 -5.16
CA ILE A 199 -22.33 12.71 -4.95
C ILE A 199 -23.83 12.95 -4.99
N SER A 200 -24.31 13.97 -4.28
CA SER A 200 -25.74 14.26 -4.21
C SER A 200 -26.16 15.50 -4.99
N TYR A 201 -25.20 16.32 -5.42
CA TYR A 201 -25.48 17.57 -6.14
C TYR A 201 -26.34 18.51 -5.30
N THR A 202 -26.14 18.48 -3.98
CA THR A 202 -26.71 19.44 -3.06
C THR A 202 -25.60 20.31 -2.47
N ARG A 203 -26.00 21.38 -1.80
CA ARG A 203 -25.02 22.24 -1.16
C ARG A 203 -24.31 21.48 -0.06
N MET A 204 -22.98 21.47 -0.10
CA MET A 204 -22.20 20.72 0.87
C MET A 204 -22.39 21.30 2.27
N LYS A 205 -22.65 20.40 3.23
CA LYS A 205 -22.65 20.77 4.63
C LYS A 205 -21.37 20.36 5.35
N TYR A 206 -20.78 19.23 4.95
CA TYR A 206 -19.56 18.71 5.55
C TYR A 206 -18.54 18.46 4.44
N PRO A 207 -17.94 19.53 3.90
CA PRO A 207 -16.95 19.35 2.83
C PRO A 207 -15.74 18.60 3.32
N SER A 208 -15.42 17.50 2.64
CA SER A 208 -14.38 16.60 3.14
C SER A 208 -13.69 15.93 1.96
N LYS A 209 -12.57 15.27 2.28
CA LYS A 209 -11.82 14.44 1.35
C LYS A 209 -10.74 13.75 2.17
N SER A 210 -10.11 12.74 1.57
CA SER A 210 -9.02 12.05 2.25
C SER A 210 -7.82 12.97 2.37
N ILE A 211 -7.06 12.77 3.45
CA ILE A 211 -5.83 13.54 3.65
C ILE A 211 -4.78 13.23 2.60
N ASN A 212 -4.95 12.16 1.84
CA ASN A 212 -4.05 11.79 0.76
C ASN A 212 -4.56 12.20 -0.62
N CYS A 213 -5.63 13.00 -0.66
CA CYS A 213 -6.17 13.46 -1.93
C CYS A 213 -5.34 14.63 -2.45
N LYS A 214 -4.83 14.50 -3.68
CA LYS A 214 -4.03 15.55 -4.31
C LYS A 214 -4.86 16.41 -5.23
N HIS A 215 -5.98 16.92 -4.72
CA HIS A 215 -6.84 17.80 -5.51
C HIS A 215 -7.57 18.75 -4.56
N LEU A 216 -8.13 19.80 -5.15
CA LEU A 216 -8.80 20.85 -4.38
C LEU A 216 -10.28 20.57 -4.15
N GLN A 217 -10.91 19.82 -5.05
CA GLN A 217 -12.34 19.54 -4.94
C GLN A 217 -12.64 18.70 -3.70
N CYS A 218 -13.80 18.94 -3.11
CA CYS A 218 -14.24 18.23 -1.92
C CYS A 218 -15.60 17.58 -2.18
N PHE A 219 -15.98 16.68 -1.28
CA PHE A 219 -17.29 16.04 -1.31
C PHE A 219 -17.87 16.02 0.09
N ASP A 220 -19.18 15.86 0.17
CA ASP A 220 -19.86 15.83 1.45
C ASP A 220 -19.60 14.50 2.15
N ALA A 221 -19.10 14.57 3.40
CA ALA A 221 -18.77 13.35 4.13
C ALA A 221 -20.00 12.53 4.45
N LEU A 222 -21.12 13.19 4.77
CA LEU A 222 -22.33 12.45 5.14
C LEU A 222 -22.90 11.70 3.96
N TRP A 223 -22.99 12.35 2.79
CA TRP A 223 -23.49 11.68 1.60
C TRP A 223 -22.50 10.63 1.10
N PHE A 224 -21.21 10.83 1.35
CA PHE A 224 -20.22 9.81 0.99
C PHE A 224 -20.44 8.53 1.79
N LEU A 225 -20.77 8.67 3.07
CA LEU A 225 -21.08 7.50 3.88
C LEU A 225 -22.38 6.84 3.44
N HIS A 226 -23.31 7.64 2.88
CA HIS A 226 -24.52 7.05 2.29
C HIS A 226 -24.17 6.21 1.07
N SER A 227 -23.21 6.68 0.26
CA SER A 227 -22.83 5.93 -0.94
C SER A 227 -22.09 4.65 -0.60
N GLN A 228 -21.31 4.66 0.49
CA GLN A 228 -20.63 3.43 0.90
C GLN A 228 -21.63 2.39 1.42
N LEU A 229 -22.76 2.84 1.95
CA LEU A 229 -23.81 1.90 2.32
C LEU A 229 -24.47 1.29 1.09
N GLN A 230 -24.53 2.04 -0.01
CA GLN A 230 -24.99 1.50 -1.28
C GLN A 230 -24.02 0.45 -1.80
N ILE A 231 -22.82 0.89 -2.18
CA ILE A 231 -21.76 0.01 -2.64
C ILE A 231 -20.49 0.37 -1.88
N PRO A 232 -19.87 -0.59 -1.10
CA PRO A 232 -18.66 -0.27 -0.31
C PRO A 232 -17.39 -0.31 -1.16
N THR A 233 -17.22 0.69 -2.02
CA THR A 233 -16.00 0.80 -2.81
C THR A 233 -14.87 1.44 -2.02
N TRP A 234 -15.22 2.42 -1.17
CA TRP A 234 -14.25 3.14 -0.34
C TRP A 234 -13.15 3.77 -1.21
N GLN A 235 -13.58 4.53 -2.21
CA GLN A 235 -12.68 5.28 -3.07
C GLN A 235 -13.19 6.71 -3.19
N CYS A 236 -12.27 7.63 -3.41
CA CYS A 236 -12.63 9.03 -3.56
C CYS A 236 -13.50 9.22 -4.79
N PRO A 237 -14.65 9.89 -4.69
CA PRO A 237 -15.49 10.11 -5.88
C PRO A 237 -14.88 11.05 -6.90
N VAL A 238 -13.74 11.65 -6.61
CA VAL A 238 -13.08 12.60 -7.50
C VAL A 238 -11.84 11.99 -8.15
N CYS A 239 -10.94 11.43 -7.33
CA CYS A 239 -9.66 10.92 -7.82
C CYS A 239 -9.54 9.40 -7.74
N GLN A 240 -10.54 8.72 -7.18
CA GLN A 240 -10.65 7.26 -7.15
C GLN A 240 -9.57 6.57 -6.32
N ILE A 241 -8.79 7.32 -5.53
CA ILE A 241 -7.82 6.67 -4.66
C ILE A 241 -8.55 5.96 -3.53
N ASP A 242 -7.92 4.91 -2.99
CA ASP A 242 -8.52 4.20 -1.88
C ASP A 242 -8.59 5.09 -0.64
N ILE A 243 -9.71 5.02 0.06
CA ILE A 243 -9.97 5.86 1.22
C ILE A 243 -10.35 4.98 2.41
N ALA A 244 -9.67 5.19 3.53
CA ALA A 244 -10.07 4.59 4.79
C ALA A 244 -10.94 5.57 5.57
N LEU A 245 -11.86 5.03 6.36
CA LEU A 245 -12.80 5.87 7.09
C LEU A 245 -12.08 6.80 8.07
N GLU A 246 -10.97 6.36 8.64
CA GLU A 246 -10.23 7.19 9.59
C GLU A 246 -9.45 8.31 8.91
N ASN A 247 -9.20 8.21 7.60
CA ASN A 247 -8.46 9.23 6.87
C ASN A 247 -9.37 10.27 6.23
N LEU A 248 -10.68 10.17 6.41
CA LEU A 248 -11.60 11.17 5.91
C LEU A 248 -11.61 12.38 6.85
N ALA A 249 -11.35 13.57 6.31
CA ALA A 249 -11.18 14.76 7.12
C ALA A 249 -11.94 15.93 6.51
N ILE A 250 -12.49 16.78 7.38
CA ILE A 250 -13.18 17.99 6.94
C ILE A 250 -12.17 19.01 6.46
N SER A 251 -12.50 19.71 5.38
CA SER A 251 -11.64 20.77 4.83
C SER A 251 -11.98 22.08 5.53
N GLU A 252 -11.03 22.60 6.31
CA GLU A 252 -11.24 23.88 6.98
C GLU A 252 -11.39 25.02 5.98
N PHE A 253 -10.68 24.95 4.86
CA PHE A 253 -10.74 26.01 3.86
C PHE A 253 -12.12 26.08 3.20
N VAL A 254 -12.64 24.93 2.78
CA VAL A 254 -13.92 24.91 2.07
C VAL A 254 -15.08 25.15 3.03
N ASP A 255 -14.94 24.69 4.28
CA ASP A 255 -16.03 24.88 5.24
C ASP A 255 -16.22 26.35 5.58
N ASP A 256 -15.12 27.10 5.69
CA ASP A 256 -15.23 28.52 6.02
C ASP A 256 -15.91 29.29 4.90
N ILE A 257 -15.75 28.87 3.64
CA ILE A 257 -16.44 29.52 2.55
C ILE A 257 -17.95 29.33 2.68
N LEU A 258 -18.38 28.10 3.00
CA LEU A 258 -19.81 27.83 3.12
C LEU A 258 -20.44 28.57 4.29
N GLN A 259 -19.68 28.82 5.36
CA GLN A 259 -20.20 29.55 6.50
C GLN A 259 -20.30 31.05 6.23
N ASN A 260 -19.61 31.55 5.21
CA ASN A 260 -19.62 32.97 4.87
C ASN A 260 -20.12 33.20 3.45
N CYS A 261 -21.01 32.33 2.97
CA CYS A 261 -21.58 32.44 1.64
C CYS A 261 -23.10 32.33 1.74
N GLN A 262 -23.78 32.88 0.74
CA GLN A 262 -25.23 32.74 0.67
C GLN A 262 -25.59 31.35 0.14
N LYS A 263 -26.74 30.84 0.58
CA LYS A 263 -27.12 29.47 0.25
C LYS A 263 -27.42 29.28 -1.23
N ASN A 264 -27.69 30.36 -1.97
CA ASN A 264 -27.90 30.24 -3.41
C ASN A 264 -26.60 30.21 -4.20
N VAL A 265 -25.47 30.46 -3.56
CA VAL A 265 -24.18 30.49 -4.25
C VAL A 265 -23.73 29.06 -4.50
N GLU A 266 -23.63 28.69 -5.78
CA GLU A 266 -23.17 27.36 -6.17
C GLU A 266 -21.68 27.31 -6.49
N GLN A 267 -21.07 28.42 -6.86
CA GLN A 267 -19.66 28.45 -7.25
C GLN A 267 -18.98 29.66 -6.64
N VAL A 268 -17.68 29.52 -6.42
CA VAL A 268 -16.84 30.61 -5.92
C VAL A 268 -15.57 30.65 -6.75
N GLU A 269 -15.09 31.86 -7.04
CA GLU A 269 -13.84 32.06 -7.76
C GLU A 269 -12.77 32.51 -6.78
N LEU A 270 -11.63 31.82 -6.80
CA LEU A 270 -10.56 32.09 -5.86
C LEU A 270 -9.23 32.21 -6.59
N THR A 271 -8.31 32.95 -5.98
CA THR A 271 -6.96 33.12 -6.49
C THR A 271 -6.00 32.22 -5.71
N SER A 272 -4.73 32.25 -6.11
CA SER A 272 -3.73 31.37 -5.52
C SER A 272 -3.37 31.74 -4.08
N ASP A 273 -3.76 32.92 -3.61
CA ASP A 273 -3.43 33.34 -2.26
C ASP A 273 -4.43 32.86 -1.21
N GLY A 274 -5.58 32.36 -1.62
CA GLY A 274 -6.62 31.94 -0.71
C GLY A 274 -7.84 32.82 -0.69
N LYS A 275 -7.76 34.03 -1.25
CA LYS A 275 -8.91 34.91 -1.32
C LYS A 275 -9.93 34.35 -2.30
N TRP A 276 -11.20 34.63 -2.04
CA TRP A 276 -12.29 34.10 -2.85
C TRP A 276 -13.45 35.09 -2.86
N THR A 277 -14.20 35.07 -3.96
CA THR A 277 -15.42 35.86 -4.10
C THR A 277 -16.54 34.96 -4.61
N ALA A 278 -17.75 35.22 -4.13
CA ALA A 278 -18.90 34.41 -4.51
C ALA A 278 -19.41 34.81 -5.88
N ILE A 279 -19.75 33.81 -6.69
CA ILE A 279 -20.29 34.04 -8.02
C ILE A 279 -21.80 34.18 -7.93
N LEU A 280 -22.34 35.21 -8.57
CA LEU A 280 -23.77 35.46 -8.55
C LEU A 280 -24.37 35.32 -9.95
N ASP A 285 -34.10 41.32 -11.71
CA ASP A 285 -34.61 41.12 -13.06
C ASP A 285 -35.48 39.87 -13.14
N LYS A 286 -35.13 38.86 -12.34
CA LYS A 286 -35.89 37.63 -12.27
C LYS A 286 -37.07 37.69 -11.31
N LEU A 287 -37.18 38.77 -10.53
CA LEU A 287 -38.31 38.92 -9.62
C LEU A 287 -39.60 39.06 -10.41
N ARG A 288 -40.63 38.35 -9.99
CA ARG A 288 -41.88 38.25 -10.73
C ARG A 288 -43.03 38.17 -9.74
N PRO A 289 -44.25 38.44 -10.19
CA PRO A 289 -45.41 38.16 -9.34
C PRO A 289 -45.66 36.66 -9.22
N GLU A 290 -46.42 36.30 -8.19
CA GLU A 290 -46.72 34.89 -7.93
C GLU A 290 -47.70 34.29 -8.93
N THR A 291 -48.08 35.01 -9.98
CA THR A 291 -48.96 34.48 -11.01
C THR A 291 -48.24 34.25 -12.34
N HIS A 292 -47.00 34.70 -12.47
CA HIS A 292 -46.23 34.55 -13.70
C HIS A 292 -45.15 33.50 -13.51
N ILE A 293 -44.48 33.15 -14.61
CA ILE A 293 -43.47 32.10 -14.63
C ILE A 293 -42.34 32.53 -15.54
N ASN A 294 -41.11 32.25 -15.12
CA ASN A 294 -39.92 32.58 -15.90
C ASN A 294 -39.56 31.41 -16.80
N LEU A 295 -39.59 31.63 -18.11
CA LEU A 295 -39.27 30.61 -19.09
C LEU A 295 -38.08 31.07 -19.94
N LYS A 296 -37.48 30.11 -20.63
CA LYS A 296 -36.29 30.34 -21.45
C LYS A 296 -36.48 29.63 -22.78
N VAL A 297 -36.67 30.41 -23.85
CA VAL A 297 -36.85 29.88 -25.20
C VAL A 297 -35.51 29.93 -25.91
N SER A 298 -35.22 28.91 -26.72
CA SER A 298 -33.97 28.83 -27.45
C SER A 298 -34.18 28.13 -28.78
N ASP A 299 -33.36 28.49 -29.76
CA ASP A 299 -33.39 27.86 -31.08
C ASP A 299 -32.06 27.21 -31.44
N GLY A 300 -31.16 27.05 -30.48
CA GLY A 300 -29.84 26.52 -30.73
C GLY A 300 -28.76 27.57 -30.88
N SER A 301 -29.13 28.81 -31.19
CA SER A 301 -28.17 29.90 -31.33
C SER A 301 -28.45 31.03 -30.35
N SER A 302 -29.63 31.64 -30.43
CA SER A 302 -30.02 32.71 -29.53
C SER A 302 -31.09 32.21 -28.56
N GLU A 303 -31.17 32.84 -27.40
CA GLU A 303 -32.14 32.46 -26.37
C GLU A 303 -32.76 33.72 -25.76
N ILE A 304 -34.08 33.71 -25.65
CA ILE A 304 -34.85 34.81 -25.08
C ILE A 304 -35.52 34.33 -23.81
N PHE A 305 -35.47 35.15 -22.76
CA PHE A 305 -36.05 34.81 -21.47
C PHE A 305 -37.41 35.49 -21.35
N PHE A 306 -38.46 34.68 -21.27
CA PHE A 306 -39.83 35.18 -21.18
C PHE A 306 -40.30 35.19 -19.73
N LYS A 307 -41.39 35.93 -19.50
CA LYS A 307 -42.01 36.04 -18.18
C LYS A 307 -43.50 36.32 -18.42
N ILE A 308 -44.28 35.24 -18.58
CA ILE A 308 -45.69 35.35 -18.90
C ILE A 308 -46.50 34.73 -17.77
N LYS A 309 -47.81 35.00 -17.81
CA LYS A 309 -48.71 34.46 -16.80
C LYS A 309 -48.90 32.95 -16.99
N LYS A 310 -49.00 32.23 -15.88
CA LYS A 310 -49.18 30.78 -15.93
C LYS A 310 -50.50 30.39 -16.57
N THR A 311 -51.49 31.28 -16.56
CA THR A 311 -52.79 31.00 -17.15
C THR A 311 -52.87 31.40 -18.61
N THR A 312 -52.05 32.35 -19.05
CA THR A 312 -52.09 32.80 -20.44
C THR A 312 -51.53 31.70 -21.34
N PRO A 313 -52.19 31.42 -22.46
CA PRO A 313 -51.67 30.43 -23.41
C PRO A 313 -50.30 30.83 -23.94
N LEU A 314 -49.54 29.82 -24.38
CA LEU A 314 -48.21 30.02 -24.95
C LEU A 314 -48.25 30.55 -26.38
N ARG A 315 -49.43 30.88 -26.90
CA ARG A 315 -49.52 31.34 -28.28
C ARG A 315 -48.79 32.65 -28.48
N ARG A 316 -48.96 33.60 -27.56
CA ARG A 316 -48.27 34.88 -27.69
C ARG A 316 -46.79 34.79 -27.35
N LEU A 317 -46.37 33.75 -26.62
CA LEU A 317 -44.94 33.53 -26.42
C LEU A 317 -44.29 33.06 -27.72
N MET A 318 -44.97 32.19 -28.47
CA MET A 318 -44.43 31.72 -29.74
C MET A 318 -44.41 32.82 -30.79
N GLU A 319 -45.38 33.75 -30.72
CA GLU A 319 -45.40 34.87 -31.67
C GLU A 319 -44.26 35.84 -31.39
N ALA A 320 -44.07 36.21 -30.12
CA ALA A 320 -43.03 37.17 -29.76
C ALA A 320 -41.65 36.64 -30.07
N PHE A 321 -41.45 35.32 -29.98
CA PHE A 321 -40.15 34.75 -30.30
C PHE A 321 -39.92 34.66 -31.81
N ALA A 322 -40.95 34.24 -32.56
CA ALA A 322 -40.82 34.17 -34.01
C ALA A 322 -40.66 35.54 -34.63
N LYS A 323 -41.26 36.57 -34.02
CA LYS A 323 -41.15 37.92 -34.57
C LYS A 323 -39.74 38.47 -34.40
N ARG A 324 -39.11 38.23 -33.24
CA ARG A 324 -37.75 38.69 -33.02
C ARG A 324 -36.73 37.95 -33.87
N GLN A 325 -37.12 36.85 -34.52
CA GLN A 325 -36.23 36.13 -35.42
C GLN A 325 -36.54 36.39 -36.88
N GLY A 326 -37.49 37.28 -37.18
CA GLY A 326 -37.82 37.60 -38.56
C GLY A 326 -38.36 36.44 -39.36
N LYS A 327 -39.02 35.49 -38.71
CA LYS A 327 -39.54 34.31 -39.38
C LYS A 327 -40.99 34.11 -38.99
N GLU A 328 -41.76 33.52 -39.92
CA GLU A 328 -43.17 33.29 -39.68
C GLU A 328 -43.36 32.18 -38.64
N MET A 329 -44.44 32.31 -37.86
CA MET A 329 -44.73 31.32 -36.83
C MET A 329 -45.12 29.98 -37.43
N ASP A 330 -45.66 29.98 -38.64
CA ASP A 330 -46.06 28.73 -39.28
C ASP A 330 -44.87 27.84 -39.63
N SER A 331 -43.66 28.39 -39.65
CA SER A 331 -42.47 27.64 -40.00
C SER A 331 -41.67 27.19 -38.77
N LEU A 332 -42.11 27.54 -37.56
CA LEU A 332 -41.42 27.18 -36.34
C LEU A 332 -42.32 26.31 -35.48
N ARG A 333 -41.79 25.17 -35.04
CA ARG A 333 -42.45 24.31 -34.07
C ARG A 333 -41.71 24.41 -32.74
N PHE A 334 -42.47 24.42 -31.66
CA PHE A 334 -41.92 24.60 -30.31
C PHE A 334 -42.11 23.34 -29.50
N LEU A 335 -41.03 22.85 -28.91
CA LEU A 335 -41.02 21.59 -28.19
C LEU A 335 -40.73 21.82 -26.71
N TYR A 336 -41.49 21.14 -25.86
CA TYR A 336 -41.24 21.12 -24.41
C TYR A 336 -41.28 19.67 -23.96
N ASP A 337 -40.18 19.22 -23.34
CA ASP A 337 -40.03 17.82 -22.94
C ASP A 337 -40.18 16.89 -24.14
N GLY A 338 -39.75 17.36 -25.31
CA GLY A 338 -39.75 16.56 -26.51
C GLY A 338 -41.06 16.62 -27.27
N ILE A 339 -42.15 16.87 -26.56
CA ILE A 339 -43.48 16.92 -27.14
C ILE A 339 -43.74 18.31 -27.68
N ARG A 340 -44.33 18.38 -28.88
CA ARG A 340 -44.72 19.66 -29.45
C ARG A 340 -45.90 20.25 -28.67
N ILE A 341 -45.87 21.56 -28.47
CA ILE A 341 -46.85 22.27 -27.67
C ILE A 341 -47.80 23.02 -28.59
N GLN A 342 -49.09 23.01 -28.26
CA GLN A 342 -50.09 23.71 -29.04
C GLN A 342 -50.25 25.14 -28.53
N ALA A 343 -50.84 25.99 -29.38
CA ALA A 343 -50.96 27.41 -29.05
C ALA A 343 -51.95 27.63 -27.92
N ASP A 344 -53.01 26.83 -27.87
CA ASP A 344 -54.06 27.01 -26.86
C ASP A 344 -53.67 26.48 -25.48
N GLN A 345 -52.48 25.90 -25.33
CA GLN A 345 -52.06 25.33 -24.07
C GLN A 345 -51.25 26.35 -23.27
N THR A 346 -51.55 26.44 -21.97
CA THR A 346 -50.89 27.34 -21.03
C THR A 346 -49.81 26.59 -20.27
N PRO A 347 -48.81 27.31 -19.74
CA PRO A 347 -47.79 26.65 -18.91
C PRO A 347 -48.35 25.80 -17.78
N GLU A 348 -49.56 26.10 -17.30
CA GLU A 348 -50.16 25.27 -16.26
C GLU A 348 -50.56 23.90 -16.80
N ASP A 349 -50.97 23.84 -18.07
CA ASP A 349 -51.36 22.55 -18.65
C ASP A 349 -50.16 21.62 -18.77
N LEU A 350 -48.98 22.17 -19.06
CA LEU A 350 -47.79 21.38 -19.30
C LEU A 350 -46.92 21.23 -18.05
N ASP A 351 -47.39 21.70 -16.90
CA ASP A 351 -46.68 21.55 -15.63
C ASP A 351 -45.28 22.16 -15.70
N MET A 352 -45.20 23.38 -16.21
CA MET A 352 -43.93 24.06 -16.31
C MET A 352 -43.57 24.74 -14.99
N GLU A 353 -42.28 24.93 -14.79
CA GLU A 353 -41.75 25.64 -13.62
C GLU A 353 -40.82 26.74 -14.10
N ASP A 354 -40.33 27.53 -13.15
CA ASP A 354 -39.41 28.61 -13.50
C ASP A 354 -38.13 28.06 -14.09
N ASN A 355 -37.55 28.82 -15.01
CA ASN A 355 -36.32 28.49 -15.72
C ASN A 355 -36.45 27.25 -16.59
N ASP A 356 -37.68 26.87 -16.97
CA ASP A 356 -37.86 25.79 -17.93
C ASP A 356 -37.40 26.23 -19.31
N ILE A 357 -37.22 25.25 -20.19
CA ILE A 357 -36.66 25.48 -21.52
C ILE A 357 -37.69 25.08 -22.57
N ILE A 358 -37.94 25.98 -23.52
CA ILE A 358 -38.77 25.71 -24.69
C ILE A 358 -37.88 25.84 -25.92
N GLU A 359 -37.76 24.76 -26.69
CA GLU A 359 -36.92 24.74 -27.87
C GLU A 359 -37.73 25.06 -29.11
N ALA A 360 -37.11 25.79 -30.04
CA ALA A 360 -37.74 26.18 -31.30
C ALA A 360 -36.96 25.60 -32.45
N HIS A 361 -37.66 24.97 -33.39
CA HIS A 361 -37.04 24.38 -34.57
C HIS A 361 -37.82 24.79 -35.81
N ARG A 362 -37.13 24.77 -36.94
CA ARG A 362 -37.76 25.07 -38.22
C ARG A 362 -38.51 23.85 -38.74
N GLU A 363 -39.06 23.97 -39.95
CA GLU A 363 -39.77 22.86 -40.57
C GLU A 363 -38.96 22.28 -41.74
N HIS B 3 -40.31 2.67 -1.43
CA HIS B 3 -39.06 2.04 -1.01
C HIS B 3 -37.89 2.56 -1.84
N MET B 4 -37.35 3.70 -1.44
CA MET B 4 -36.23 4.32 -2.13
C MET B 4 -35.31 4.94 -1.09
N SER B 5 -34.00 4.79 -1.29
CA SER B 5 -33.04 5.29 -0.33
C SER B 5 -33.00 6.83 -0.36
N SER B 6 -32.39 7.39 0.69
CA SER B 6 -32.35 8.85 0.81
C SER B 6 -31.41 9.46 -0.23
N LEU B 7 -30.31 8.79 -0.54
CA LEU B 7 -29.37 9.35 -1.51
C LEU B 7 -29.89 9.23 -2.93
N SER B 8 -30.52 8.10 -3.26
CA SER B 8 -31.06 7.90 -4.61
C SER B 8 -32.12 8.95 -4.93
N LEU B 9 -33.05 9.17 -4.00
CA LEU B 9 -34.11 10.15 -4.22
C LEU B 9 -33.54 11.55 -4.33
N GLN B 10 -32.62 11.90 -3.42
CA GLN B 10 -32.05 13.25 -3.43
C GLN B 10 -31.25 13.51 -4.71
N ARG B 11 -30.44 12.53 -5.11
CA ARG B 11 -29.64 12.70 -6.32
C ARG B 11 -30.51 12.76 -7.57
N LEU B 12 -31.53 11.91 -7.64
CA LEU B 12 -32.42 11.93 -8.80
C LEU B 12 -33.23 13.23 -8.85
N GLN B 13 -33.60 13.77 -7.69
CA GLN B 13 -34.30 15.05 -7.68
C GLN B 13 -33.40 16.19 -8.13
N GLU B 14 -32.10 16.11 -7.81
CA GLU B 14 -31.18 17.14 -8.27
C GLU B 14 -30.87 16.97 -9.76
N GLU B 15 -30.78 15.73 -10.23
CA GLU B 15 -30.52 15.48 -11.65
C GLU B 15 -31.64 16.05 -12.51
N ARG B 16 -32.89 15.90 -12.07
CA ARG B 16 -34.01 16.48 -12.81
C ARG B 16 -34.02 17.99 -12.69
N LYS B 17 -33.58 18.53 -11.56
CA LYS B 17 -33.52 19.98 -11.40
C LYS B 17 -32.49 20.61 -12.33
N LYS B 18 -31.34 19.94 -12.51
CA LYS B 18 -30.31 20.46 -13.40
C LYS B 18 -30.74 20.34 -14.85
N TRP B 19 -31.29 19.19 -15.24
CA TRP B 19 -31.69 19.00 -16.63
C TRP B 19 -32.84 19.92 -17.03
N ARG B 20 -33.70 20.27 -16.08
CA ARG B 20 -34.84 21.14 -16.39
C ARG B 20 -34.39 22.49 -16.93
N LYS B 21 -33.31 23.04 -16.35
CA LYS B 21 -32.89 24.41 -16.65
C LYS B 21 -31.67 24.50 -17.55
N ASP B 22 -30.95 23.40 -17.78
CA ASP B 22 -29.74 23.46 -18.59
C ASP B 22 -29.48 22.06 -19.17
N HIS B 23 -29.93 21.84 -20.40
CA HIS B 23 -29.65 20.61 -21.13
C HIS B 23 -29.31 20.97 -22.57
N PRO B 24 -28.50 20.15 -23.23
CA PRO B 24 -28.07 20.48 -24.60
C PRO B 24 -29.26 20.55 -25.55
N PHE B 25 -29.12 21.38 -26.58
CA PHE B 25 -30.20 21.62 -27.53
C PHE B 25 -30.50 20.34 -28.32
N GLY B 26 -31.77 20.16 -28.65
CA GLY B 26 -32.23 18.98 -29.36
C GLY B 26 -32.48 17.78 -28.48
N PHE B 27 -31.91 17.74 -27.28
CA PHE B 27 -32.10 16.62 -26.37
C PHE B 27 -33.36 16.84 -25.54
N TYR B 28 -33.94 15.73 -25.08
CA TYR B 28 -35.02 15.77 -24.11
C TYR B 28 -34.88 14.56 -23.19
N ALA B 29 -35.35 14.71 -21.96
CA ALA B 29 -35.27 13.64 -20.97
C ALA B 29 -36.27 13.93 -19.86
N LYS B 30 -37.20 13.02 -19.62
CA LYS B 30 -38.20 13.20 -18.58
C LYS B 30 -38.53 11.86 -17.96
N PRO B 31 -38.79 11.83 -16.65
CA PRO B 31 -39.16 10.55 -16.01
C PRO B 31 -40.49 10.04 -16.56
N VAL B 32 -40.57 8.72 -16.73
CA VAL B 32 -41.78 8.09 -17.23
C VAL B 32 -42.85 8.13 -16.14
N LYS B 33 -44.09 7.83 -16.50
CA LYS B 33 -45.20 7.84 -15.57
C LYS B 33 -45.56 6.43 -15.14
N LYS B 34 -46.01 6.30 -13.89
CA LYS B 34 -46.46 5.02 -13.36
C LYS B 34 -47.90 4.78 -13.79
N ALA B 35 -48.51 3.73 -13.23
CA ALA B 35 -49.91 3.46 -13.54
C ALA B 35 -50.84 4.49 -12.94
N ASP B 36 -50.49 5.05 -11.79
CA ASP B 36 -51.30 6.07 -11.13
C ASP B 36 -50.99 7.49 -11.62
N GLY B 37 -50.11 7.63 -12.62
CA GLY B 37 -49.80 8.92 -13.19
C GLY B 37 -48.59 9.61 -12.60
N SER B 38 -48.15 9.21 -11.41
CA SER B 38 -46.99 9.85 -10.80
C SER B 38 -45.72 9.48 -11.55
N MET B 39 -44.69 10.32 -11.37
CA MET B 39 -43.44 10.13 -12.09
C MET B 39 -42.58 9.06 -11.43
N ASP B 40 -41.86 8.31 -12.26
CA ASP B 40 -40.91 7.30 -11.83
C ASP B 40 -39.51 7.86 -12.05
N LEU B 41 -38.89 8.36 -10.99
CA LEU B 41 -37.57 8.99 -11.11
C LEU B 41 -36.47 7.99 -11.43
N GLN B 42 -36.74 6.69 -11.37
CA GLN B 42 -35.75 5.65 -11.66
C GLN B 42 -35.88 5.10 -13.07
N LYS B 43 -36.75 5.67 -13.89
CA LYS B 43 -36.89 5.24 -15.28
C LYS B 43 -37.29 6.45 -16.11
N TRP B 44 -36.43 6.86 -17.03
CA TRP B 44 -36.63 8.06 -17.83
C TRP B 44 -36.74 7.71 -19.30
N GLU B 45 -37.50 8.55 -20.03
CA GLU B 45 -37.51 8.53 -21.48
C GLU B 45 -36.67 9.71 -21.97
N ALA B 46 -35.77 9.44 -22.93
CA ALA B 46 -34.89 10.47 -23.44
C ALA B 46 -34.80 10.36 -24.95
N GLY B 47 -34.25 11.40 -25.57
CA GLY B 47 -34.08 11.43 -27.01
C GLY B 47 -32.74 12.02 -27.41
N ILE B 48 -32.00 11.30 -28.26
CA ILE B 48 -30.66 11.69 -28.67
C ILE B 48 -30.73 12.19 -30.11
N PRO B 49 -30.51 13.47 -30.37
CA PRO B 49 -30.46 13.95 -31.75
C PRO B 49 -29.09 13.70 -32.37
N GLY B 50 -29.09 13.34 -33.65
CA GLY B 50 -27.85 13.12 -34.36
C GLY B 50 -27.13 14.42 -34.64
N LYS B 51 -25.79 14.36 -34.61
CA LYS B 51 -24.98 15.53 -34.89
C LYS B 51 -25.19 16.00 -36.33
N GLU B 52 -25.13 17.31 -36.52
CA GLU B 52 -25.27 17.88 -37.85
C GLU B 52 -24.06 17.53 -38.71
N GLY B 53 -24.32 17.32 -40.00
CA GLY B 53 -23.30 16.93 -40.96
C GLY B 53 -23.14 15.43 -41.11
N THR B 54 -23.31 14.69 -40.02
CA THR B 54 -23.23 13.24 -40.06
C THR B 54 -24.50 12.66 -40.66
N ASN B 55 -24.45 11.34 -40.94
CA ASN B 55 -25.63 10.67 -41.48
C ASN B 55 -26.76 10.63 -40.47
N TRP B 56 -26.44 10.67 -39.18
CA TRP B 56 -27.46 10.62 -38.12
C TRP B 56 -28.22 11.93 -37.96
N ALA B 57 -27.88 12.97 -38.74
CA ALA B 57 -28.53 14.27 -38.58
C ALA B 57 -30.01 14.19 -38.93
N GLY B 58 -30.78 15.09 -38.34
CA GLY B 58 -32.20 15.17 -38.59
C GLY B 58 -33.05 14.22 -37.78
N GLY B 59 -32.47 13.19 -37.19
CA GLY B 59 -33.21 12.18 -36.44
C GLY B 59 -32.97 12.33 -34.94
N VAL B 60 -34.03 12.13 -34.17
CA VAL B 60 -33.97 12.11 -32.71
C VAL B 60 -34.30 10.70 -32.26
N TYR B 61 -33.33 10.02 -31.67
CA TYR B 61 -33.45 8.60 -31.39
C TYR B 61 -33.77 8.40 -29.91
N PRO B 62 -34.86 7.71 -29.59
CA PRO B 62 -35.26 7.56 -28.18
C PRO B 62 -34.48 6.48 -27.46
N ILE B 63 -34.27 6.69 -26.16
CA ILE B 63 -33.59 5.74 -25.30
C ILE B 63 -34.34 5.66 -23.97
N THR B 64 -33.98 4.67 -23.17
CA THR B 64 -34.52 4.50 -21.83
C THR B 64 -33.37 4.53 -20.82
N VAL B 65 -33.53 5.32 -19.77
CA VAL B 65 -32.52 5.44 -18.71
C VAL B 65 -33.12 4.87 -17.43
N GLU B 66 -32.64 3.70 -17.02
CA GLU B 66 -33.13 3.04 -15.81
C GLU B 66 -32.09 3.20 -14.72
N TYR B 67 -32.46 3.92 -13.66
CA TYR B 67 -31.56 4.14 -12.52
C TYR B 67 -31.75 3.02 -11.51
N PRO B 68 -30.70 2.28 -11.15
CA PRO B 68 -30.86 1.21 -10.16
C PRO B 68 -31.04 1.72 -8.74
N ASN B 69 -31.25 0.81 -7.79
CA ASN B 69 -31.44 1.22 -6.40
C ASN B 69 -30.17 1.80 -5.81
N GLU B 70 -29.00 1.37 -6.29
CA GLU B 70 -27.73 1.81 -5.74
C GLU B 70 -27.23 3.11 -6.36
N TYR B 71 -27.98 3.70 -7.29
CA TYR B 71 -27.62 4.98 -7.89
C TYR B 71 -27.46 6.04 -6.81
N PRO B 72 -26.41 6.89 -6.91
CA PRO B 72 -25.43 6.96 -8.00
C PRO B 72 -24.17 6.12 -7.82
N SER B 73 -24.16 5.20 -6.84
CA SER B 73 -23.01 4.33 -6.71
C SER B 73 -22.89 3.36 -7.88
N LYS B 74 -24.03 2.94 -8.44
CA LYS B 74 -24.07 2.14 -9.65
C LYS B 74 -24.53 2.99 -10.83
N PRO B 75 -23.99 2.77 -12.03
CA PRO B 75 -24.40 3.56 -13.19
C PRO B 75 -25.79 3.19 -13.64
N PRO B 76 -26.48 4.09 -14.33
CA PRO B 76 -27.77 3.74 -14.93
C PRO B 76 -27.58 2.91 -16.20
N LYS B 77 -28.69 2.35 -16.67
CA LYS B 77 -28.69 1.50 -17.85
C LYS B 77 -29.42 2.20 -18.98
N VAL B 78 -28.78 2.27 -20.15
CA VAL B 78 -29.33 2.91 -21.34
C VAL B 78 -29.68 1.84 -22.35
N LYS B 79 -30.81 2.02 -23.05
CA LYS B 79 -31.31 1.00 -23.97
C LYS B 79 -32.05 1.67 -25.11
N PHE B 80 -31.60 1.42 -26.34
CA PHE B 80 -32.34 1.82 -27.53
C PHE B 80 -33.50 0.86 -27.76
N PRO B 81 -34.42 1.19 -28.66
CA PRO B 81 -35.43 0.21 -29.06
C PRO B 81 -34.79 -1.02 -29.66
N ALA B 82 -35.41 -2.18 -29.43
CA ALA B 82 -34.88 -3.43 -29.93
C ALA B 82 -34.83 -3.42 -31.45
N GLY B 83 -33.67 -3.76 -32.00
CA GLY B 83 -33.45 -3.69 -33.43
C GLY B 83 -32.83 -2.41 -33.93
N PHE B 84 -32.37 -1.54 -33.02
CA PHE B 84 -31.73 -0.30 -33.43
C PHE B 84 -30.44 -0.60 -34.18
N TYR B 85 -30.22 0.11 -35.27
CA TYR B 85 -29.13 -0.21 -36.20
C TYR B 85 -27.88 0.56 -35.78
N HIS B 86 -26.96 -0.12 -35.10
CA HIS B 86 -25.65 0.40 -34.74
C HIS B 86 -24.74 -0.76 -34.34
N PRO B 87 -23.47 -0.74 -34.74
CA PRO B 87 -22.59 -1.90 -34.49
C PRO B 87 -22.44 -2.25 -33.02
N ASN B 88 -22.42 -1.26 -32.13
CA ASN B 88 -22.19 -1.49 -30.71
C ASN B 88 -23.49 -1.56 -29.91
N VAL B 89 -24.63 -1.76 -30.57
CA VAL B 89 -25.92 -1.87 -29.91
C VAL B 89 -26.40 -3.32 -30.01
N TYR B 90 -26.73 -3.90 -28.85
CA TYR B 90 -27.22 -5.27 -28.81
C TYR B 90 -28.52 -5.39 -29.60
N PRO B 91 -28.87 -6.61 -30.03
CA PRO B 91 -30.16 -6.79 -30.71
C PRO B 91 -31.36 -6.43 -29.85
N SER B 92 -31.20 -6.43 -28.52
CA SER B 92 -32.26 -6.00 -27.62
C SER B 92 -32.33 -4.49 -27.46
N GLY B 93 -31.29 -3.76 -27.87
CA GLY B 93 -31.25 -2.31 -27.73
C GLY B 93 -30.29 -1.81 -26.68
N THR B 94 -29.64 -2.70 -25.94
CA THR B 94 -28.72 -2.29 -24.88
C THR B 94 -27.41 -1.79 -25.46
N ILE B 95 -26.82 -0.80 -24.79
CA ILE B 95 -25.50 -0.30 -25.13
C ILE B 95 -24.57 -0.54 -23.94
N CYS B 96 -23.29 -0.25 -24.13
CA CYS B 96 -22.30 -0.40 -23.06
C CYS B 96 -21.21 0.65 -23.30
N LEU B 97 -21.36 1.80 -22.64
CA LEU B 97 -20.33 2.82 -22.64
C LEU B 97 -19.41 2.61 -21.44
N SER B 98 -18.14 3.02 -21.60
CA SER B 98 -17.19 2.86 -20.51
C SER B 98 -17.56 3.72 -19.31
N ILE B 99 -18.19 4.88 -19.54
CA ILE B 99 -18.64 5.71 -18.43
C ILE B 99 -19.89 5.18 -17.76
N LEU B 100 -20.60 4.24 -18.39
CA LEU B 100 -21.77 3.60 -17.80
C LEU B 100 -21.46 2.18 -17.31
N ASN B 101 -20.19 1.83 -17.19
CA ASN B 101 -19.75 0.52 -16.73
C ASN B 101 -19.18 0.66 -15.33
N GLU B 102 -19.77 -0.07 -14.37
CA GLU B 102 -19.31 0.02 -12.99
C GLU B 102 -17.89 -0.50 -12.84
N ASP B 103 -17.45 -1.41 -13.71
CA ASP B 103 -16.11 -1.96 -13.67
C ASP B 103 -15.11 -1.11 -14.44
N GLN B 104 -15.54 0.01 -15.03
CA GLN B 104 -14.64 0.83 -15.84
C GLN B 104 -14.65 2.28 -15.40
N ASP B 105 -15.22 3.17 -16.22
CA ASP B 105 -15.06 4.60 -16.05
C ASP B 105 -16.34 5.28 -15.52
N TRP B 106 -17.12 4.57 -14.70
CA TRP B 106 -18.29 5.17 -14.09
C TRP B 106 -17.89 5.87 -12.79
N ARG B 107 -18.30 7.13 -12.67
CA ARG B 107 -18.07 7.92 -11.47
C ARG B 107 -19.40 8.49 -10.98
N PRO B 108 -19.60 8.56 -9.67
CA PRO B 108 -20.89 9.05 -9.15
C PRO B 108 -21.19 10.49 -9.55
N ALA B 109 -20.19 11.26 -9.95
CA ALA B 109 -20.38 12.66 -10.32
C ALA B 109 -20.80 12.85 -11.76
N ILE B 110 -21.04 11.76 -12.51
CA ILE B 110 -21.45 11.86 -13.90
C ILE B 110 -22.92 12.27 -13.96
N THR B 111 -23.20 13.34 -14.70
CA THR B 111 -24.56 13.85 -14.82
C THR B 111 -25.26 13.25 -16.03
N LEU B 112 -26.58 13.48 -16.09
CA LEU B 112 -27.35 13.04 -17.26
C LEU B 112 -26.89 13.78 -18.52
N LYS B 113 -26.46 15.03 -18.38
CA LYS B 113 -25.95 15.77 -19.54
C LYS B 113 -24.75 15.07 -20.14
N GLN B 114 -23.82 14.61 -19.30
CA GLN B 114 -22.64 13.90 -19.80
C GLN B 114 -23.02 12.54 -20.38
N ILE B 115 -24.08 11.92 -19.87
CA ILE B 115 -24.47 10.61 -20.37
C ILE B 115 -25.07 10.71 -21.76
N VAL B 116 -26.03 11.63 -21.95
CA VAL B 116 -26.68 11.76 -23.25
C VAL B 116 -25.70 12.25 -24.30
N LEU B 117 -24.69 13.04 -23.90
CA LEU B 117 -23.66 13.42 -24.84
C LEU B 117 -22.75 12.25 -25.18
N GLY B 118 -22.55 11.32 -24.24
CA GLY B 118 -21.75 10.15 -24.53
C GLY B 118 -22.44 9.18 -25.46
N VAL B 119 -23.76 9.03 -25.31
CA VAL B 119 -24.52 8.17 -26.21
C VAL B 119 -24.54 8.77 -27.61
N GLN B 120 -24.56 10.10 -27.72
CA GLN B 120 -24.56 10.73 -29.03
C GLN B 120 -23.23 10.52 -29.75
N ASP B 121 -22.12 10.62 -29.02
CA ASP B 121 -20.81 10.46 -29.64
C ASP B 121 -20.55 9.04 -30.11
N LEU B 122 -21.30 8.06 -29.59
CA LEU B 122 -21.14 6.69 -30.03
C LEU B 122 -21.82 6.40 -31.36
N LEU B 123 -22.84 7.19 -31.73
CA LEU B 123 -23.59 6.93 -32.95
C LEU B 123 -22.69 7.01 -34.18
N ASP B 124 -21.96 8.12 -34.33
CA ASP B 124 -21.12 8.34 -35.49
C ASP B 124 -19.66 7.96 -35.24
N SER B 125 -19.40 7.14 -34.21
CA SER B 125 -18.05 6.67 -33.90
C SER B 125 -18.13 5.29 -33.27
N PRO B 126 -18.40 4.26 -34.07
CA PRO B 126 -18.46 2.90 -33.52
C PRO B 126 -17.07 2.37 -33.20
N ASN B 127 -17.04 1.30 -32.41
CA ASN B 127 -15.80 0.63 -32.03
C ASN B 127 -15.74 -0.74 -32.69
N PRO B 128 -14.89 -0.94 -33.70
CA PRO B 128 -14.84 -2.25 -34.36
C PRO B 128 -14.28 -3.36 -33.48
N ASN B 129 -13.59 -3.02 -32.38
CA ASN B 129 -12.98 -4.04 -31.54
C ASN B 129 -13.99 -4.83 -30.72
N SER B 130 -15.25 -4.39 -30.66
CA SER B 130 -16.24 -5.13 -29.90
C SER B 130 -17.64 -4.84 -30.41
N PRO B 131 -18.07 -5.44 -31.51
CA PRO B 131 -19.45 -5.25 -31.97
C PRO B 131 -20.43 -6.04 -31.12
N LYS B 132 -21.67 -5.56 -31.07
CA LYS B 132 -22.69 -6.17 -30.24
C LYS B 132 -23.84 -6.79 -31.03
N GLN B 133 -23.96 -6.49 -32.32
CA GLN B 133 -24.97 -7.11 -33.18
C GLN B 133 -24.30 -7.56 -34.47
N GLU B 134 -25.10 -8.18 -35.34
CA GLU B 134 -24.59 -8.72 -36.59
C GLU B 134 -25.00 -7.89 -37.81
N PRO B 135 -26.27 -7.48 -37.94
CA PRO B 135 -26.65 -6.70 -39.14
C PRO B 135 -25.83 -5.44 -39.34
N ALA B 136 -25.54 -4.70 -38.27
CA ALA B 136 -24.77 -3.47 -38.38
C ALA B 136 -23.26 -3.72 -38.41
N TRP B 137 -22.80 -4.83 -37.82
CA TRP B 137 -21.37 -5.13 -37.85
C TRP B 137 -20.92 -5.63 -39.21
N ARG B 138 -21.77 -6.40 -39.90
CA ARG B 138 -21.42 -6.86 -41.23
C ARG B 138 -21.24 -5.69 -42.19
N SER B 139 -22.25 -4.82 -42.26
CA SER B 139 -22.18 -3.69 -43.18
C SER B 139 -21.03 -2.76 -42.85
N PHE B 140 -20.76 -2.55 -41.55
CA PHE B 140 -19.68 -1.65 -41.16
C PHE B 140 -18.31 -2.26 -41.43
N SER B 141 -18.23 -3.58 -41.63
CA SER B 141 -16.95 -4.25 -41.82
C SER B 141 -16.73 -4.78 -43.23
N ARG B 142 -17.67 -4.56 -44.15
CA ARG B 142 -17.48 -5.06 -45.50
C ARG B 142 -18.33 -4.32 -46.54
N ASN B 143 -19.06 -3.29 -46.11
CA ASN B 143 -19.88 -2.52 -47.05
C ASN B 143 -20.29 -1.17 -46.47
N LYS B 144 -19.40 -0.18 -46.54
CA LYS B 144 -19.70 1.13 -45.98
C LYS B 144 -20.82 1.83 -46.74
N ALA B 145 -20.99 1.53 -48.03
CA ALA B 145 -22.02 2.21 -48.81
C ALA B 145 -23.41 1.87 -48.32
N GLU B 146 -23.66 0.59 -48.01
CA GLU B 146 -24.97 0.20 -47.50
C GLU B 146 -25.15 0.57 -46.03
N TYR B 147 -24.07 0.62 -45.26
CA TYR B 147 -24.17 1.05 -43.87
C TYR B 147 -24.69 2.48 -43.78
N ASP B 148 -24.13 3.38 -44.59
CA ASP B 148 -24.62 4.76 -44.61
C ASP B 148 -26.03 4.85 -45.16
N LYS B 149 -26.44 3.89 -46.00
CA LYS B 149 -27.80 3.89 -46.52
C LYS B 149 -28.81 3.61 -45.40
N LYS B 150 -28.50 2.69 -44.50
CA LYS B 150 -29.40 2.39 -43.41
C LYS B 150 -29.45 3.53 -42.39
N VAL B 151 -28.29 4.12 -42.09
CA VAL B 151 -28.24 5.22 -41.13
C VAL B 151 -29.00 6.42 -41.65
N LEU B 152 -28.85 6.71 -42.96
CA LEU B 152 -29.65 7.78 -43.56
C LEU B 152 -31.13 7.42 -43.59
N LEU B 153 -31.45 6.12 -43.66
CA LEU B 153 -32.84 5.69 -43.58
C LEU B 153 -33.35 5.71 -42.14
N GLN B 154 -32.53 5.23 -41.20
CA GLN B 154 -32.92 5.24 -39.80
C GLN B 154 -33.05 6.66 -39.26
N ALA B 155 -32.26 7.60 -39.79
CA ALA B 155 -32.41 9.00 -39.40
C ALA B 155 -33.76 9.54 -39.83
N ARG B 156 -34.21 9.19 -41.03
CA ARG B 156 -35.54 9.57 -41.47
C ARG B 156 -36.62 8.77 -40.76
N GLN B 157 -36.27 7.62 -40.17
CA GLN B 157 -37.25 6.84 -39.42
C GLN B 157 -37.61 7.53 -38.11
N TYR B 158 -36.61 7.96 -37.36
CA TYR B 158 -36.83 8.62 -36.06
C TYR B 158 -36.80 10.13 -36.22
N SER B 159 -37.67 10.64 -37.09
CA SER B 159 -37.75 12.07 -37.33
C SER B 159 -39.19 12.50 -37.60
CA PRO C 6 -0.23 41.75 -24.49
C PRO C 6 -0.65 40.91 -25.69
N GLU C 7 -0.01 41.12 -26.83
CA GLU C 7 -0.33 40.38 -28.04
C GLU C 7 0.47 39.08 -28.12
N THR C 8 1.41 38.91 -27.20
CA THR C 8 2.22 37.71 -27.16
C THR C 8 1.57 36.58 -26.38
N HIS C 9 0.82 36.90 -25.33
CA HIS C 9 0.13 35.89 -24.52
C HIS C 9 -1.37 36.00 -24.73
N ILE C 10 -2.08 34.98 -24.25
CA ILE C 10 -3.53 34.92 -24.39
C ILE C 10 -4.11 34.19 -23.18
N ASN C 11 -5.36 34.52 -22.85
CA ASN C 11 -6.06 33.90 -21.74
C ASN C 11 -7.03 32.85 -22.27
N LEU C 12 -7.02 31.67 -21.65
CA LEU C 12 -7.90 30.58 -22.04
C LEU C 12 -8.62 30.04 -20.81
N LYS C 13 -9.81 29.50 -21.05
CA LYS C 13 -10.66 28.97 -19.98
C LYS C 13 -10.91 27.49 -20.24
N VAL C 14 -10.58 26.65 -19.27
CA VAL C 14 -10.78 25.21 -19.37
C VAL C 14 -11.84 24.82 -18.34
N SER C 15 -12.96 24.27 -18.82
CA SER C 15 -14.09 23.97 -17.97
C SER C 15 -14.59 22.55 -18.25
N ASP C 16 -15.25 21.97 -17.24
CA ASP C 16 -15.91 20.68 -17.37
C ASP C 16 -17.38 20.74 -16.98
N GLY C 17 -17.92 21.93 -16.76
CA GLY C 17 -19.29 22.10 -16.34
C GLY C 17 -19.47 22.38 -14.86
N SER C 18 -18.44 22.19 -14.05
CA SER C 18 -18.53 22.42 -12.61
C SER C 18 -17.36 23.28 -12.14
N SER C 19 -16.14 22.78 -12.29
CA SER C 19 -14.93 23.51 -11.94
C SER C 19 -14.22 23.96 -13.21
N GLU C 20 -13.62 25.15 -13.16
CA GLU C 20 -12.92 25.69 -14.31
C GLU C 20 -11.75 26.53 -13.85
N ILE C 21 -10.70 26.55 -14.67
CA ILE C 21 -9.45 27.24 -14.34
C ILE C 21 -9.10 28.17 -15.49
N PHE C 22 -8.69 29.39 -15.17
CA PHE C 22 -8.28 30.38 -16.15
C PHE C 22 -6.76 30.40 -16.24
N PHE C 23 -6.22 30.20 -17.43
CA PHE C 23 -4.79 30.13 -17.68
C PHE C 23 -4.33 31.32 -18.52
N LYS C 24 -3.01 31.39 -18.75
CA LYS C 24 -2.43 32.42 -19.60
C LYS C 24 -1.08 31.92 -20.08
N ILE C 25 -0.95 31.72 -21.39
CA ILE C 25 0.29 31.24 -22.00
C ILE C 25 0.51 31.98 -23.31
N LYS C 26 1.68 31.75 -23.90
CA LYS C 26 2.00 32.32 -25.20
C LYS C 26 1.39 31.46 -26.30
N LYS C 27 1.04 32.11 -27.43
CA LYS C 27 0.35 31.43 -28.51
C LYS C 27 1.17 30.29 -29.12
N THR C 28 2.49 30.27 -28.91
CA THR C 28 3.33 29.21 -29.43
C THR C 28 3.52 28.06 -28.45
N THR C 29 3.07 28.21 -27.21
CA THR C 29 3.22 27.15 -26.22
C THR C 29 2.28 25.99 -26.54
N PRO C 30 2.77 24.75 -26.58
CA PRO C 30 1.86 23.62 -26.84
C PRO C 30 0.86 23.45 -25.72
N LEU C 31 -0.37 23.06 -26.11
CA LEU C 31 -1.44 22.87 -25.15
C LEU C 31 -1.28 21.59 -24.32
N ARG C 32 -0.22 20.81 -24.55
CA ARG C 32 0.02 19.62 -23.74
C ARG C 32 0.22 20.00 -22.28
N ARG C 33 1.03 21.04 -22.03
CA ARG C 33 1.18 21.53 -20.66
C ARG C 33 -0.12 22.08 -20.13
N LEU C 34 -0.95 22.68 -20.99
CA LEU C 34 -2.23 23.22 -20.57
C LEU C 34 -3.17 22.11 -20.10
N MET C 35 -3.19 20.98 -20.81
CA MET C 35 -4.13 19.92 -20.47
C MET C 35 -3.69 19.16 -19.23
N GLU C 36 -2.38 18.86 -19.12
CA GLU C 36 -1.89 18.10 -17.98
C GLU C 36 -2.08 18.86 -16.67
N ALA C 37 -2.07 20.19 -16.73
CA ALA C 37 -2.30 20.98 -15.52
C ALA C 37 -3.76 20.89 -15.08
N PHE C 38 -4.70 21.02 -16.02
CA PHE C 38 -6.11 20.98 -15.66
C PHE C 38 -6.50 19.61 -15.12
N ALA C 39 -5.96 18.54 -15.70
CA ALA C 39 -6.32 17.21 -15.25
C ALA C 39 -5.68 16.87 -13.91
N LYS C 40 -4.44 17.32 -13.70
CA LYS C 40 -3.75 17.02 -12.44
C LYS C 40 -4.39 17.75 -11.27
N ARG C 41 -4.90 18.96 -11.49
CA ARG C 41 -5.57 19.72 -10.44
C ARG C 41 -6.98 19.20 -10.15
N GLN C 42 -7.49 18.28 -10.95
CA GLN C 42 -8.79 17.65 -10.71
C GLN C 42 -8.65 16.19 -10.28
N GLY C 43 -7.43 15.71 -10.07
CA GLY C 43 -7.23 14.35 -9.63
C GLY C 43 -7.43 13.29 -10.68
N LYS C 44 -7.32 13.66 -11.96
CA LYS C 44 -7.52 12.74 -13.07
C LYS C 44 -6.25 12.65 -13.90
N GLU C 45 -6.25 11.68 -14.81
CA GLU C 45 -5.15 11.50 -15.75
C GLU C 45 -5.47 12.20 -17.06
N MET C 46 -4.45 12.80 -17.68
CA MET C 46 -4.66 13.59 -18.88
C MET C 46 -5.16 12.74 -20.05
N ASP C 47 -4.80 11.46 -20.07
CA ASP C 47 -5.26 10.54 -21.11
C ASP C 47 -6.65 9.99 -20.85
N SER C 48 -7.42 10.61 -19.95
CA SER C 48 -8.79 10.21 -19.67
C SER C 48 -9.78 11.33 -19.92
N LEU C 49 -9.36 12.41 -20.58
CA LEU C 49 -10.21 13.57 -20.83
C LEU C 49 -10.13 13.97 -22.30
N ARG C 50 -11.25 14.43 -22.85
CA ARG C 50 -11.32 14.95 -24.21
C ARG C 50 -11.43 16.46 -24.14
N PHE C 51 -10.39 17.16 -24.59
CA PHE C 51 -10.40 18.61 -24.64
C PHE C 51 -10.83 19.05 -26.04
N LEU C 52 -11.88 19.86 -26.12
CA LEU C 52 -12.46 20.28 -27.38
C LEU C 52 -12.40 21.79 -27.52
N TYR C 53 -12.20 22.24 -28.75
CA TYR C 53 -12.27 23.66 -29.09
C TYR C 53 -13.12 23.80 -30.35
N ASP C 54 -14.18 24.61 -30.27
CA ASP C 54 -15.17 24.75 -31.34
C ASP C 54 -15.78 23.40 -31.72
N GLY C 55 -15.86 22.49 -30.76
CA GLY C 55 -16.41 21.17 -31.02
C GLY C 55 -15.48 20.21 -31.72
N ILE C 56 -14.17 20.48 -31.71
CA ILE C 56 -13.19 19.63 -32.36
C ILE C 56 -12.12 19.25 -31.35
N ARG C 57 -11.71 17.98 -31.38
CA ARG C 57 -10.69 17.51 -30.44
C ARG C 57 -9.36 18.21 -30.69
N ILE C 58 -8.55 18.30 -29.64
CA ILE C 58 -7.28 19.01 -29.67
C ILE C 58 -6.16 18.00 -29.41
N GLN C 59 -5.15 18.02 -30.28
CA GLN C 59 -3.99 17.17 -30.08
C GLN C 59 -3.02 17.82 -29.11
N ALA C 60 -2.12 16.99 -28.56
CA ALA C 60 -1.14 17.49 -27.60
C ALA C 60 -0.04 18.30 -28.26
N ASP C 61 0.10 18.20 -29.58
CA ASP C 61 1.13 18.94 -30.31
C ASP C 61 0.68 20.32 -30.75
N GLN C 62 -0.62 20.61 -30.72
CA GLN C 62 -1.14 21.85 -31.24
C GLN C 62 -0.92 22.99 -30.25
N THR C 63 -0.96 24.21 -30.78
CA THR C 63 -0.76 25.44 -30.03
C THR C 63 -1.96 26.35 -30.27
N PRO C 64 -2.15 27.37 -29.42
CA PRO C 64 -3.27 28.30 -29.64
C PRO C 64 -3.25 28.98 -31.01
N GLU C 65 -2.06 29.22 -31.58
CA GLU C 65 -2.00 29.84 -32.89
C GLU C 65 -2.31 28.85 -34.02
N ASP C 66 -2.13 27.54 -33.78
CA ASP C 66 -2.47 26.56 -34.80
C ASP C 66 -3.97 26.50 -35.06
N LEU C 67 -4.78 26.74 -34.03
CA LEU C 67 -6.23 26.74 -34.15
C LEU C 67 -6.83 28.15 -34.19
N ASP C 68 -5.98 29.18 -34.16
CA ASP C 68 -6.42 30.58 -34.19
C ASP C 68 -7.39 30.86 -33.04
N MET C 69 -6.88 30.73 -31.82
CA MET C 69 -7.64 31.00 -30.62
C MET C 69 -7.56 32.49 -30.29
N GLU C 70 -8.71 33.09 -30.02
CA GLU C 70 -8.77 34.50 -29.65
C GLU C 70 -8.62 34.62 -28.13
N ASP C 71 -9.04 35.74 -27.56
CA ASP C 71 -8.90 35.97 -26.14
C ASP C 71 -10.11 35.43 -25.39
N ASN C 72 -9.85 34.85 -24.21
CA ASN C 72 -10.89 34.32 -23.32
C ASN C 72 -11.69 33.21 -23.99
N ASP C 73 -11.07 32.49 -24.94
CA ASP C 73 -11.73 31.36 -25.57
C ASP C 73 -11.84 30.20 -24.58
N ILE C 74 -12.89 29.39 -24.75
CA ILE C 74 -13.25 28.34 -23.80
C ILE C 74 -12.82 27.00 -24.36
N ILE C 75 -12.15 26.20 -23.53
CA ILE C 75 -11.77 24.83 -23.86
C ILE C 75 -12.60 23.91 -22.99
N GLU C 76 -13.40 23.05 -23.62
CA GLU C 76 -14.29 22.15 -22.91
C GLU C 76 -13.61 20.80 -22.68
N ALA C 77 -13.67 20.32 -21.45
CA ALA C 77 -13.09 19.03 -21.07
C ALA C 77 -14.21 18.03 -20.84
N HIS C 78 -14.16 16.91 -21.56
CA HIS C 78 -15.15 15.85 -21.47
C HIS C 78 -14.47 14.56 -21.03
N ARG C 79 -15.29 13.62 -20.56
CA ARG C 79 -14.77 12.32 -20.13
C ARG C 79 -14.52 11.43 -21.33
N GLU C 80 -13.32 10.84 -21.38
CA GLU C 80 -13.00 9.89 -22.45
C GLU C 80 -13.82 8.62 -22.28
N GLN C 81 -14.32 8.10 -23.39
CA GLN C 81 -15.19 6.93 -23.36
C GLN C 81 -14.92 6.05 -24.58
N ILE C 82 -15.43 4.83 -24.51
CA ILE C 82 -15.33 3.87 -25.59
C ILE C 82 -16.54 2.94 -25.52
N GLY C 83 -17.15 2.67 -26.68
CA GLY C 83 -18.31 1.82 -26.76
C GLY C 83 -17.95 0.38 -27.08
N GLY C 84 -18.90 -0.52 -26.81
CA GLY C 84 -18.70 -1.92 -27.06
C GLY C 84 -19.87 -2.79 -26.61
N MET D 1 3.02 -55.22 -13.11
CA MET D 1 2.23 -55.65 -14.25
C MET D 1 1.00 -54.75 -14.42
N LEU D 2 0.71 -54.40 -15.68
CA LEU D 2 -0.35 -53.48 -16.01
C LEU D 2 -1.58 -54.24 -16.49
N GLU D 3 -2.76 -53.75 -16.10
CA GLU D 3 -4.02 -54.27 -16.62
C GLU D 3 -5.11 -53.21 -16.52
N ALA D 4 -5.15 -52.31 -17.50
CA ALA D 4 -6.15 -51.25 -17.56
C ALA D 4 -7.27 -51.65 -18.50
N LYS D 5 -8.50 -51.57 -18.03
CA LYS D 5 -9.68 -52.04 -18.76
C LYS D 5 -10.61 -50.88 -19.01
N PHE D 6 -10.65 -50.38 -20.25
CA PHE D 6 -11.59 -49.34 -20.61
C PHE D 6 -13.00 -49.93 -20.70
N GLU D 7 -13.94 -49.32 -19.97
CA GLU D 7 -15.32 -49.79 -20.01
C GLU D 7 -15.90 -49.71 -21.42
N GLU D 8 -15.47 -48.73 -22.20
CA GLU D 8 -15.91 -48.55 -23.58
C GLU D 8 -14.69 -48.42 -24.47
N ALA D 9 -14.62 -49.24 -25.52
CA ALA D 9 -13.45 -49.24 -26.39
C ALA D 9 -13.33 -47.95 -27.18
N SER D 10 -14.46 -47.30 -27.49
CA SER D 10 -14.41 -46.06 -28.26
C SER D 10 -13.76 -44.92 -27.49
N LEU D 11 -13.71 -45.01 -26.15
CA LEU D 11 -13.12 -43.95 -25.34
C LEU D 11 -11.64 -43.79 -25.67
N PHE D 12 -10.86 -44.87 -25.53
CA PHE D 12 -9.45 -44.81 -25.85
C PHE D 12 -9.21 -44.57 -27.34
N LYS D 13 -10.17 -44.96 -28.19
CA LYS D 13 -10.07 -44.63 -29.61
C LYS D 13 -10.16 -43.13 -29.84
N ARG D 14 -11.13 -42.47 -29.18
CA ARG D 14 -11.26 -41.02 -29.31
C ARG D 14 -10.05 -40.29 -28.74
N ILE D 15 -9.43 -40.85 -27.70
CA ILE D 15 -8.25 -40.22 -27.11
C ILE D 15 -7.10 -40.21 -28.10
N ILE D 16 -6.82 -41.37 -28.71
CA ILE D 16 -5.73 -41.46 -29.67
C ILE D 16 -6.04 -40.63 -30.91
N ASP D 17 -7.31 -40.56 -31.31
CA ASP D 17 -7.69 -39.70 -32.43
C ASP D 17 -7.42 -38.22 -32.14
N GLY D 18 -7.33 -37.85 -30.87
CA GLY D 18 -7.16 -36.45 -30.51
C GLY D 18 -5.78 -35.89 -30.77
N PHE D 19 -4.77 -36.76 -30.91
CA PHE D 19 -3.41 -36.27 -31.14
C PHE D 19 -2.56 -37.26 -31.95
N LYS D 20 -3.18 -38.02 -32.84
CA LYS D 20 -2.42 -38.88 -33.75
C LYS D 20 -2.08 -38.20 -35.05
N ASP D 21 -2.78 -37.11 -35.40
CA ASP D 21 -2.52 -36.36 -36.62
C ASP D 21 -1.52 -35.23 -36.43
N CYS D 22 -0.89 -35.14 -35.25
CA CYS D 22 0.07 -34.08 -35.00
C CYS D 22 1.33 -34.64 -34.33
N VAL D 23 1.18 -35.74 -33.60
CA VAL D 23 2.30 -36.40 -32.92
C VAL D 23 2.34 -37.86 -33.37
N GLN D 24 3.54 -38.37 -33.61
CA GLN D 24 3.73 -39.74 -34.08
C GLN D 24 4.29 -40.67 -33.02
N LEU D 25 5.08 -40.16 -32.09
CA LEU D 25 5.69 -40.99 -31.05
C LEU D 25 5.34 -40.40 -29.68
N VAL D 26 4.67 -41.20 -28.85
CA VAL D 26 4.22 -40.77 -27.54
C VAL D 26 4.69 -41.77 -26.50
N ASN D 27 5.14 -41.26 -25.36
CA ASN D 27 5.64 -42.09 -24.26
C ASN D 27 4.54 -42.15 -23.18
N PHE D 28 3.88 -43.30 -23.10
CA PHE D 28 2.82 -43.50 -22.10
C PHE D 28 3.44 -44.03 -20.81
N GLN D 29 3.33 -43.24 -19.74
CA GLN D 29 3.86 -43.61 -18.44
C GLN D 29 2.71 -44.04 -17.54
N CYS D 30 2.73 -45.30 -17.11
CA CYS D 30 1.66 -45.88 -16.31
C CYS D 30 2.13 -46.02 -14.86
N LYS D 31 1.24 -45.65 -13.93
CA LYS D 31 1.50 -45.79 -12.51
C LYS D 31 0.23 -46.30 -11.83
N GLU D 32 0.33 -46.54 -10.52
CA GLU D 32 -0.83 -46.99 -9.76
C GLU D 32 -1.89 -45.91 -9.63
N ASP D 33 -1.53 -44.64 -9.82
CA ASP D 33 -2.47 -43.54 -9.73
C ASP D 33 -3.21 -43.28 -11.03
N GLY D 34 -2.71 -43.80 -12.14
CA GLY D 34 -3.35 -43.61 -13.43
C GLY D 34 -2.33 -43.73 -14.55
N ILE D 35 -2.70 -43.21 -15.71
CA ILE D 35 -1.86 -43.23 -16.90
C ILE D 35 -1.55 -41.80 -17.29
N ILE D 36 -0.27 -41.51 -17.50
CA ILE D 36 0.19 -40.18 -17.91
C ILE D 36 0.86 -40.30 -19.27
N ALA D 37 0.54 -39.37 -20.16
CA ALA D 37 1.11 -39.37 -21.51
C ALA D 37 1.30 -37.93 -21.96
N GLN D 38 2.53 -37.57 -22.32
CA GLN D 38 2.85 -36.24 -22.79
C GLN D 38 3.80 -36.33 -23.97
N ALA D 39 3.59 -35.50 -24.98
CA ALA D 39 4.38 -35.52 -26.18
C ALA D 39 4.38 -34.13 -26.80
N VAL D 40 5.17 -33.97 -27.87
CA VAL D 40 5.31 -32.68 -28.55
C VAL D 40 5.65 -32.95 -30.01
N ASP D 41 5.10 -32.13 -30.89
CA ASP D 41 5.30 -32.31 -32.33
C ASP D 41 6.69 -31.83 -32.74
N ASP D 42 6.97 -31.92 -34.05
CA ASP D 42 8.28 -31.51 -34.55
C ASP D 42 8.47 -30.00 -34.46
N SER D 43 7.38 -29.24 -34.46
CA SER D 43 7.49 -27.78 -34.35
C SER D 43 7.93 -27.33 -32.97
N ARG D 44 7.86 -28.23 -31.97
CA ARG D 44 8.26 -27.95 -30.59
C ARG D 44 7.51 -26.77 -29.98
N VAL D 45 6.34 -26.44 -30.54
CA VAL D 45 5.49 -25.40 -29.98
C VAL D 45 4.18 -25.95 -29.43
N LEU D 46 3.66 -27.04 -29.99
CA LEU D 46 2.42 -27.66 -29.52
C LEU D 46 2.78 -28.86 -28.66
N LEU D 47 2.44 -28.79 -27.38
CA LEU D 47 2.70 -29.87 -26.43
C LEU D 47 1.37 -30.52 -26.06
N VAL D 48 1.24 -31.80 -26.36
CA VAL D 48 0.05 -32.58 -26.03
C VAL D 48 0.28 -33.26 -24.68
N SER D 49 -0.63 -33.02 -23.73
CA SER D 49 -0.55 -33.59 -22.40
C SER D 49 -1.82 -34.38 -22.13
N LEU D 50 -1.65 -35.62 -21.65
CA LEU D 50 -2.77 -36.51 -21.38
C LEU D 50 -2.65 -37.07 -19.96
N GLU D 51 -3.78 -37.15 -19.28
CA GLU D 51 -3.86 -37.75 -17.95
C GLU D 51 -5.17 -38.51 -17.84
N ILE D 52 -5.11 -39.73 -17.32
CA ILE D 52 -6.29 -40.57 -17.14
C ILE D 52 -6.27 -41.09 -15.71
N GLY D 53 -7.35 -40.86 -14.98
CA GLY D 53 -7.45 -41.34 -13.62
C GLY D 53 -8.00 -42.76 -13.54
N VAL D 54 -7.76 -43.40 -12.39
CA VAL D 54 -8.24 -44.76 -12.20
C VAL D 54 -9.75 -44.84 -12.11
N GLU D 55 -10.42 -43.72 -11.84
CA GLU D 55 -11.88 -43.70 -11.79
C GLU D 55 -12.52 -43.80 -13.16
N ALA D 56 -11.75 -43.65 -14.24
CA ALA D 56 -12.28 -43.75 -15.59
C ALA D 56 -12.34 -45.17 -16.10
N PHE D 57 -11.47 -46.05 -15.61
CA PHE D 57 -11.46 -47.44 -16.03
C PHE D 57 -12.51 -48.24 -15.25
N GLN D 58 -13.00 -49.31 -15.88
CA GLN D 58 -13.86 -50.25 -15.16
C GLN D 58 -13.07 -50.98 -14.08
N GLU D 59 -11.87 -51.44 -14.42
CA GLU D 59 -10.93 -51.98 -13.44
C GLU D 59 -9.53 -51.55 -13.84
N TYR D 60 -8.64 -51.51 -12.86
CA TYR D 60 -7.28 -51.03 -13.08
C TYR D 60 -6.33 -51.72 -12.12
N ARG D 61 -5.10 -51.93 -12.59
CA ARG D 61 -4.05 -52.52 -11.76
C ARG D 61 -2.71 -52.18 -12.38
N CYS D 62 -1.78 -51.68 -11.56
CA CYS D 62 -0.44 -51.32 -12.04
C CYS D 62 0.50 -51.46 -10.83
N ASP D 63 1.07 -52.66 -10.67
CA ASP D 63 1.90 -52.94 -9.52
C ASP D 63 3.18 -52.12 -9.52
N HIS D 64 3.75 -51.85 -10.69
CA HIS D 64 5.00 -51.13 -10.81
C HIS D 64 4.87 -50.03 -11.85
N PRO D 65 5.63 -48.95 -11.71
CA PRO D 65 5.64 -47.90 -12.74
C PRO D 65 6.15 -48.42 -14.07
N VAL D 66 5.27 -48.49 -15.07
CA VAL D 66 5.60 -49.03 -16.39
C VAL D 66 5.52 -47.90 -17.41
N THR D 67 6.51 -47.83 -18.29
CA THR D 67 6.55 -46.88 -19.38
C THR D 67 6.30 -47.60 -20.69
N LEU D 68 5.35 -47.11 -21.48
CA LEU D 68 4.94 -47.76 -22.73
C LEU D 68 5.11 -46.77 -23.88
N GLY D 69 6.24 -46.88 -24.58
CA GLY D 69 6.45 -46.08 -25.78
C GLY D 69 5.81 -46.73 -26.99
N MET D 70 4.86 -46.04 -27.61
CA MET D 70 4.09 -46.60 -28.72
C MET D 70 4.19 -45.70 -29.94
N ASP D 71 3.77 -46.25 -31.08
CA ASP D 71 3.64 -45.52 -32.33
C ASP D 71 2.16 -45.30 -32.61
N LEU D 72 1.74 -44.04 -32.69
CA LEU D 72 0.32 -43.74 -32.76
C LEU D 72 -0.29 -44.21 -34.08
N THR D 73 0.41 -44.02 -35.19
CA THR D 73 -0.13 -44.44 -36.48
C THR D 73 -0.27 -45.96 -36.57
N SER D 74 0.46 -46.70 -35.75
CA SER D 74 0.29 -48.16 -35.67
C SER D 74 -0.74 -48.54 -34.62
N LEU D 75 -0.80 -47.80 -33.51
CA LEU D 75 -1.80 -48.07 -32.48
C LEU D 75 -3.20 -47.73 -32.96
N SER D 76 -3.34 -46.68 -33.78
CA SER D 76 -4.65 -46.32 -34.30
C SER D 76 -5.19 -47.38 -35.25
N ASP D 77 -4.30 -48.09 -35.96
CA ASP D 77 -4.76 -49.15 -36.84
C ASP D 77 -5.34 -50.32 -36.06
N ILE D 78 -4.76 -50.63 -34.90
CA ILE D 78 -5.28 -51.70 -34.05
C ILE D 78 -6.64 -51.29 -33.48
N LEU D 79 -6.73 -50.07 -32.95
CA LEU D 79 -8.00 -49.58 -32.43
C LEU D 79 -9.06 -49.44 -33.53
N ARG D 80 -8.63 -49.29 -34.78
CA ARG D 80 -9.57 -49.19 -35.89
C ARG D 80 -10.36 -50.48 -36.07
N GLU D 81 -9.72 -51.62 -35.81
CA GLU D 81 -10.41 -52.90 -35.92
C GLU D 81 -11.41 -53.13 -34.79
N GLY D 82 -11.30 -52.38 -33.70
CA GLY D 82 -12.23 -52.54 -32.60
C GLY D 82 -13.59 -51.93 -32.90
N ASN D 83 -14.59 -52.41 -32.16
CA ASN D 83 -15.96 -51.94 -32.31
C ASN D 83 -16.28 -50.94 -31.20
N ASN D 84 -17.19 -50.02 -31.50
CA ASN D 84 -17.59 -48.98 -30.55
C ASN D 84 -18.47 -49.50 -29.43
N THR D 85 -18.77 -50.80 -29.40
CA THR D 85 -19.53 -51.41 -28.30
C THR D 85 -18.73 -52.46 -27.56
N ASP D 86 -17.41 -52.47 -27.74
CA ASP D 86 -16.53 -53.47 -27.14
C ASP D 86 -15.89 -52.92 -25.87
N THR D 87 -15.04 -53.74 -25.26
CA THR D 87 -14.37 -53.41 -24.00
C THR D 87 -12.87 -53.59 -24.20
N LEU D 88 -12.15 -52.48 -24.36
CA LEU D 88 -10.72 -52.54 -24.57
C LEU D 88 -9.99 -52.76 -23.25
N THR D 89 -8.94 -53.59 -23.29
CA THR D 89 -8.13 -53.87 -22.12
C THR D 89 -6.66 -53.92 -22.52
N LEU D 90 -5.83 -53.19 -21.79
CA LEU D 90 -4.40 -53.14 -22.05
C LEU D 90 -3.66 -53.99 -21.03
N ILE D 91 -2.76 -54.85 -21.51
CA ILE D 91 -1.99 -55.76 -20.66
C ILE D 91 -0.53 -55.68 -21.05
N ALA D 92 0.35 -55.64 -20.04
CA ALA D 92 1.78 -55.61 -20.26
C ALA D 92 2.49 -56.27 -19.09
N ASP D 93 3.68 -56.80 -19.36
CA ASP D 93 4.45 -57.47 -18.33
C ASP D 93 5.09 -56.43 -17.40
N ASN D 94 5.82 -56.93 -16.39
CA ASN D 94 6.53 -56.04 -15.50
C ASN D 94 7.68 -55.34 -16.22
N THR D 95 8.40 -56.06 -17.06
CA THR D 95 9.43 -55.50 -17.93
C THR D 95 8.98 -55.79 -19.36
N PRO D 96 8.01 -55.04 -19.87
CA PRO D 96 7.36 -55.42 -21.13
C PRO D 96 8.11 -54.91 -22.35
N ASP D 97 8.12 -55.74 -23.38
CA ASP D 97 8.61 -55.36 -24.69
C ASP D 97 7.47 -55.21 -25.70
N SER D 98 6.24 -55.52 -25.30
CA SER D 98 5.08 -55.40 -26.17
C SER D 98 3.84 -55.23 -25.29
N ILE D 99 2.77 -54.74 -25.91
CA ILE D 99 1.49 -54.58 -25.23
C ILE D 99 0.45 -55.43 -25.94
N ILE D 100 -0.58 -55.81 -25.20
CA ILE D 100 -1.66 -56.65 -25.71
C ILE D 100 -2.96 -55.87 -25.57
N LEU D 101 -3.64 -55.67 -26.70
CA LEU D 101 -4.93 -54.99 -26.72
C LEU D 101 -6.02 -56.05 -26.88
N LEU D 102 -6.85 -56.20 -25.84
CA LEU D 102 -7.88 -57.24 -25.79
C LEU D 102 -9.23 -56.58 -26.00
N PHE D 103 -9.89 -56.91 -27.10
CA PHE D 103 -11.22 -56.38 -27.44
C PHE D 103 -12.26 -57.42 -27.05
N GLU D 104 -13.07 -57.11 -26.04
CA GLU D 104 -14.10 -58.01 -25.54
C GLU D 104 -15.47 -57.38 -25.82
N ASP D 105 -16.23 -58.00 -26.69
CA ASP D 105 -17.59 -57.55 -26.96
C ASP D 105 -18.49 -57.91 -25.78
N THR D 106 -19.39 -56.98 -25.44
CA THR D 106 -20.29 -57.19 -24.30
C THR D 106 -21.61 -57.84 -24.70
N LYS D 107 -21.98 -57.80 -25.97
CA LYS D 107 -23.26 -58.34 -26.43
C LYS D 107 -23.08 -59.67 -27.14
N LYS D 108 -22.37 -59.69 -28.27
CA LYS D 108 -22.21 -60.91 -29.05
C LYS D 108 -21.29 -61.93 -28.40
N ASP D 109 -20.64 -61.57 -27.28
CA ASP D 109 -19.75 -62.48 -26.56
C ASP D 109 -18.58 -62.92 -27.44
N ASP D 110 -17.92 -61.94 -28.05
CA ASP D 110 -16.77 -62.17 -28.91
C ASP D 110 -15.51 -61.61 -28.26
N ILE D 111 -14.37 -62.15 -28.66
CA ILE D 111 -13.07 -61.73 -28.15
C ILE D 111 -12.10 -61.60 -29.33
N ALA D 112 -11.45 -60.45 -29.43
CA ALA D 112 -10.40 -60.22 -30.42
C ALA D 112 -9.19 -59.66 -29.70
N GLU D 113 -8.02 -60.26 -29.94
CA GLU D 113 -6.80 -59.90 -29.24
C GLU D 113 -5.73 -59.49 -30.24
N TYR D 114 -5.17 -58.31 -30.07
CA TYR D 114 -4.09 -57.79 -30.89
C TYR D 114 -2.86 -57.53 -30.02
N SER D 115 -1.73 -57.30 -30.68
CA SER D 115 -0.47 -57.05 -29.99
C SER D 115 0.32 -56.00 -30.74
N LEU D 116 1.00 -55.14 -29.99
CA LEU D 116 1.80 -54.06 -30.55
C LEU D 116 3.19 -54.08 -29.93
N LYS D 117 4.21 -53.88 -30.77
CA LYS D 117 5.58 -53.87 -30.31
C LYS D 117 5.94 -52.51 -29.75
N LEU D 118 6.44 -52.48 -28.52
CA LEU D 118 6.80 -51.23 -27.88
C LEU D 118 8.09 -50.66 -28.47
N MET D 119 8.15 -49.33 -28.52
CA MET D 119 9.35 -48.62 -28.95
C MET D 119 9.94 -47.86 -27.77
N ASP D 120 11.23 -47.58 -27.88
CA ASP D 120 11.98 -46.88 -26.83
C ASP D 120 12.11 -45.42 -27.24
N ILE D 121 11.34 -44.55 -26.61
CA ILE D 121 11.31 -43.11 -26.92
C ILE D 121 12.01 -42.37 -25.78
N ASP D 122 13.12 -41.72 -26.10
CA ASP D 122 13.88 -40.98 -25.10
C ASP D 122 13.27 -39.59 -24.95
N ALA D 123 13.99 -38.70 -24.26
CA ALA D 123 13.58 -37.32 -24.02
C ALA D 123 12.29 -37.23 -23.22
N ASP D 124 11.85 -36.01 -22.92
CA ASP D 124 10.64 -35.78 -22.16
C ASP D 124 10.28 -34.30 -22.28
N PHE D 125 9.08 -33.96 -21.80
CA PHE D 125 8.62 -32.56 -21.83
C PHE D 125 7.57 -32.42 -20.71
N LEU D 126 8.01 -31.91 -19.57
CA LEU D 126 7.11 -31.79 -18.42
C LEU D 126 6.02 -30.77 -18.72
N GLY D 127 4.78 -31.14 -18.39
CA GLY D 127 3.65 -30.25 -18.60
C GLY D 127 3.66 -29.05 -17.68
N ILE D 128 4.16 -27.92 -18.19
CA ILE D 128 4.28 -26.70 -17.39
C ILE D 128 2.95 -25.97 -17.38
N GLU D 129 2.08 -26.31 -16.44
CA GLU D 129 0.81 -25.61 -16.28
C GLU D 129 1.05 -24.31 -15.52
N GLU D 130 0.65 -23.20 -16.12
CA GLU D 130 0.92 -21.89 -15.52
C GLU D 130 0.08 -21.69 -14.26
N LEU D 131 0.54 -20.76 -13.43
CA LEU D 131 -0.15 -20.47 -12.17
C LEU D 131 -1.51 -19.83 -12.42
N GLN D 132 -1.53 -18.74 -13.19
CA GLN D 132 -2.75 -18.04 -13.50
C GLN D 132 -2.76 -17.66 -14.98
N TYR D 133 -3.90 -17.19 -15.45
CA TYR D 133 -4.07 -16.77 -16.84
C TYR D 133 -4.86 -15.48 -16.87
N ASP D 134 -4.67 -14.70 -17.94
CA ASP D 134 -5.38 -13.45 -18.08
C ASP D 134 -6.89 -13.68 -18.18
N SER D 135 -7.30 -14.49 -19.15
CA SER D 135 -8.71 -14.82 -19.35
C SER D 135 -8.88 -16.33 -19.35
N THR D 136 -10.08 -16.78 -19.00
CA THR D 136 -10.42 -18.19 -18.97
C THR D 136 -11.85 -18.33 -19.47
N LEU D 137 -12.03 -18.92 -20.65
CA LEU D 137 -13.34 -19.12 -21.24
C LEU D 137 -13.55 -20.61 -21.53
N SER D 138 -14.82 -21.03 -21.42
CA SER D 138 -15.21 -22.39 -21.73
C SER D 138 -16.53 -22.35 -22.49
N LEU D 139 -16.64 -23.17 -23.53
CA LEU D 139 -17.81 -23.17 -24.39
C LEU D 139 -17.96 -24.58 -24.95
N PRO D 140 -19.13 -24.89 -25.54
CA PRO D 140 -19.31 -26.20 -26.17
C PRO D 140 -18.24 -26.48 -27.22
N SER D 141 -17.70 -27.69 -27.18
CA SER D 141 -16.62 -28.07 -28.10
C SER D 141 -17.10 -28.10 -29.54
N SER D 142 -18.36 -28.43 -29.78
CA SER D 142 -18.87 -28.47 -31.14
C SER D 142 -18.93 -27.06 -31.74
N GLU D 143 -19.24 -26.05 -30.93
CA GLU D 143 -19.32 -24.69 -31.44
C GLU D 143 -17.94 -24.12 -31.68
N PHE D 144 -16.99 -24.40 -30.77
CA PHE D 144 -15.63 -23.91 -30.96
C PHE D 144 -14.95 -24.57 -32.16
N SER D 145 -15.33 -25.81 -32.47
CA SER D 145 -14.75 -26.47 -33.64
C SER D 145 -15.22 -25.83 -34.93
N LYS D 146 -16.51 -25.50 -35.03
CA LYS D 146 -17.02 -24.85 -36.23
C LYS D 146 -16.40 -23.47 -36.42
N ILE D 147 -16.13 -22.75 -35.33
CA ILE D 147 -15.48 -21.44 -35.44
C ILE D 147 -14.10 -21.59 -36.06
N VAL D 148 -13.32 -22.54 -35.56
CA VAL D 148 -11.97 -22.76 -36.10
C VAL D 148 -12.06 -23.26 -37.54
N ARG D 149 -13.03 -24.12 -37.84
CA ARG D 149 -13.16 -24.65 -39.19
C ARG D 149 -13.59 -23.57 -40.17
N ASP D 150 -14.54 -22.72 -39.79
CA ASP D 150 -15.01 -21.67 -40.69
C ASP D 150 -13.93 -20.62 -40.93
N LEU D 151 -13.05 -20.40 -39.96
CA LEU D 151 -11.99 -19.40 -40.10
C LEU D 151 -10.71 -19.95 -40.69
N SER D 152 -10.46 -21.27 -40.57
CA SER D 152 -9.24 -21.84 -41.12
C SER D 152 -9.22 -21.76 -42.64
N GLN D 153 -10.37 -21.84 -43.28
CA GLN D 153 -10.47 -21.65 -44.73
C GLN D 153 -10.43 -20.18 -45.13
N LEU D 154 -10.00 -19.31 -44.21
CA LEU D 154 -9.85 -17.89 -44.49
C LEU D 154 -8.47 -17.34 -44.19
N SER D 155 -7.68 -18.01 -43.35
CA SER D 155 -6.33 -17.56 -43.01
C SER D 155 -5.63 -18.69 -42.27
N ASP D 156 -4.30 -18.65 -42.28
CA ASP D 156 -3.50 -19.58 -41.51
C ASP D 156 -3.17 -19.05 -40.11
N SER D 157 -3.85 -17.99 -39.68
CA SER D 157 -3.65 -17.42 -38.35
C SER D 157 -4.98 -16.89 -37.85
N ILE D 158 -5.39 -17.34 -36.67
CA ILE D 158 -6.63 -16.92 -36.04
C ILE D 158 -6.27 -16.11 -34.80
N ASN D 159 -6.94 -14.97 -34.61
CA ASN D 159 -6.69 -14.07 -33.50
C ASN D 159 -7.86 -14.11 -32.52
N ILE D 160 -7.56 -14.29 -31.24
CA ILE D 160 -8.56 -14.30 -30.18
C ILE D 160 -8.43 -12.99 -29.43
N MET D 161 -9.44 -12.13 -29.56
CA MET D 161 -9.45 -10.83 -28.90
C MET D 161 -10.62 -10.79 -27.92
N ILE D 162 -10.33 -10.56 -26.65
CA ILE D 162 -11.33 -10.51 -25.59
C ILE D 162 -11.29 -9.13 -24.95
N THR D 163 -12.40 -8.42 -25.01
CA THR D 163 -12.50 -7.09 -24.41
C THR D 163 -13.96 -6.73 -24.23
N CYS D 164 -14.26 -6.05 -23.12
CA CYS D 164 -15.60 -5.56 -22.81
C CYS D 164 -16.62 -6.69 -22.76
N GLU D 165 -16.24 -7.78 -22.09
CA GLU D 165 -17.09 -8.96 -21.93
C GLU D 165 -17.57 -9.47 -23.29
N THR D 166 -16.62 -9.59 -24.22
CA THR D 166 -16.93 -10.01 -25.59
C THR D 166 -15.74 -10.76 -26.14
N ILE D 167 -16.00 -11.91 -26.76
CA ILE D 167 -14.97 -12.75 -27.35
C ILE D 167 -15.10 -12.68 -28.86
N LYS D 168 -14.07 -12.14 -29.51
CA LYS D 168 -14.07 -11.93 -30.96
C LYS D 168 -12.92 -12.72 -31.58
N PHE D 169 -13.26 -13.67 -32.44
CA PHE D 169 -12.27 -14.42 -33.20
C PHE D 169 -12.09 -13.76 -34.56
N VAL D 170 -10.86 -13.40 -34.88
CA VAL D 170 -10.55 -12.66 -36.11
C VAL D 170 -9.64 -13.52 -36.98
N ALA D 171 -9.91 -13.51 -38.28
CA ALA D 171 -9.10 -14.22 -39.27
C ALA D 171 -8.83 -13.28 -40.44
N ASP D 172 -7.58 -12.88 -40.60
CA ASP D 172 -7.17 -11.96 -41.66
C ASP D 172 -6.29 -12.75 -42.63
N GLY D 173 -6.80 -12.96 -43.85
CA GLY D 173 -6.10 -13.69 -44.88
C GLY D 173 -5.76 -12.84 -46.08
N ASP D 174 -5.27 -13.52 -47.12
CA ASP D 174 -4.89 -12.83 -48.36
C ASP D 174 -6.11 -12.56 -49.23
N ILE D 175 -6.97 -13.57 -49.40
CA ILE D 175 -8.15 -13.40 -50.24
C ILE D 175 -9.20 -12.56 -49.53
N GLY D 176 -9.51 -12.90 -48.27
CA GLY D 176 -10.49 -12.16 -47.53
C GLY D 176 -10.27 -12.29 -46.03
N SER D 177 -11.21 -11.71 -45.28
CA SER D 177 -11.14 -11.74 -43.83
C SER D 177 -12.52 -11.98 -43.26
N GLY D 178 -12.57 -12.57 -42.07
CA GLY D 178 -13.83 -12.85 -41.40
C GLY D 178 -13.69 -12.74 -39.90
N SER D 179 -14.82 -12.85 -39.21
CA SER D 179 -14.83 -12.73 -37.76
C SER D 179 -16.05 -13.43 -37.20
N VAL D 180 -15.91 -13.91 -35.96
CA VAL D 180 -17.01 -14.52 -35.22
C VAL D 180 -16.99 -13.97 -33.80
N ILE D 181 -18.12 -13.43 -33.36
CA ILE D 181 -18.24 -12.82 -32.04
C ILE D 181 -19.23 -13.64 -31.22
N ILE D 182 -18.81 -14.08 -30.04
CA ILE D 182 -19.68 -14.80 -29.11
C ILE D 182 -19.76 -14.02 -27.80
N LYS D 183 -20.92 -14.07 -27.16
CA LYS D 183 -21.19 -13.31 -25.96
C LYS D 183 -21.34 -14.24 -24.76
N PRO D 184 -20.70 -13.94 -23.64
CA PRO D 184 -20.79 -14.83 -22.48
C PRO D 184 -22.19 -14.88 -21.90
N PHE D 185 -22.56 -16.06 -21.40
CA PHE D 185 -23.85 -16.29 -20.77
C PHE D 185 -23.80 -17.62 -20.05
N VAL D 186 -24.48 -17.70 -18.91
CA VAL D 186 -24.58 -18.93 -18.12
C VAL D 186 -26.06 -19.11 -17.78
N ASP D 187 -26.74 -19.99 -18.52
CA ASP D 187 -28.15 -20.28 -18.28
C ASP D 187 -28.27 -21.37 -17.23
N MET D 188 -29.04 -21.09 -16.17
CA MET D 188 -29.19 -22.06 -15.09
C MET D 188 -30.01 -23.27 -15.52
N GLU D 189 -30.94 -23.09 -16.45
CA GLU D 189 -31.78 -24.22 -16.87
C GLU D 189 -30.99 -25.22 -17.71
N HIS D 190 -29.94 -24.76 -18.40
CA HIS D 190 -29.08 -25.64 -19.20
C HIS D 190 -27.64 -25.15 -19.07
N PRO D 191 -27.00 -25.42 -17.93
CA PRO D 191 -25.63 -24.91 -17.72
C PRO D 191 -24.60 -25.55 -18.63
N GLU D 192 -24.86 -26.75 -19.16
CA GLU D 192 -23.87 -27.45 -19.97
C GLU D 192 -23.66 -26.79 -21.33
N THR D 193 -24.57 -25.92 -21.76
CA THR D 193 -24.48 -25.25 -23.04
C THR D 193 -24.07 -23.79 -22.91
N SER D 194 -23.40 -23.44 -21.83
CA SER D 194 -23.07 -22.04 -21.54
C SER D 194 -21.72 -21.67 -22.13
N ILE D 195 -21.51 -20.37 -22.27
CA ILE D 195 -20.22 -19.79 -22.66
C ILE D 195 -19.76 -18.95 -21.49
N LYS D 196 -19.02 -19.58 -20.56
CA LYS D 196 -18.58 -18.92 -19.35
C LYS D 196 -17.26 -18.18 -19.61
N LEU D 197 -17.15 -16.99 -19.05
CA LEU D 197 -15.95 -16.16 -19.20
C LEU D 197 -15.56 -15.56 -17.86
N GLU D 198 -14.32 -15.79 -17.46
CA GLU D 198 -13.73 -15.22 -16.25
C GLU D 198 -12.54 -14.38 -16.70
N MET D 199 -12.81 -13.12 -17.01
CA MET D 199 -11.83 -12.21 -17.60
C MET D 199 -11.20 -11.36 -16.49
N ASP D 200 -9.96 -11.68 -16.14
CA ASP D 200 -9.19 -10.86 -15.20
C ASP D 200 -8.45 -9.73 -15.89
N GLN D 201 -8.16 -9.86 -17.18
CA GLN D 201 -7.43 -8.86 -17.95
C GLN D 201 -7.70 -9.07 -19.44
N PRO D 202 -7.99 -8.01 -20.19
CA PRO D 202 -8.26 -8.18 -21.63
C PRO D 202 -7.03 -8.68 -22.36
N VAL D 203 -7.19 -9.79 -23.08
CA VAL D 203 -6.09 -10.43 -23.79
C VAL D 203 -6.32 -10.28 -25.29
N ASP D 204 -5.22 -10.43 -26.04
CA ASP D 204 -5.27 -10.33 -27.50
C ASP D 204 -4.11 -11.16 -28.04
N LEU D 205 -4.41 -12.39 -28.46
CA LEU D 205 -3.40 -13.34 -28.90
C LEU D 205 -3.70 -13.78 -30.33
N THR D 206 -2.79 -14.58 -30.89
CA THR D 206 -2.93 -15.09 -32.25
C THR D 206 -2.27 -16.46 -32.32
N PHE D 207 -2.96 -17.42 -32.94
CA PHE D 207 -2.48 -18.78 -33.04
C PHE D 207 -2.58 -19.27 -34.48
N GLY D 208 -1.71 -20.22 -34.83
CA GLY D 208 -1.73 -20.78 -36.16
C GLY D 208 -2.97 -21.63 -36.38
N ALA D 209 -3.54 -21.52 -37.58
CA ALA D 209 -4.78 -22.23 -37.88
C ALA D 209 -4.56 -23.74 -37.94
N LYS D 210 -3.46 -24.17 -38.54
CA LYS D 210 -3.18 -25.61 -38.64
C LYS D 210 -2.99 -26.24 -37.27
N TYR D 211 -2.53 -25.46 -36.29
CA TYR D 211 -2.40 -25.98 -34.93
C TYR D 211 -3.75 -26.09 -34.24
N LEU D 212 -4.62 -25.10 -34.43
CA LEU D 212 -5.95 -25.17 -33.84
C LEU D 212 -6.80 -26.26 -34.51
N LEU D 213 -6.58 -26.52 -35.79
CA LEU D 213 -7.31 -27.58 -36.47
C LEU D 213 -7.00 -28.95 -35.88
N ASP D 214 -5.80 -29.13 -35.33
CA ASP D 214 -5.48 -30.37 -34.63
C ASP D 214 -6.06 -30.40 -33.22
N ILE D 215 -6.22 -29.24 -32.59
CA ILE D 215 -6.73 -29.19 -31.22
C ILE D 215 -8.21 -29.53 -31.18
N ILE D 216 -8.98 -29.00 -32.14
CA ILE D 216 -10.42 -29.23 -32.15
C ILE D 216 -10.79 -30.68 -32.37
N LYS D 217 -9.83 -31.53 -32.76
CA LYS D 217 -10.10 -32.95 -32.95
C LYS D 217 -10.37 -33.68 -31.64
N GLY D 218 -10.12 -33.05 -30.50
CA GLY D 218 -10.50 -33.59 -29.22
C GLY D 218 -11.94 -33.36 -28.83
N SER D 219 -12.76 -32.88 -29.76
CA SER D 219 -14.16 -32.59 -29.46
C SER D 219 -14.95 -33.85 -29.13
N SER D 220 -14.52 -35.00 -29.65
CA SER D 220 -15.22 -36.25 -29.40
C SER D 220 -15.15 -36.67 -27.94
N LEU D 221 -14.20 -36.12 -27.16
CA LEU D 221 -14.07 -36.49 -25.76
C LEU D 221 -15.12 -35.80 -24.89
N SER D 222 -15.01 -34.48 -24.75
CA SER D 222 -15.90 -33.71 -23.90
C SER D 222 -16.81 -32.83 -24.74
N ASP D 223 -18.00 -32.57 -24.21
CA ASP D 223 -18.93 -31.66 -24.87
C ASP D 223 -18.47 -30.20 -24.78
N ARG D 224 -17.55 -29.89 -23.87
CA ARG D 224 -17.07 -28.55 -23.67
C ARG D 224 -15.54 -28.53 -23.73
N VAL D 225 -14.99 -27.36 -24.01
CA VAL D 225 -13.55 -27.14 -24.06
C VAL D 225 -13.22 -25.86 -23.32
N GLY D 226 -12.18 -25.91 -22.48
CA GLY D 226 -11.73 -24.76 -21.72
C GLY D 226 -10.49 -24.16 -22.35
N ILE D 227 -10.50 -22.84 -22.50
CA ILE D 227 -9.40 -22.10 -23.11
C ILE D 227 -8.89 -21.10 -22.08
N ARG D 228 -7.66 -21.31 -21.62
CA ARG D 228 -7.00 -20.43 -20.66
C ARG D 228 -5.90 -19.68 -21.39
N LEU D 229 -6.07 -18.37 -21.52
CA LEU D 229 -5.18 -17.52 -22.30
C LEU D 229 -4.36 -16.62 -21.38
N SER D 230 -3.08 -16.49 -21.68
CA SER D 230 -2.19 -15.60 -20.93
C SER D 230 -1.30 -14.86 -21.91
N SER D 231 -0.82 -13.69 -21.47
CA SER D 231 0.03 -12.87 -22.33
C SER D 231 1.43 -13.47 -22.45
N GLU D 232 2.10 -13.65 -21.32
CA GLU D 232 3.47 -14.17 -21.29
C GLU D 232 3.51 -15.65 -20.99
N ALA D 233 2.64 -16.42 -21.65
CA ALA D 233 2.54 -17.85 -21.41
C ALA D 233 1.78 -18.48 -22.56
N PRO D 234 2.00 -19.76 -22.85
CA PRO D 234 1.24 -20.42 -23.93
C PRO D 234 -0.19 -20.69 -23.49
N ALA D 235 -1.08 -20.75 -24.48
CA ALA D 235 -2.48 -21.03 -24.21
C ALA D 235 -2.67 -22.49 -23.78
N LEU D 236 -3.82 -22.75 -23.16
CA LEU D 236 -4.15 -24.08 -22.65
C LEU D 236 -5.56 -24.44 -23.08
N PHE D 237 -5.66 -25.38 -24.01
CA PHE D 237 -6.95 -25.92 -24.47
C PHE D 237 -7.12 -27.31 -23.86
N GLN D 238 -8.18 -27.47 -23.06
CA GLN D 238 -8.37 -28.68 -22.28
C GLN D 238 -9.74 -29.29 -22.53
N PHE D 239 -9.78 -30.61 -22.61
CA PHE D 239 -11.01 -31.38 -22.73
C PHE D 239 -11.10 -32.33 -21.54
N ASP D 240 -12.17 -32.21 -20.76
CA ASP D 240 -12.30 -32.98 -19.53
C ASP D 240 -12.84 -34.37 -19.81
N LEU D 241 -12.24 -35.38 -19.18
CA LEU D 241 -12.71 -36.74 -19.21
C LEU D 241 -13.48 -37.04 -17.92
N LYS D 242 -13.83 -38.31 -17.71
CA LYS D 242 -14.52 -38.68 -16.48
C LYS D 242 -13.62 -38.50 -15.26
N SER D 243 -12.38 -38.97 -15.35
CA SER D 243 -11.41 -38.80 -14.27
C SER D 243 -10.11 -38.18 -14.74
N GLY D 244 -9.97 -37.86 -16.03
CA GLY D 244 -8.76 -37.25 -16.54
C GLY D 244 -9.03 -36.13 -17.52
N PHE D 245 -8.08 -35.87 -18.41
CA PHE D 245 -8.24 -34.78 -19.38
C PHE D 245 -7.19 -34.94 -20.48
N LEU D 246 -7.48 -34.33 -21.62
CA LEU D 246 -6.54 -34.18 -22.73
C LEU D 246 -6.39 -32.70 -23.01
N GLN D 247 -5.21 -32.15 -22.74
CA GLN D 247 -4.96 -30.72 -22.87
C GLN D 247 -3.80 -30.48 -23.84
N PHE D 248 -3.81 -29.28 -24.42
CA PHE D 248 -2.81 -28.86 -25.40
C PHE D 248 -2.20 -27.54 -24.97
N PHE D 249 -0.89 -27.43 -25.15
CA PHE D 249 -0.14 -26.21 -24.82
C PHE D 249 0.39 -25.61 -26.10
N LEU D 250 -0.31 -24.60 -26.63
CA LEU D 250 0.10 -23.91 -27.84
C LEU D 250 0.54 -22.50 -27.49
N ALA D 251 1.73 -22.12 -27.96
CA ALA D 251 2.25 -20.78 -27.71
C ALA D 251 1.78 -19.82 -28.80
N PRO D 252 1.31 -18.64 -28.45
CA PRO D 252 0.82 -17.71 -29.46
C PRO D 252 1.96 -17.13 -30.30
N LYS D 253 1.59 -16.55 -31.44
CA LYS D 253 2.55 -15.95 -32.35
C LYS D 253 2.83 -14.51 -31.94
N PHE D 254 4.03 -14.04 -32.29
CA PHE D 254 4.43 -12.68 -31.98
C PHE D 254 5.16 -12.05 -33.16
C PRO E 9 -10.68 14.82 26.46
N THR E 10 -10.57 13.55 26.10
CA THR E 10 -9.56 12.67 26.69
C THR E 10 -8.83 11.86 25.62
N ILE E 11 -7.63 11.40 25.95
CA ILE E 11 -6.82 10.65 25.01
C ILE E 11 -7.23 9.18 25.04
N HIS E 12 -7.39 8.58 23.86
CA HIS E 12 -7.71 7.17 23.72
C HIS E 12 -6.47 6.43 23.25
N PHE E 13 -5.88 5.62 24.13
CA PHE E 13 -4.70 4.85 23.78
C PHE E 13 -5.09 3.57 23.05
N LYS E 14 -4.12 3.00 22.35
CA LYS E 14 -4.35 1.75 21.64
C LYS E 14 -4.39 0.58 22.62
N GLU E 15 -5.38 -0.29 22.47
CA GLU E 15 -5.54 -1.40 23.40
C GLU E 15 -4.43 -2.43 23.23
N SER E 16 -4.01 -3.00 24.35
CA SER E 16 -2.99 -4.04 24.38
C SER E 16 -3.60 -5.37 24.84
N PRO E 17 -3.17 -6.49 24.26
CA PRO E 17 -3.70 -7.78 24.71
C PRO E 17 -3.18 -8.23 26.06
N PHE E 18 -2.11 -7.62 26.57
CA PHE E 18 -1.55 -8.00 27.86
C PHE E 18 -2.18 -7.25 29.03
N TYR E 19 -2.94 -6.19 28.76
CA TYR E 19 -3.63 -5.47 29.83
C TYR E 19 -4.82 -4.72 29.23
N LYS E 20 -5.96 -4.81 29.88
CA LYS E 20 -7.15 -4.08 29.47
C LYS E 20 -7.48 -3.03 30.52
N ILE E 21 -7.77 -1.81 30.07
CA ILE E 21 -7.99 -0.70 30.98
C ILE E 21 -9.31 -0.88 31.72
N GLN E 22 -9.27 -0.79 33.04
CA GLN E 22 -10.45 -0.97 33.86
C GLN E 22 -11.03 0.38 34.29
N ARG E 23 -10.34 1.07 35.20
CA ARG E 23 -10.86 2.29 35.80
C ARG E 23 -9.74 3.33 35.87
N LEU E 24 -10.13 4.60 35.87
CA LEU E 24 -9.20 5.72 35.94
C LEU E 24 -9.14 6.26 37.37
N ILE E 25 -7.95 6.67 37.78
CA ILE E 25 -7.77 7.41 39.02
C ILE E 25 -7.93 8.90 38.69
N PRO E 26 -9.03 9.54 39.08
CA PRO E 26 -9.26 10.93 38.64
C PRO E 26 -8.22 11.90 39.15
N GLU E 27 -7.70 11.70 40.35
CA GLU E 27 -6.70 12.62 40.89
C GLU E 27 -5.33 12.46 40.22
N LEU E 28 -5.07 11.30 39.60
CA LEU E 28 -3.76 11.01 39.04
C LEU E 28 -3.75 11.33 37.54
N VAL E 29 -3.79 12.63 37.26
CA VAL E 29 -3.62 13.15 35.90
C VAL E 29 -2.78 14.42 36.00
N MET E 30 -1.88 14.60 35.03
CA MET E 30 -1.01 15.77 35.02
C MET E 30 -0.66 16.12 33.59
N ASN E 31 -0.32 17.38 33.38
CA ASN E 31 -0.02 17.93 32.06
C ASN E 31 1.44 18.30 31.95
N VAL E 32 2.02 18.07 30.78
CA VAL E 32 3.38 18.48 30.46
C VAL E 32 3.30 19.64 29.46
N GLU E 33 3.97 20.74 29.79
CA GLU E 33 3.92 21.94 28.97
C GLU E 33 5.17 22.05 28.10
N VAL E 34 5.05 22.81 27.02
CA VAL E 34 6.18 23.08 26.14
C VAL E 34 7.12 24.06 26.83
N THR E 35 8.39 23.69 26.94
CA THR E 35 9.37 24.54 27.61
C THR E 35 10.75 24.29 27.00
N GLY E 36 11.60 25.30 27.11
CA GLY E 36 12.97 25.18 26.64
C GLY E 36 13.91 24.78 27.76
N GLY E 37 13.48 24.99 29.00
CA GLY E 37 14.28 24.64 30.16
C GLY E 37 13.71 23.48 30.94
N ARG E 38 13.89 23.50 32.25
CA ARG E 38 13.40 22.42 33.09
C ARG E 38 11.91 22.57 33.37
N GLY E 39 11.26 21.44 33.66
CA GLY E 39 9.85 21.44 33.98
C GLY E 39 9.53 20.34 34.96
N MET E 40 8.36 20.45 35.58
CA MET E 40 7.97 19.53 36.63
C MET E 40 6.46 19.60 36.84
N CYS E 41 5.81 18.44 36.85
CA CYS E 41 4.39 18.34 37.18
C CYS E 41 4.20 17.17 38.13
N SER E 42 3.53 17.43 39.24
CA SER E 42 3.27 16.41 40.25
C SER E 42 1.78 16.11 40.32
N ALA E 43 1.45 15.05 41.07
CA ALA E 43 0.08 14.63 41.24
C ALA E 43 -0.03 13.81 42.52
N LYS E 44 -0.94 14.20 43.40
CA LYS E 44 -1.19 13.49 44.65
C LYS E 44 -2.55 12.80 44.57
N PHE E 45 -2.59 11.56 45.05
CA PHE E 45 -3.82 10.77 44.99
C PHE E 45 -3.83 9.78 46.15
N LYS E 46 -5.02 9.50 46.65
CA LYS E 46 -5.23 8.57 47.74
C LYS E 46 -6.12 7.43 47.27
N LEU E 47 -5.75 6.21 47.65
CA LEU E 47 -6.49 5.02 47.26
C LEU E 47 -7.34 4.52 48.42
N SER E 48 -8.50 3.96 48.08
CA SER E 48 -9.36 3.37 49.09
C SER E 48 -8.78 2.04 49.56
N LYS E 49 -9.31 1.53 50.66
CA LYS E 49 -8.88 0.23 51.16
C LYS E 49 -9.15 -0.87 50.14
N ALA E 50 -10.25 -0.76 49.39
CA ALA E 50 -10.56 -1.75 48.36
C ALA E 50 -9.54 -1.71 47.23
N ASP E 51 -9.19 -0.51 46.77
CA ASP E 51 -8.22 -0.39 45.68
C ASP E 51 -6.82 -0.81 46.12
N TYR E 52 -6.44 -0.46 47.35
CA TYR E 52 -5.12 -0.85 47.84
C TYR E 52 -5.02 -2.36 47.98
N ASN E 53 -6.04 -2.98 48.58
CA ASN E 53 -6.05 -4.45 48.70
C ASN E 53 -6.13 -5.11 47.34
N LEU E 54 -6.82 -4.49 46.38
CA LEU E 54 -6.89 -5.05 45.04
C LEU E 54 -5.52 -5.04 44.36
N LEU E 55 -4.73 -3.99 44.59
CA LEU E 55 -3.42 -3.88 43.97
C LEU E 55 -2.31 -4.53 44.79
N SER E 56 -2.41 -4.50 46.12
CA SER E 56 -1.40 -5.11 46.98
C SER E 56 -1.67 -6.58 47.27
N ASN E 57 -2.73 -7.15 46.69
CA ASN E 57 -3.03 -8.56 46.93
C ASN E 57 -1.92 -9.43 46.33
N PRO E 58 -1.45 -10.44 47.06
CA PRO E 58 -0.44 -11.33 46.48
C PRO E 58 -1.01 -12.13 45.33
N ASN E 59 -0.24 -12.21 44.25
CA ASN E 59 -0.65 -12.90 43.03
C ASN E 59 -1.93 -12.32 42.47
N SER E 60 -2.05 -10.99 42.49
CA SER E 60 -3.17 -10.28 41.90
C SER E 60 -2.84 -9.89 40.46
N LYS E 61 -3.88 -9.85 39.63
CA LYS E 61 -3.72 -9.55 38.22
C LYS E 61 -4.09 -8.11 37.88
N HIS E 62 -4.15 -7.23 38.88
CA HIS E 62 -4.47 -5.82 38.69
C HIS E 62 -3.24 -4.97 38.99
N ARG E 63 -2.98 -4.00 38.14
CA ARG E 63 -1.87 -3.07 38.29
C ARG E 63 -2.37 -1.65 38.17
N LEU E 64 -1.51 -0.70 38.52
CA LEU E 64 -1.77 0.73 38.39
C LEU E 64 -0.74 1.30 37.41
N TYR E 65 -1.12 1.35 36.13
CA TYR E 65 -0.21 1.82 35.09
C TYR E 65 -0.37 3.31 34.87
N LEU E 66 0.73 3.95 34.48
CA LEU E 66 0.76 5.38 34.18
C LEU E 66 0.94 5.55 32.68
N PHE E 67 -0.12 6.05 32.02
CA PHE E 67 -0.09 6.28 30.58
C PHE E 67 0.35 7.71 30.28
N SER E 68 1.02 7.88 29.14
CA SER E 68 1.48 9.18 28.68
C SER E 68 1.16 9.32 27.20
N GLY E 69 0.32 10.30 26.87
CA GLY E 69 -0.07 10.57 25.50
C GLY E 69 0.42 11.93 25.05
N MET E 70 0.90 12.00 23.81
CA MET E 70 1.33 13.27 23.24
C MET E 70 0.12 14.05 22.76
N ILE E 71 0.00 15.29 23.21
CA ILE E 71 -1.15 16.13 22.86
C ILE E 71 -0.90 16.75 21.49
N ASN E 72 -1.82 16.50 20.55
CA ASN E 72 -1.75 17.08 19.22
C ASN E 72 -2.90 18.06 19.05
N PRO E 73 -2.63 19.36 18.90
CA PRO E 73 -3.72 20.33 18.74
C PRO E 73 -4.51 20.17 17.45
N LEU E 74 -3.95 19.47 16.45
CA LEU E 74 -4.68 19.25 15.21
C LEU E 74 -5.86 18.31 15.41
N GLY E 75 -5.76 17.38 16.36
CA GLY E 75 -6.82 16.42 16.61
C GLY E 75 -6.29 15.03 16.87
N SER E 76 -7.18 14.06 17.01
CA SER E 76 -6.79 12.68 17.28
C SER E 76 -7.75 11.72 16.58
N ARG E 77 -7.21 10.59 16.14
CA ARG E 77 -8.00 9.55 15.48
C ARG E 77 -8.17 8.33 16.38
N GLY E 78 -7.71 8.39 17.62
CA GLY E 78 -7.74 7.26 18.53
C GLY E 78 -6.55 6.34 18.34
N ASN E 79 -6.49 5.34 19.21
CA ASN E 79 -5.38 4.37 19.22
C ASN E 79 -4.04 5.07 19.31
N GLU E 80 -3.96 6.09 20.15
CA GLU E 80 -2.73 6.86 20.28
C GLU E 80 -1.67 6.02 20.99
N PRO E 81 -0.42 6.08 20.55
CA PRO E 81 0.65 5.34 21.24
C PRO E 81 1.00 5.97 22.57
N ILE E 82 1.88 5.32 23.32
CA ILE E 82 2.36 5.82 24.61
C ILE E 82 3.67 6.53 24.38
N GLN E 83 3.72 7.82 24.71
CA GLN E 83 4.90 8.64 24.46
C GLN E 83 5.12 9.56 25.67
N PHE E 84 6.22 9.34 26.38
CA PHE E 84 6.67 10.20 27.46
C PHE E 84 7.63 11.24 26.92
N PRO E 85 7.76 12.39 27.59
CA PRO E 85 8.79 13.35 27.21
C PRO E 85 10.17 12.89 27.65
N PHE E 86 11.16 13.13 26.81
CA PHE E 86 12.54 12.73 27.12
C PHE E 86 13.50 13.88 26.89
N PRO E 87 14.51 14.03 27.77
CA PRO E 87 14.77 13.19 28.96
C PRO E 87 13.78 13.46 30.08
N ASN E 88 13.68 12.55 31.03
CA ASN E 88 12.74 12.70 32.13
C ASN E 88 13.22 11.91 33.34
N GLU E 89 12.57 12.17 34.48
CA GLU E 89 12.74 11.38 35.69
C GLU E 89 11.36 11.17 36.29
N LEU E 90 10.90 9.92 36.33
CA LEU E 90 9.60 9.57 36.87
C LEU E 90 9.77 9.04 38.29
N ARG E 91 9.17 9.74 39.25
CA ARG E 91 9.29 9.39 40.66
C ARG E 91 7.90 9.10 41.23
N CYS E 92 7.82 8.03 42.02
CA CYS E 92 6.59 7.64 42.69
C CYS E 92 6.91 7.48 44.18
N ASN E 93 6.51 8.46 44.98
CA ASN E 93 6.84 8.51 46.41
C ASN E 93 8.36 8.47 46.61
N ASN E 94 9.04 9.39 45.94
CA ASN E 94 10.50 9.55 45.98
C ASN E 94 11.26 8.34 45.45
N VAL E 95 10.56 7.37 44.85
CA VAL E 95 11.20 6.20 44.27
C VAL E 95 11.34 6.45 42.77
N GLN E 96 12.59 6.50 42.30
CA GLN E 96 12.86 6.73 40.89
C GLN E 96 12.44 5.50 40.10
N ILE E 97 11.41 5.64 39.27
CA ILE E 97 10.90 4.53 38.48
C ILE E 97 11.80 4.34 37.27
N LYS E 98 12.35 3.13 37.12
CA LYS E 98 13.27 2.81 36.05
C LYS E 98 12.64 1.91 34.99
N ASP E 99 11.31 1.85 34.93
CA ASP E 99 10.63 1.05 33.93
C ASP E 99 10.95 1.56 32.53
N ASN E 100 10.86 0.66 31.55
CA ASN E 100 11.11 1.02 30.16
C ASN E 100 9.85 1.68 29.60
N ILE E 101 9.87 3.00 29.55
CA ILE E 101 8.77 3.78 28.99
C ILE E 101 9.16 4.46 27.69
N ARG E 102 10.32 4.12 27.14
CA ARG E 102 10.79 4.73 25.90
C ARG E 102 10.45 3.88 24.68
N GLY E 103 10.75 2.59 24.74
CA GLY E 103 10.56 1.74 23.59
C GLY E 103 11.56 2.07 22.50
N PHE E 104 11.09 2.06 21.25
CA PHE E 104 11.90 2.43 20.10
C PHE E 104 11.42 3.77 19.57
N LYS E 105 12.33 4.72 19.44
CA LYS E 105 11.94 6.07 19.00
C LYS E 105 11.39 6.05 17.58
N SER E 106 11.91 5.18 16.72
CA SER E 106 11.47 5.17 15.33
C SER E 106 10.09 4.56 15.15
N LYS E 107 9.63 3.74 16.10
CA LYS E 107 8.36 3.04 16.01
C LYS E 107 7.49 3.40 17.21
N PRO E 108 6.71 4.47 17.12
CA PRO E 108 5.77 4.77 18.20
C PRO E 108 4.74 3.66 18.37
N GLY E 109 4.43 3.34 19.62
CA GLY E 109 3.59 2.21 19.96
C GLY E 109 4.33 1.08 20.63
N THR E 110 5.67 1.14 20.66
CA THR E 110 6.47 0.13 21.35
C THR E 110 6.71 0.48 22.82
N ALA E 111 6.45 1.71 23.23
CA ALA E 111 6.62 2.09 24.62
C ALA E 111 5.49 1.55 25.48
N LYS E 112 5.84 1.08 26.67
CA LYS E 112 4.89 0.50 27.60
C LYS E 112 4.59 1.47 28.73
N PRO E 113 3.47 1.30 29.43
CA PRO E 113 3.17 2.18 30.56
C PRO E 113 4.15 1.95 31.71
N ALA E 114 4.01 2.79 32.74
CA ALA E 114 4.86 2.72 33.92
C ALA E 114 4.08 2.03 35.05
N ASP E 115 4.73 1.10 35.72
CA ASP E 115 4.10 0.33 36.79
C ASP E 115 4.29 1.09 38.11
N LEU E 116 3.20 1.71 38.59
CA LEU E 116 3.22 2.42 39.87
C LEU E 116 2.91 1.54 41.06
N THR E 117 2.50 0.28 40.83
CA THR E 117 2.04 -0.58 41.91
C THR E 117 3.10 -0.85 42.98
N PRO E 118 4.33 -1.24 42.64
CA PRO E 118 5.29 -1.62 43.70
C PRO E 118 5.68 -0.49 44.64
N HIS E 119 5.33 0.76 44.33
CA HIS E 119 5.78 1.90 45.11
C HIS E 119 4.65 2.63 45.82
N LEU E 120 3.47 2.01 45.92
CA LEU E 120 2.34 2.67 46.54
C LEU E 120 2.47 2.67 48.06
N LYS E 121 1.96 3.75 48.68
CA LYS E 121 1.86 3.84 50.11
C LYS E 121 0.62 3.12 50.61
N PRO E 122 0.54 2.81 51.90
CA PRO E 122 -0.71 2.27 52.45
C PRO E 122 -1.88 3.21 52.21
N TYR E 123 -3.08 2.63 52.16
CA TYR E 123 -4.27 3.39 51.76
C TYR E 123 -4.54 4.57 52.69
N THR E 124 -4.00 4.55 53.91
CA THR E 124 -4.20 5.67 54.82
C THR E 124 -3.40 6.89 54.41
N GLN E 125 -2.23 6.69 53.80
CA GLN E 125 -1.35 7.79 53.45
C GLN E 125 -1.63 8.27 52.02
N GLN E 126 -1.02 9.40 51.67
CA GLN E 126 -1.23 10.04 50.37
C GLN E 126 -0.05 9.75 49.46
N ASN E 127 -0.34 9.30 48.24
CA ASN E 127 0.70 9.04 47.26
C ASN E 127 1.07 10.32 46.50
N ASN E 128 2.22 10.27 45.84
CA ASN E 128 2.72 11.43 45.11
C ASN E 128 3.55 10.96 43.93
N VAL E 129 3.12 11.30 42.72
CA VAL E 129 3.83 10.99 41.50
C VAL E 129 4.42 12.28 40.94
N GLU E 130 5.67 12.22 40.50
CA GLU E 130 6.37 13.39 39.99
C GLU E 130 7.05 13.03 38.67
N LEU E 131 6.93 13.92 37.69
CA LEU E 131 7.55 13.74 36.37
C LEU E 131 8.30 15.02 36.02
N ILE E 132 9.63 14.95 35.99
CA ILE E 132 10.48 16.06 35.61
C ILE E 132 10.81 15.93 34.13
N TYR E 133 10.80 17.05 33.41
CA TYR E 133 11.08 17.04 31.99
C TYR E 133 11.93 18.26 31.63
N ALA E 134 12.55 18.20 30.46
CA ALA E 134 13.44 19.27 30.01
C ALA E 134 13.41 19.35 28.49
N PHE E 135 13.30 20.56 27.97
CA PHE E 135 13.29 20.83 26.53
C PHE E 135 12.24 19.98 25.83
N THR E 136 10.99 20.30 26.11
CA THR E 136 9.84 19.65 25.51
C THR E 136 9.32 20.49 24.36
N THR E 137 9.20 19.89 23.17
CA THR E 137 8.68 20.58 22.01
C THR E 137 7.18 20.37 21.82
N LYS E 138 6.61 19.34 22.44
CA LYS E 138 5.19 19.04 22.36
C LYS E 138 4.61 19.00 23.76
N GLU E 139 3.28 18.95 23.82
CA GLU E 139 2.56 18.80 25.08
C GLU E 139 2.20 17.33 25.31
N TYR E 140 2.23 16.92 26.57
CA TYR E 140 1.94 15.55 26.94
C TYR E 140 0.89 15.52 28.05
N LYS E 141 0.17 14.41 28.12
CA LYS E 141 -0.89 14.21 29.09
C LYS E 141 -0.71 12.86 29.77
N LEU E 142 -0.73 12.85 31.10
CA LEU E 142 -0.49 11.65 31.88
C LEU E 142 -1.79 11.15 32.48
N PHE E 143 -1.95 9.83 32.54
CA PHE E 143 -3.13 9.20 33.10
C PHE E 143 -2.73 8.02 33.95
N GLY E 144 -3.44 7.84 35.07
CA GLY E 144 -3.20 6.70 35.94
C GLY E 144 -4.38 5.74 35.96
N TYR E 145 -4.32 4.72 35.12
CA TYR E 145 -5.40 3.74 35.01
C TYR E 145 -5.09 2.48 35.83
N ILE E 146 -6.15 1.77 36.19
CA ILE E 146 -6.04 0.43 36.74
C ILE E 146 -6.30 -0.55 35.60
N VAL E 147 -5.39 -1.51 35.43
CA VAL E 147 -5.46 -2.46 34.35
C VAL E 147 -5.59 -3.87 34.92
N GLU E 148 -5.94 -4.82 34.05
CA GLU E 148 -6.01 -6.23 34.39
C GLU E 148 -5.01 -6.99 33.53
N MET E 149 -4.07 -7.68 34.18
CA MET E 149 -2.99 -8.33 33.46
C MET E 149 -3.49 -9.59 32.74
N ILE E 150 -2.92 -9.83 31.56
CA ILE E 150 -3.16 -11.06 30.81
C ILE E 150 -1.79 -11.68 30.51
N THR E 151 -1.61 -12.93 30.92
CA THR E 151 -0.33 -13.58 30.71
C THR E 151 -0.21 -14.08 29.27
N PRO E 152 1.02 -14.21 28.75
CA PRO E 152 1.19 -14.79 27.42
C PRO E 152 0.63 -16.20 27.31
N GLU E 153 0.60 -16.95 28.42
CA GLU E 153 -0.02 -18.28 28.40
C GLU E 153 -1.51 -18.19 28.15
N GLN E 154 -2.16 -17.14 28.65
CA GLN E 154 -3.59 -16.97 28.40
C GLN E 154 -3.87 -16.55 26.96
N LEU E 155 -2.98 -15.77 26.36
CA LEU E 155 -3.15 -15.39 24.96
C LEU E 155 -2.87 -16.55 24.01
N LEU E 156 -1.95 -17.45 24.39
CA LEU E 156 -1.63 -18.59 23.55
C LEU E 156 -2.84 -19.50 23.36
N GLU E 157 -3.70 -19.60 24.39
CA GLU E 157 -4.89 -20.44 24.27
C GLU E 157 -5.81 -19.94 23.16
N LYS E 158 -5.84 -18.63 22.92
CA LYS E 158 -6.64 -18.08 21.83
C LYS E 158 -5.99 -18.33 20.48
N VAL E 159 -4.67 -18.37 20.42
CA VAL E 159 -3.98 -18.62 19.15
C VAL E 159 -4.20 -20.04 18.69
N LEU E 160 -4.27 -20.99 19.63
CA LEU E 160 -4.50 -22.39 19.26
C LEU E 160 -5.90 -22.59 18.67
N GLN E 161 -6.86 -21.75 19.06
CA GLN E 161 -8.20 -21.84 18.50
C GLN E 161 -8.27 -21.36 17.07
N HIS E 162 -7.30 -20.54 16.63
CA HIS E 162 -7.31 -20.03 15.28
C HIS E 162 -7.15 -21.17 14.28
N PRO E 163 -7.73 -21.03 13.08
CA PRO E 163 -7.59 -22.08 12.06
C PRO E 163 -6.14 -22.25 11.65
N LYS E 164 -5.62 -23.46 11.84
CA LYS E 164 -4.23 -23.74 11.54
C LYS E 164 -3.95 -23.60 10.05
N ILE E 165 -2.71 -23.28 9.72
CA ILE E 165 -2.27 -23.28 8.33
C ILE E 165 -2.28 -24.72 7.83
N ILE E 166 -3.21 -25.03 6.93
CA ILE E 166 -3.40 -26.41 6.52
C ILE E 166 -2.15 -26.96 5.85
N LYS E 167 -1.99 -28.28 5.91
CA LYS E 167 -0.78 -28.92 5.41
C LYS E 167 -0.66 -28.80 3.90
N GLN E 168 -1.79 -28.85 3.19
CA GLN E 168 -1.74 -28.80 1.73
C GLN E 168 -1.34 -27.43 1.22
N ALA E 169 -1.60 -26.37 1.98
CA ALA E 169 -1.24 -25.02 1.54
C ALA E 169 0.27 -24.84 1.53
N THR E 170 0.95 -25.26 2.60
CA THR E 170 2.40 -25.15 2.64
C THR E 170 3.06 -26.09 1.64
N LEU E 171 2.40 -27.20 1.31
CA LEU E 171 2.94 -28.10 0.30
C LEU E 171 2.88 -27.47 -1.09
N LEU E 172 1.72 -26.90 -1.45
CA LEU E 172 1.59 -26.24 -2.74
C LEU E 172 2.49 -25.01 -2.81
N TYR E 173 2.59 -24.26 -1.71
CA TYR E 173 3.45 -23.08 -1.69
C TYR E 173 4.90 -23.46 -1.96
N LEU E 174 5.39 -24.51 -1.29
CA LEU E 174 6.75 -24.97 -1.54
C LEU E 174 6.90 -25.54 -2.95
N LYS E 175 5.88 -26.24 -3.44
CA LYS E 175 5.94 -26.77 -4.80
C LYS E 175 5.78 -25.67 -5.84
N LYS E 176 5.04 -24.61 -5.50
CA LYS E 176 4.86 -23.50 -6.44
C LYS E 176 6.16 -22.74 -6.66
N THR E 177 6.74 -22.21 -5.59
CA THR E 177 7.96 -21.42 -5.71
C THR E 177 9.13 -22.25 -6.21
N LEU E 178 9.09 -23.57 -6.06
CA LEU E 178 10.15 -24.43 -6.60
C LEU E 178 10.10 -24.46 -8.12
N ARG E 179 8.91 -24.68 -8.68
CA ARG E 179 8.78 -24.75 -10.13
C ARG E 179 8.96 -23.39 -10.80
N GLU E 180 8.72 -22.29 -10.08
CA GLU E 180 8.98 -20.97 -10.63
C GLU E 180 10.45 -20.78 -10.94
N ASP E 181 11.32 -21.15 -10.00
CA ASP E 181 12.76 -21.05 -10.24
C ASP E 181 13.20 -22.02 -11.33
N GLU E 182 12.58 -23.20 -11.39
CA GLU E 182 12.90 -24.15 -12.45
C GLU E 182 12.44 -23.62 -13.81
N GLU E 183 11.39 -22.81 -13.83
CA GLU E 183 10.94 -22.21 -15.08
C GLU E 183 11.95 -21.19 -15.61
N MET E 184 12.68 -20.53 -14.71
CA MET E 184 13.72 -19.60 -15.13
C MET E 184 15.02 -20.31 -15.47
N GLY E 185 15.33 -21.38 -14.75
CA GLY E 185 16.57 -22.11 -14.95
C GLY E 185 17.34 -22.28 -13.66
N LEU E 186 16.61 -22.39 -12.55
CA LEU E 186 17.20 -22.52 -11.22
C LEU E 186 16.57 -23.72 -10.53
N THR E 187 17.31 -24.82 -10.41
CA THR E 187 16.80 -26.04 -9.82
C THR E 187 17.25 -26.15 -8.37
N THR E 188 16.30 -26.36 -7.47
CA THR E 188 16.57 -26.53 -6.04
C THR E 188 16.38 -28.00 -5.69
N THR E 189 17.43 -28.61 -5.14
CA THR E 189 17.38 -30.02 -4.78
C THR E 189 16.64 -30.22 -3.47
N SER E 190 17.33 -29.99 -2.35
CA SER E 190 16.76 -30.15 -1.02
C SER E 190 16.83 -28.82 -0.27
N THR E 191 16.09 -28.77 0.84
CA THR E 191 16.02 -27.57 1.67
C THR E 191 16.09 -27.99 3.13
N ILE E 192 16.94 -27.32 3.90
CA ILE E 192 17.14 -27.63 5.32
C ILE E 192 16.38 -26.58 6.14
N MET E 193 15.41 -27.05 6.90
CA MET E 193 14.63 -26.20 7.80
C MET E 193 15.07 -26.42 9.24
N SER E 194 15.15 -25.34 10.00
CA SER E 194 15.51 -25.42 11.41
C SER E 194 14.27 -25.56 12.27
N LEU E 195 14.28 -26.53 13.17
CA LEU E 195 13.18 -26.72 14.11
C LEU E 195 13.29 -25.83 15.33
N GLN E 196 14.29 -24.97 15.40
CA GLN E 196 14.52 -24.11 16.55
C GLN E 196 13.72 -22.82 16.43
N ASP E 197 13.43 -22.23 17.58
CA ASP E 197 12.70 -20.96 17.62
C ASP E 197 13.67 -19.80 17.43
N PRO E 198 13.48 -18.95 16.42
CA PRO E 198 14.41 -17.82 16.23
C PRO E 198 14.41 -16.83 17.38
N ILE E 199 13.42 -16.87 18.27
CA ILE E 199 13.35 -15.94 19.39
C ILE E 199 14.08 -16.48 20.61
N SER E 200 13.85 -17.73 20.97
CA SER E 200 14.45 -18.31 22.17
C SER E 200 15.57 -19.30 21.86
N TYR E 201 15.67 -19.77 20.61
CA TYR E 201 16.67 -20.76 20.20
C TYR E 201 16.52 -22.05 21.00
N THR E 202 15.28 -22.45 21.24
CA THR E 202 14.93 -23.74 21.81
C THR E 202 14.07 -24.51 20.82
N ARG E 203 13.86 -25.79 21.09
CA ARG E 203 13.00 -26.60 20.24
C ARG E 203 11.58 -26.07 20.29
N MET E 204 11.03 -25.71 19.13
CA MET E 204 9.71 -25.12 19.06
C MET E 204 8.65 -26.08 19.58
N LYS E 205 7.79 -25.58 20.45
CA LYS E 205 6.61 -26.33 20.89
C LYS E 205 5.35 -25.90 20.18
N TYR E 206 5.29 -24.65 19.71
CA TYR E 206 4.12 -24.11 19.01
C TYR E 206 4.60 -23.38 17.77
N PRO E 207 5.01 -24.11 16.74
CA PRO E 207 5.48 -23.46 15.50
C PRO E 207 4.34 -22.71 14.83
N SER E 208 4.55 -21.43 14.55
CA SER E 208 3.47 -20.61 14.03
C SER E 208 4.04 -19.45 13.24
N LYS E 209 3.16 -18.81 12.46
CA LYS E 209 3.47 -17.60 11.73
C LYS E 209 2.15 -16.95 11.36
N SER E 210 2.23 -15.75 10.79
CA SER E 210 1.03 -15.09 10.32
C SER E 210 0.57 -15.69 9.00
N ILE E 211 -0.75 -15.70 8.79
CA ILE E 211 -1.32 -16.20 7.55
C ILE E 211 -0.90 -15.36 6.34
N ASN E 212 -0.32 -14.18 6.57
CA ASN E 212 0.21 -13.35 5.50
C ASN E 212 1.70 -13.57 5.26
N CYS E 213 2.37 -14.34 6.11
CA CYS E 213 3.81 -14.57 5.96
C CYS E 213 4.07 -15.43 4.72
N LYS E 214 4.82 -14.88 3.78
CA LYS E 214 5.20 -15.58 2.56
C LYS E 214 6.59 -16.18 2.65
N HIS E 215 6.92 -16.79 3.79
CA HIS E 215 8.19 -17.48 3.98
C HIS E 215 7.93 -18.87 4.53
N LEU E 216 9.00 -19.65 4.68
CA LEU E 216 8.88 -21.05 5.08
C LEU E 216 9.01 -21.24 6.59
N GLN E 217 10.03 -20.63 7.20
CA GLN E 217 10.30 -20.86 8.61
C GLN E 217 9.18 -20.30 9.48
N CYS E 218 8.99 -20.92 10.65
CA CYS E 218 8.02 -20.49 11.64
C CYS E 218 8.74 -20.12 12.93
N PHE E 219 7.96 -19.67 13.91
CA PHE E 219 8.50 -19.31 15.22
C PHE E 219 7.51 -19.75 16.29
N ASP E 220 8.04 -19.94 17.50
CA ASP E 220 7.21 -20.39 18.61
C ASP E 220 6.20 -19.32 19.00
N ALA E 221 4.91 -19.67 19.00
CA ALA E 221 3.88 -18.71 19.32
C ALA E 221 3.97 -18.22 20.75
N LEU E 222 4.35 -19.12 21.68
CA LEU E 222 4.42 -18.74 23.08
C LEU E 222 5.59 -17.78 23.34
N TRP E 223 6.76 -18.11 22.82
CA TRP E 223 7.90 -17.22 22.98
C TRP E 223 7.71 -15.91 22.24
N PHE E 224 6.91 -15.92 21.17
CA PHE E 224 6.59 -14.67 20.48
C PHE E 224 5.71 -13.78 21.33
N LEU E 225 4.75 -14.37 22.05
CA LEU E 225 3.93 -13.58 22.96
C LEU E 225 4.74 -13.08 24.16
N HIS E 226 5.82 -13.79 24.51
CA HIS E 226 6.72 -13.29 25.54
C HIS E 226 7.51 -12.07 25.04
N SER E 227 7.95 -12.11 23.79
CA SER E 227 8.71 -10.99 23.24
C SER E 227 7.83 -9.75 23.09
N GLN E 228 6.55 -9.92 22.77
CA GLN E 228 5.65 -8.78 22.68
C GLN E 228 5.42 -8.16 24.04
N LEU E 229 5.52 -8.95 25.12
CA LEU E 229 5.43 -8.39 26.45
C LEU E 229 6.67 -7.56 26.79
N GLN E 230 7.81 -7.88 26.18
CA GLN E 230 9.01 -7.06 26.32
C GLN E 230 8.82 -5.75 25.56
N ILE E 231 8.79 -5.83 24.23
CA ILE E 231 8.58 -4.66 23.37
C ILE E 231 7.46 -5.00 22.39
N PRO E 232 6.28 -4.37 22.51
CA PRO E 232 5.18 -4.69 21.61
C PRO E 232 5.37 -4.14 20.21
N THR E 233 6.27 -4.74 19.42
CA THR E 233 6.46 -4.31 18.04
C THR E 233 5.43 -4.95 17.12
N TRP E 234 5.05 -6.20 17.40
CA TRP E 234 4.09 -6.95 16.59
C TRP E 234 4.57 -7.06 15.14
N GLN E 235 5.78 -7.58 14.98
CA GLN E 235 6.37 -7.83 13.68
C GLN E 235 6.98 -9.22 13.67
N CYS E 236 6.96 -9.84 12.49
CA CYS E 236 7.49 -11.19 12.35
C CYS E 236 9.00 -11.19 12.58
N PRO E 237 9.53 -12.16 13.33
CA PRO E 237 10.98 -12.24 13.54
C PRO E 237 11.71 -12.84 12.34
N VAL E 238 11.05 -12.87 11.18
CA VAL E 238 11.65 -13.39 9.96
C VAL E 238 11.53 -12.36 8.84
N CYS E 239 10.30 -12.02 8.47
CA CYS E 239 10.05 -11.10 7.37
C CYS E 239 9.71 -9.69 7.82
N GLN E 240 9.53 -9.46 9.13
CA GLN E 240 9.32 -8.16 9.74
C GLN E 240 8.02 -7.49 9.33
N ILE E 241 7.08 -8.23 8.74
CA ILE E 241 5.78 -7.64 8.40
C ILE E 241 4.95 -7.49 9.68
N ASP E 242 4.02 -6.54 9.65
CA ASP E 242 3.16 -6.31 10.80
C ASP E 242 2.23 -7.51 11.00
N ILE E 243 2.16 -7.98 12.25
CA ILE E 243 1.37 -9.15 12.61
C ILE E 243 0.35 -8.75 13.67
N ALA E 244 -0.90 -9.16 13.47
CA ALA E 244 -1.94 -9.02 14.46
C ALA E 244 -2.12 -10.33 15.21
N LEU E 245 -2.64 -10.23 16.44
CA LEU E 245 -2.85 -11.43 17.26
C LEU E 245 -3.84 -12.38 16.61
N GLU E 246 -4.85 -11.85 15.94
CA GLU E 246 -5.85 -12.68 15.28
C GLU E 246 -5.36 -13.29 13.97
N ASN E 247 -4.22 -12.84 13.45
CA ASN E 247 -3.65 -13.39 12.23
C ASN E 247 -2.59 -14.44 12.48
N LEU E 248 -2.26 -14.71 13.75
CA LEU E 248 -1.25 -15.70 14.09
C LEU E 248 -1.90 -17.07 14.21
N ALA E 249 -1.34 -18.05 13.50
CA ALA E 249 -1.91 -19.40 13.47
C ALA E 249 -0.79 -20.43 13.44
N ILE E 250 -1.08 -21.59 14.04
CA ILE E 250 -0.11 -22.68 14.08
C ILE E 250 0.06 -23.28 12.70
N SER E 251 1.29 -23.61 12.34
CA SER E 251 1.60 -24.28 11.09
C SER E 251 1.44 -25.79 11.29
N GLU E 252 0.40 -26.36 10.69
CA GLU E 252 0.16 -27.80 10.82
C GLU E 252 1.30 -28.61 10.21
N PHE E 253 1.94 -28.08 9.17
CA PHE E 253 3.02 -28.80 8.51
C PHE E 253 4.25 -28.91 9.42
N VAL E 254 4.64 -27.79 10.03
CA VAL E 254 5.84 -27.80 10.88
C VAL E 254 5.57 -28.53 12.19
N ASP E 255 4.36 -28.40 12.72
CA ASP E 255 4.02 -29.11 13.95
C ASP E 255 4.00 -30.62 13.73
N ASP E 256 3.69 -31.06 12.51
CA ASP E 256 3.72 -32.50 12.22
C ASP E 256 5.13 -33.04 12.27
N ILE E 257 6.11 -32.27 11.80
CA ILE E 257 7.50 -32.72 11.83
C ILE E 257 8.01 -32.80 13.26
N LEU E 258 7.54 -31.91 14.14
CA LEU E 258 8.02 -31.91 15.52
C LEU E 258 7.48 -33.11 16.29
N GLN E 259 6.18 -33.38 16.19
CA GLN E 259 5.59 -34.50 16.92
C GLN E 259 6.09 -35.85 16.42
N ASN E 260 6.59 -35.92 15.18
CA ASN E 260 7.17 -37.13 14.63
C ASN E 260 8.68 -37.05 14.57
N CYS E 261 9.30 -36.48 15.60
CA CYS E 261 10.76 -36.37 15.70
C CYS E 261 11.17 -36.61 17.15
N GLN E 262 12.47 -36.55 17.38
CA GLN E 262 13.05 -36.66 18.72
C GLN E 262 13.45 -35.28 19.22
N LYS E 263 13.49 -35.13 20.54
CA LYS E 263 13.81 -33.84 21.14
C LYS E 263 15.26 -33.41 20.93
N ASN E 264 16.09 -34.25 20.32
CA ASN E 264 17.49 -33.89 20.10
C ASN E 264 17.78 -33.34 18.72
N VAL E 265 17.03 -33.77 17.69
CA VAL E 265 17.27 -33.27 16.35
C VAL E 265 16.77 -31.83 16.25
N GLU E 266 17.53 -31.00 15.51
CA GLU E 266 17.23 -29.59 15.37
C GLU E 266 16.98 -29.16 13.94
N GLN E 267 17.31 -29.98 12.95
CA GLN E 267 17.13 -29.63 11.55
C GLN E 267 16.54 -30.81 10.80
N VAL E 268 15.77 -30.51 9.76
CA VAL E 268 15.17 -31.52 8.91
C VAL E 268 15.36 -31.09 7.45
N GLU E 269 15.88 -32.00 6.63
CA GLU E 269 16.07 -31.74 5.21
C GLU E 269 14.80 -32.06 4.44
N LEU E 270 14.31 -31.10 3.68
CA LEU E 270 13.08 -31.23 2.92
C LEU E 270 13.37 -31.62 1.48
N THR E 271 12.32 -32.06 0.78
CA THR E 271 12.42 -32.41 -0.63
C THR E 271 11.38 -31.64 -1.45
N SER E 272 11.23 -32.02 -2.71
CA SER E 272 10.26 -31.34 -3.57
C SER E 272 8.83 -31.71 -3.20
N ASP E 273 8.57 -33.00 -3.01
CA ASP E 273 7.23 -33.50 -2.72
C ASP E 273 6.84 -33.36 -1.25
N GLY E 274 7.70 -32.77 -0.42
CA GLY E 274 7.41 -32.60 0.99
C GLY E 274 7.98 -33.66 1.90
N LYS E 275 8.64 -34.67 1.36
CA LYS E 275 9.26 -35.69 2.19
C LYS E 275 10.44 -35.11 2.95
N TRP E 276 10.51 -35.39 4.25
CA TRP E 276 11.55 -34.84 5.10
C TRP E 276 12.26 -35.96 5.85
N THR E 277 13.51 -35.70 6.22
CA THR E 277 14.31 -36.63 7.01
C THR E 277 15.02 -35.86 8.11
N ALA E 278 15.11 -36.46 9.29
CA ALA E 278 15.78 -35.82 10.41
C ALA E 278 17.30 -35.85 10.22
N ILE E 279 17.97 -34.84 10.76
CA ILE E 279 19.43 -34.71 10.68
C ILE E 279 20.00 -34.95 12.07
N LEU E 280 21.02 -35.81 12.14
CA LEU E 280 21.64 -36.14 13.42
C LEU E 280 22.93 -35.35 13.62
N LEU E 287 29.19 -41.13 22.83
CA LEU E 287 29.45 -42.10 23.89
C LEU E 287 30.79 -41.82 24.58
N ARG E 288 30.78 -41.85 25.91
CA ARG E 288 31.97 -41.56 26.71
C ARG E 288 31.73 -42.04 28.13
N PRO E 289 32.79 -42.42 28.86
CA PRO E 289 32.61 -42.78 30.27
C PRO E 289 32.30 -41.56 31.11
N GLU E 290 31.79 -41.83 32.32
CA GLU E 290 31.36 -40.77 33.22
C GLU E 290 32.52 -39.94 33.77
N THR E 291 33.76 -40.35 33.54
CA THR E 291 34.93 -39.62 34.02
C THR E 291 35.65 -38.86 32.91
N HIS E 292 35.13 -38.89 31.68
CA HIS E 292 35.77 -38.24 30.55
C HIS E 292 34.85 -37.17 29.96
N ILE E 293 35.46 -36.28 29.18
CA ILE E 293 34.73 -35.25 28.46
C ILE E 293 35.26 -35.18 27.04
N ASN E 294 34.40 -34.76 26.11
CA ASN E 294 34.76 -34.61 24.71
C ASN E 294 35.12 -33.16 24.42
N LEU E 295 36.37 -32.92 24.04
CA LEU E 295 36.87 -31.59 23.74
C LEU E 295 37.26 -31.51 22.28
N LYS E 296 36.94 -30.37 21.65
CA LYS E 296 37.26 -30.12 20.25
C LYS E 296 38.41 -29.13 20.17
N VAL E 297 39.53 -29.58 19.61
CA VAL E 297 40.70 -28.73 19.42
C VAL E 297 40.78 -28.34 17.95
N SER E 298 41.13 -27.08 17.69
CA SER E 298 41.18 -26.57 16.33
C SER E 298 42.28 -25.52 16.23
N ASP E 299 42.84 -25.40 15.02
CA ASP E 299 43.87 -24.39 14.73
C ASP E 299 43.49 -23.50 13.57
N GLY E 300 42.20 -23.41 13.23
CA GLY E 300 41.74 -22.61 12.13
C GLY E 300 41.63 -23.35 10.81
N SER E 301 42.22 -24.54 10.69
CA SER E 301 42.13 -25.33 9.48
C SER E 301 41.60 -26.73 9.78
N SER E 302 42.44 -27.56 10.41
CA SER E 302 42.06 -28.90 10.80
C SER E 302 41.71 -28.93 12.29
N GLU E 303 40.73 -29.77 12.64
CA GLU E 303 40.29 -29.88 14.02
C GLU E 303 40.23 -31.35 14.42
N ILE E 304 40.64 -31.64 15.65
CA ILE E 304 40.68 -32.99 16.19
C ILE E 304 39.80 -33.04 17.42
N PHE E 305 38.96 -34.06 17.51
CA PHE E 305 38.09 -34.27 18.66
C PHE E 305 38.79 -35.19 19.66
N PHE E 306 38.79 -34.79 20.93
CA PHE E 306 39.47 -35.51 21.99
C PHE E 306 38.48 -36.08 22.98
N LYS E 307 38.98 -36.97 23.85
CA LYS E 307 38.17 -37.56 24.92
C LYS E 307 39.15 -37.98 26.01
N ILE E 308 39.35 -37.11 27.01
CA ILE E 308 40.30 -37.36 28.08
C ILE E 308 39.57 -37.26 29.43
N LYS E 309 40.25 -37.73 30.47
CA LYS E 309 39.68 -37.71 31.81
C LYS E 309 39.63 -36.29 32.35
N LYS E 310 38.58 -36.02 33.15
CA LYS E 310 38.41 -34.68 33.71
C LYS E 310 39.55 -34.30 34.63
N THR E 311 40.13 -35.27 35.34
CA THR E 311 41.21 -34.99 36.29
C THR E 311 42.59 -35.05 35.65
N THR E 312 42.72 -35.57 34.44
CA THR E 312 44.00 -35.66 33.78
C THR E 312 44.44 -34.29 33.28
N PRO E 313 45.68 -33.87 33.54
CA PRO E 313 46.15 -32.57 33.05
C PRO E 313 46.09 -32.50 31.53
N LEU E 314 45.92 -31.27 31.03
CA LEU E 314 45.82 -31.02 29.60
C LEU E 314 47.17 -31.07 28.88
N ARG E 315 48.23 -31.52 29.55
CA ARG E 315 49.55 -31.55 28.93
C ARG E 315 49.59 -32.52 27.76
N ARG E 316 49.08 -33.74 27.95
CA ARG E 316 49.13 -34.74 26.90
C ARG E 316 48.17 -34.45 25.76
N LEU E 317 47.08 -33.72 26.03
CA LEU E 317 46.23 -33.26 24.93
C LEU E 317 46.98 -32.27 24.04
N MET E 318 47.76 -31.37 24.66
CA MET E 318 48.58 -30.45 23.88
C MET E 318 49.71 -31.16 23.17
N GLU E 319 50.21 -32.27 23.74
CA GLU E 319 51.24 -33.05 23.07
C GLU E 319 50.67 -33.82 21.90
N ALA E 320 49.49 -34.44 22.08
CA ALA E 320 48.91 -35.25 21.02
C ALA E 320 48.51 -34.41 19.81
N PHE E 321 47.91 -33.24 20.05
CA PHE E 321 47.52 -32.37 18.94
C PHE E 321 48.74 -31.85 18.21
N ALA E 322 49.79 -31.46 18.94
CA ALA E 322 51.00 -30.98 18.28
C ALA E 322 51.69 -32.08 17.49
N LYS E 323 51.48 -33.34 17.87
CA LYS E 323 52.11 -34.44 17.15
C LYS E 323 51.46 -34.65 15.79
N ARG E 324 50.13 -34.73 15.74
CA ARG E 324 49.43 -34.94 14.47
C ARG E 324 49.61 -33.76 13.52
N GLN E 325 49.87 -32.57 14.04
CA GLN E 325 50.08 -31.39 13.21
C GLN E 325 51.54 -31.24 12.77
N GLY E 326 52.43 -32.11 13.22
CA GLY E 326 53.83 -32.02 12.85
C GLY E 326 54.49 -30.74 13.32
N LYS E 327 54.36 -30.43 14.61
CA LYS E 327 54.90 -29.20 15.16
C LYS E 327 55.23 -29.43 16.64
N GLU E 328 56.23 -28.71 17.12
CA GLU E 328 56.63 -28.83 18.51
C GLU E 328 55.60 -28.18 19.42
N MET E 329 55.31 -28.85 20.55
CA MET E 329 54.37 -28.30 21.52
C MET E 329 54.83 -26.96 22.07
N ASP E 330 56.14 -26.79 22.23
CA ASP E 330 56.70 -25.54 22.73
C ASP E 330 56.61 -24.40 21.73
N SER E 331 56.10 -24.64 20.53
CA SER E 331 55.92 -23.60 19.53
C SER E 331 54.46 -23.28 19.29
N LEU E 332 53.56 -23.74 20.16
CA LEU E 332 52.13 -23.49 20.04
C LEU E 332 51.57 -23.08 21.38
N ARG E 333 50.66 -22.12 21.38
CA ARG E 333 49.94 -21.69 22.56
C ARG E 333 48.48 -22.10 22.42
N PHE E 334 47.92 -22.68 23.47
CA PHE E 334 46.55 -23.17 23.47
C PHE E 334 45.68 -22.25 24.32
N LEU E 335 44.55 -21.82 23.77
CA LEU E 335 43.67 -20.87 24.41
C LEU E 335 42.32 -21.51 24.70
N TYR E 336 41.72 -21.11 25.82
CA TYR E 336 40.37 -21.51 26.19
C TYR E 336 39.66 -20.30 26.78
N ASP E 337 38.62 -19.81 26.11
CA ASP E 337 37.92 -18.59 26.48
C ASP E 337 38.89 -17.41 26.57
N GLY E 338 39.78 -17.31 25.58
CA GLY E 338 40.72 -16.21 25.52
C GLY E 338 41.91 -16.32 26.46
N ILE E 339 41.89 -17.23 27.41
CA ILE E 339 42.96 -17.38 28.40
C ILE E 339 43.86 -18.53 27.96
N ARG E 340 45.16 -18.30 28.01
CA ARG E 340 46.13 -19.33 27.64
C ARG E 340 46.19 -20.39 28.73
N ILE E 341 45.94 -21.64 28.36
CA ILE E 341 45.97 -22.75 29.29
C ILE E 341 47.39 -23.26 29.43
N GLN E 342 47.77 -23.66 30.63
CA GLN E 342 49.08 -24.23 30.89
C GLN E 342 49.00 -25.75 30.98
N ALA E 343 50.16 -26.39 30.88
CA ALA E 343 50.20 -27.84 30.76
C ALA E 343 49.70 -28.53 32.03
N ASP E 344 50.01 -27.98 33.19
CA ASP E 344 49.65 -28.59 34.47
C ASP E 344 48.20 -28.30 34.89
N GLN E 345 47.37 -27.81 33.98
CA GLN E 345 45.98 -27.48 34.28
C GLN E 345 45.06 -28.54 33.71
N THR E 346 44.26 -29.17 34.59
CA THR E 346 43.27 -30.16 34.19
C THR E 346 41.98 -29.47 33.75
N PRO E 347 41.20 -30.09 32.87
CA PRO E 347 39.90 -29.50 32.50
C PRO E 347 38.98 -29.24 33.69
N GLU E 348 39.17 -29.94 34.80
CA GLU E 348 38.38 -29.67 36.00
C GLU E 348 38.72 -28.30 36.58
N ASP E 349 39.97 -27.86 36.45
CA ASP E 349 40.35 -26.54 36.96
C ASP E 349 39.74 -25.42 36.14
N LEU E 350 39.52 -25.65 34.85
CA LEU E 350 39.05 -24.62 33.93
C LEU E 350 37.55 -24.70 33.66
N ASP E 351 36.83 -25.55 34.41
CA ASP E 351 35.37 -25.68 34.28
C ASP E 351 34.94 -25.98 32.85
N MET E 352 35.70 -26.84 32.18
CA MET E 352 35.35 -27.23 30.81
C MET E 352 34.18 -28.20 30.81
N GLU E 353 33.43 -28.19 29.72
CA GLU E 353 32.30 -29.07 29.53
C GLU E 353 32.47 -29.84 28.21
N ASP E 354 31.50 -30.68 27.90
CA ASP E 354 31.53 -31.42 26.64
C ASP E 354 31.40 -30.46 25.46
N ASN E 355 32.09 -30.79 24.37
CA ASN E 355 32.09 -30.06 23.10
C ASN E 355 32.70 -28.67 23.21
N ASP E 356 33.42 -28.38 24.29
CA ASP E 356 34.11 -27.10 24.40
C ASP E 356 35.30 -27.05 23.44
N ILE E 357 35.64 -25.83 23.02
CA ILE E 357 36.64 -25.62 21.97
C ILE E 357 37.94 -25.16 22.60
N ILE E 358 39.05 -25.73 22.14
CA ILE E 358 40.39 -25.32 22.52
C ILE E 358 41.12 -24.90 21.25
N GLU E 359 41.49 -23.62 21.17
CA GLU E 359 42.15 -23.08 19.99
C GLU E 359 43.66 -23.12 20.16
N ALA E 360 44.34 -23.52 19.08
CA ALA E 360 45.79 -23.61 19.06
C ALA E 360 46.34 -22.61 18.05
N HIS E 361 47.21 -21.72 18.51
CA HIS E 361 47.81 -20.70 17.66
C HIS E 361 49.31 -20.88 17.61
N ARG E 362 49.92 -20.42 16.52
CA ARG E 362 51.36 -20.52 16.36
C ARG E 362 52.05 -19.33 17.02
N GLU E 363 53.37 -19.43 17.14
CA GLU E 363 54.17 -18.38 17.76
C GLU E 363 55.33 -17.97 16.85
N MET F 4 14.96 -10.82 36.39
CA MET F 4 15.19 -11.16 35.00
C MET F 4 14.05 -12.00 34.45
N SER F 5 13.57 -11.66 33.24
CA SER F 5 12.42 -12.30 32.67
C SER F 5 12.75 -13.73 32.23
N SER F 6 11.71 -14.49 31.91
CA SER F 6 11.89 -15.88 31.50
C SER F 6 12.53 -15.98 30.12
N LEU F 7 12.09 -15.14 29.18
CA LEU F 7 12.64 -15.20 27.82
C LEU F 7 14.08 -14.74 27.78
N SER F 8 14.43 -13.73 28.58
CA SER F 8 15.81 -13.25 28.59
C SER F 8 16.76 -14.32 29.12
N LEU F 9 16.37 -14.99 30.21
CA LEU F 9 17.22 -16.04 30.77
C LEU F 9 17.36 -17.21 29.80
N GLN F 10 16.24 -17.64 29.21
CA GLN F 10 16.29 -18.79 28.31
C GLN F 10 17.11 -18.50 27.06
N ARG F 11 16.97 -17.30 26.50
CA ARG F 11 17.72 -16.97 25.29
C ARG F 11 19.21 -16.84 25.58
N LEU F 12 19.57 -16.17 26.67
CA LEU F 12 20.98 -16.02 27.02
C LEU F 12 21.61 -17.38 27.34
N GLN F 13 20.85 -18.29 27.94
CA GLN F 13 21.36 -19.62 28.20
C GLN F 13 21.63 -20.37 26.90
N GLU F 14 20.76 -20.21 25.91
CA GLU F 14 20.97 -20.87 24.62
C GLU F 14 22.08 -20.18 23.83
N GLU F 15 22.23 -18.87 23.98
CA GLU F 15 23.32 -18.16 23.30
C GLU F 15 24.67 -18.65 23.78
N ARG F 16 24.82 -18.85 25.09
CA ARG F 16 26.09 -19.36 25.62
C ARG F 16 26.29 -20.83 25.26
N LYS F 17 25.22 -21.60 25.19
CA LYS F 17 25.34 -23.00 24.81
C LYS F 17 25.82 -23.14 23.37
N LYS F 18 25.37 -22.25 22.49
CA LYS F 18 25.82 -22.28 21.10
C LYS F 18 27.28 -21.80 20.97
N TRP F 19 27.62 -20.73 21.68
CA TRP F 19 28.97 -20.18 21.58
C TRP F 19 30.02 -21.14 22.12
N ARG F 20 29.67 -21.94 23.14
CA ARG F 20 30.61 -22.90 23.70
C ARG F 20 31.09 -23.90 22.66
N LYS F 21 30.15 -24.48 21.91
CA LYS F 21 30.46 -25.56 20.98
C LYS F 21 30.76 -25.07 19.57
N ASP F 22 30.47 -23.81 19.24
CA ASP F 22 30.71 -23.31 17.89
C ASP F 22 30.87 -21.80 17.95
N HIS F 23 32.06 -21.31 17.62
CA HIS F 23 32.32 -19.89 17.49
C HIS F 23 33.50 -19.72 16.54
N PRO F 24 33.55 -18.61 15.79
CA PRO F 24 34.62 -18.43 14.82
C PRO F 24 36.00 -18.44 15.47
N PHE F 25 36.99 -18.91 14.71
CA PHE F 25 38.34 -19.06 15.24
C PHE F 25 38.94 -17.70 15.56
N GLY F 26 39.68 -17.64 16.67
CA GLY F 26 40.29 -16.41 17.13
C GLY F 26 39.43 -15.61 18.08
N PHE F 27 38.11 -15.75 17.99
CA PHE F 27 37.20 -15.02 18.86
C PHE F 27 37.10 -15.69 20.22
N TYR F 28 36.68 -14.90 21.21
CA TYR F 28 36.31 -15.43 22.51
C TYR F 28 35.22 -14.55 23.10
N ALA F 29 34.36 -15.16 23.92
CA ALA F 29 33.26 -14.44 24.55
C ALA F 29 32.74 -15.26 25.71
N LYS F 30 32.67 -14.65 26.89
CA LYS F 30 32.20 -15.33 28.09
C LYS F 30 31.60 -14.30 29.03
N PRO F 31 30.60 -14.66 29.82
CA PRO F 31 30.03 -13.72 30.78
C PRO F 31 31.04 -13.34 31.86
N VAL F 32 30.93 -12.11 32.32
CA VAL F 32 31.80 -11.61 33.39
C VAL F 32 31.31 -12.18 34.72
N LYS F 33 32.12 -12.04 35.77
CA LYS F 33 31.78 -12.57 37.08
C LYS F 33 31.22 -11.47 37.96
N LYS F 34 30.22 -11.82 38.76
CA LYS F 34 29.68 -10.91 39.76
C LYS F 34 30.63 -10.86 40.97
N ALA F 35 30.24 -10.08 41.97
CA ALA F 35 31.07 -9.96 43.17
C ALA F 35 31.13 -11.26 43.95
N ASP F 36 30.12 -12.10 43.82
CA ASP F 36 30.06 -13.38 44.53
C ASP F 36 30.59 -14.54 43.71
N GLY F 37 31.30 -14.26 42.62
CA GLY F 37 31.84 -15.31 41.76
C GLY F 37 30.87 -15.88 40.76
N SER F 38 29.57 -15.70 40.95
CA SER F 38 28.59 -16.19 40.00
C SER F 38 28.71 -15.44 38.68
N MET F 39 28.06 -15.98 37.64
CA MET F 39 28.18 -15.43 36.30
C MET F 39 27.05 -14.45 36.01
N ASP F 40 27.39 -13.38 35.32
CA ASP F 40 26.43 -12.36 34.91
C ASP F 40 26.18 -12.54 33.40
N LEU F 41 25.09 -13.25 33.08
CA LEU F 41 24.78 -13.55 31.69
C LEU F 41 24.42 -12.31 30.88
N GLN F 42 24.16 -11.18 31.52
CA GLN F 42 23.81 -9.94 30.83
C GLN F 42 25.01 -9.03 30.63
N LYS F 43 26.22 -9.50 30.91
CA LYS F 43 27.42 -8.70 30.72
C LYS F 43 28.57 -9.65 30.38
N TRP F 44 29.08 -9.57 29.16
CA TRP F 44 30.09 -10.49 28.68
C TRP F 44 31.39 -9.75 28.36
N GLU F 45 32.49 -10.50 28.41
CA GLU F 45 33.79 -10.03 27.94
C GLU F 45 34.14 -10.79 26.67
N ALA F 46 34.28 -10.06 25.57
CA ALA F 46 34.55 -10.67 24.27
C ALA F 46 35.75 -9.99 23.61
N GLY F 47 36.44 -10.75 22.77
CA GLY F 47 37.57 -10.23 22.04
C GLY F 47 37.45 -10.44 20.54
N ILE F 48 37.64 -9.37 19.77
CA ILE F 48 37.48 -9.39 18.32
C ILE F 48 38.86 -9.44 17.69
N PRO F 49 39.21 -10.50 16.95
CA PRO F 49 40.49 -10.51 16.23
C PRO F 49 40.39 -9.86 14.87
N GLY F 50 41.45 -9.14 14.49
CA GLY F 50 41.47 -8.49 13.20
C GLY F 50 41.65 -9.46 12.07
N LYS F 51 41.08 -9.12 10.92
CA LYS F 51 41.17 -9.97 9.75
C LYS F 51 42.61 -10.02 9.23
N GLU F 52 42.96 -11.15 8.63
CA GLU F 52 44.27 -11.29 8.01
C GLU F 52 44.32 -10.49 6.71
N GLY F 53 45.54 -10.05 6.37
CA GLY F 53 45.74 -9.23 5.19
C GLY F 53 45.47 -7.75 5.39
N THR F 54 44.78 -7.37 6.47
CA THR F 54 44.52 -5.98 6.78
C THR F 54 45.46 -5.50 7.88
N ASN F 55 45.38 -4.19 8.17
CA ASN F 55 46.24 -3.61 9.19
C ASN F 55 45.85 -4.08 10.59
N TRP F 56 44.60 -4.48 10.78
CA TRP F 56 44.12 -4.93 12.08
C TRP F 56 44.59 -6.33 12.44
N ALA F 57 45.35 -6.99 11.58
CA ALA F 57 45.76 -8.36 11.82
C ALA F 57 46.71 -8.45 13.00
N GLY F 58 46.63 -9.57 13.72
CA GLY F 58 47.50 -9.85 14.84
C GLY F 58 47.00 -9.39 16.19
N GLY F 59 45.98 -8.53 16.24
CA GLY F 59 45.47 -7.99 17.48
C GLY F 59 44.14 -8.59 17.86
N VAL F 60 43.93 -8.74 19.17
CA VAL F 60 42.67 -9.20 19.73
C VAL F 60 42.14 -8.07 20.61
N TYR F 61 41.09 -7.40 20.14
CA TYR F 61 40.59 -6.20 20.81
C TYR F 61 39.42 -6.56 21.71
N PRO F 62 39.48 -6.28 23.00
CA PRO F 62 38.38 -6.66 23.90
C PRO F 62 37.21 -5.71 23.79
N ILE F 63 36.01 -6.27 23.96
CA ILE F 63 34.78 -5.50 23.94
C ILE F 63 33.91 -5.95 25.12
N THR F 64 32.85 -5.18 25.36
CA THR F 64 31.86 -5.50 26.38
C THR F 64 30.50 -5.61 25.73
N VAL F 65 29.81 -6.71 25.97
CA VAL F 65 28.48 -6.97 25.42
C VAL F 65 27.51 -7.00 26.58
N GLU F 66 26.78 -5.91 26.78
CA GLU F 66 25.80 -5.79 27.86
C GLU F 66 24.40 -6.02 27.29
N TYR F 67 23.75 -7.09 27.73
CA TYR F 67 22.41 -7.41 27.26
C TYR F 67 21.37 -6.73 28.14
N PRO F 68 20.45 -5.97 27.56
CA PRO F 68 19.42 -5.32 28.37
C PRO F 68 18.38 -6.31 28.87
N ASN F 69 17.51 -5.81 29.76
CA ASN F 69 16.46 -6.65 30.32
C ASN F 69 15.45 -7.10 29.28
N GLU F 70 15.33 -6.38 28.18
CA GLU F 70 14.35 -6.68 27.14
C GLU F 70 14.91 -7.57 26.04
N TYR F 71 16.14 -8.07 26.19
CA TYR F 71 16.72 -8.99 25.23
C TYR F 71 15.85 -10.25 25.13
N PRO F 72 15.66 -10.78 23.90
CA PRO F 72 16.25 -10.32 22.64
C PRO F 72 15.42 -9.30 21.86
N SER F 73 14.39 -8.73 22.47
CA SER F 73 13.60 -7.71 21.79
C SER F 73 14.43 -6.45 21.55
N LYS F 74 15.31 -6.09 22.52
CA LYS F 74 16.25 -5.00 22.39
C LYS F 74 17.65 -5.52 22.12
N PRO F 75 18.44 -4.83 21.29
CA PRO F 75 19.79 -5.31 20.97
C PRO F 75 20.73 -5.11 22.15
N PRO F 76 21.82 -5.88 22.21
CA PRO F 76 22.83 -5.63 23.24
C PRO F 76 23.65 -4.39 22.95
N LYS F 77 24.55 -4.02 23.86
CA LYS F 77 25.38 -2.85 23.72
C LYS F 77 26.84 -3.26 23.69
N VAL F 78 27.50 -3.05 22.56
CA VAL F 78 28.91 -3.38 22.38
C VAL F 78 29.74 -2.13 22.64
N LYS F 79 30.86 -2.28 23.33
CA LYS F 79 31.67 -1.15 23.76
C LYS F 79 33.14 -1.55 23.77
N PHE F 80 33.94 -0.86 22.96
CA PHE F 80 35.38 -0.97 23.02
C PHE F 80 35.90 -0.23 24.24
N PRO F 81 37.18 -0.42 24.59
CA PRO F 81 37.76 0.42 25.65
C PRO F 81 37.75 1.89 25.25
N ALA F 82 37.65 2.76 26.27
CA ALA F 82 37.63 4.19 26.02
C ALA F 82 38.96 4.63 25.40
N GLY F 83 38.87 5.33 24.27
CA GLY F 83 40.04 5.73 23.52
C GLY F 83 40.43 4.80 22.40
N PHE F 84 39.56 3.85 22.03
CA PHE F 84 39.87 2.94 20.93
C PHE F 84 39.93 3.72 19.61
N TYR F 85 40.93 3.41 18.80
CA TYR F 85 41.21 4.18 17.59
C TYR F 85 40.46 3.57 16.42
N HIS F 86 39.34 4.20 16.04
CA HIS F 86 38.56 3.83 14.87
C HIS F 86 37.57 4.95 14.57
N PRO F 87 37.39 5.31 13.30
CA PRO F 87 36.57 6.49 12.99
C PRO F 87 35.11 6.38 13.43
N ASN F 88 34.58 5.16 13.55
CA ASN F 88 33.18 4.96 13.93
C ASN F 88 33.03 4.51 15.38
N VAL F 89 33.96 4.90 16.24
CA VAL F 89 33.91 4.57 17.66
C VAL F 89 33.88 5.87 18.45
N TYR F 90 32.87 6.02 19.32
CA TYR F 90 32.78 7.18 20.19
C TYR F 90 34.01 7.25 21.09
N PRO F 91 34.33 8.44 21.60
CA PRO F 91 35.46 8.56 22.53
C PRO F 91 35.33 7.69 23.77
N SER F 92 34.11 7.30 24.15
CA SER F 92 33.91 6.42 25.29
C SER F 92 34.16 4.95 24.95
N GLY F 93 34.20 4.60 23.66
CA GLY F 93 34.38 3.23 23.24
C GLY F 93 33.15 2.58 22.65
N THR F 94 32.02 3.28 22.57
CA THR F 94 30.79 2.71 22.06
C THR F 94 30.78 2.74 20.53
N ILE F 95 30.14 1.74 19.93
CA ILE F 95 29.95 1.69 18.49
C ILE F 95 28.46 1.74 18.18
N CYS F 96 28.12 1.74 16.89
CA CYS F 96 26.72 1.74 16.48
C CYS F 96 26.64 1.01 15.14
N LEU F 97 26.24 -0.25 15.18
CA LEU F 97 26.00 -1.04 13.98
C LEU F 97 24.52 -1.08 13.67
N SER F 98 24.19 -1.13 12.37
CA SER F 98 22.79 -1.20 11.98
C SER F 98 22.14 -2.48 12.46
N ILE F 99 22.91 -3.55 12.62
CA ILE F 99 22.37 -4.78 13.19
C ILE F 99 22.14 -4.64 14.69
N LEU F 100 22.82 -3.70 15.36
CA LEU F 100 22.67 -3.47 16.78
C LEU F 100 21.85 -2.22 17.08
N ASN F 101 21.12 -1.70 16.10
CA ASN F 101 20.29 -0.52 16.28
C ASN F 101 18.83 -0.95 16.30
N GLU F 102 18.17 -0.72 17.44
CA GLU F 102 16.76 -1.10 17.59
C GLU F 102 15.85 -0.33 16.65
N ASP F 103 16.28 0.85 16.20
CA ASP F 103 15.54 1.64 15.24
C ASP F 103 15.88 1.31 13.79
N GLN F 104 16.88 0.46 13.55
CA GLN F 104 17.26 0.12 12.18
C GLN F 104 17.06 -1.35 11.86
N ASP F 105 18.14 -2.11 11.83
CA ASP F 105 18.12 -3.48 11.32
C ASP F 105 18.47 -4.49 12.41
N TRP F 106 17.98 -4.29 13.64
CA TRP F 106 18.14 -5.29 14.68
C TRP F 106 17.01 -6.30 14.62
N ARG F 107 17.36 -7.58 14.73
CA ARG F 107 16.39 -8.66 14.73
C ARG F 107 16.58 -9.56 15.94
N PRO F 108 15.51 -10.10 16.51
CA PRO F 108 15.67 -10.97 17.69
C PRO F 108 16.43 -12.26 17.40
N ALA F 109 16.50 -12.69 16.15
CA ALA F 109 17.18 -13.93 15.79
C ALA F 109 18.67 -13.76 15.59
N ILE F 110 19.22 -12.56 15.77
CA ILE F 110 20.64 -12.33 15.57
C ILE F 110 21.42 -12.99 16.71
N THR F 111 22.33 -13.88 16.36
CA THR F 111 23.14 -14.57 17.34
C THR F 111 24.39 -13.76 17.69
N LEU F 112 25.08 -14.19 18.75
CA LEU F 112 26.35 -13.56 19.11
C LEU F 112 27.39 -13.77 18.03
N LYS F 113 27.31 -14.88 17.29
CA LYS F 113 28.24 -15.12 16.19
C LYS F 113 28.12 -14.03 15.14
N GLN F 114 26.89 -13.70 14.75
CA GLN F 114 26.70 -12.65 13.74
C GLN F 114 27.06 -11.28 14.29
N ILE F 115 26.96 -11.08 15.60
CA ILE F 115 27.29 -9.79 16.19
C ILE F 115 28.80 -9.57 16.17
N VAL F 116 29.57 -10.55 16.64
CA VAL F 116 31.02 -10.39 16.71
C VAL F 116 31.63 -10.32 15.32
N LEU F 117 30.99 -10.95 14.32
CA LEU F 117 31.47 -10.82 12.95
C LEU F 117 31.15 -9.44 12.39
N GLY F 118 30.01 -8.85 12.79
CA GLY F 118 29.70 -7.50 12.36
C GLY F 118 30.64 -6.47 12.95
N VAL F 119 31.01 -6.64 14.22
CA VAL F 119 32.01 -5.77 14.83
C VAL F 119 33.36 -5.96 14.16
N GLN F 120 33.64 -7.15 13.65
CA GLN F 120 34.90 -7.40 12.97
C GLN F 120 34.94 -6.71 11.61
N ASP F 121 33.83 -6.71 10.88
CA ASP F 121 33.81 -6.13 9.55
C ASP F 121 33.83 -4.61 9.58
N LEU F 122 33.45 -4.00 10.69
CA LEU F 122 33.51 -2.55 10.81
C LEU F 122 34.94 -2.04 10.98
N LEU F 123 35.86 -2.90 11.43
CA LEU F 123 37.22 -2.47 11.72
C LEU F 123 37.91 -1.94 10.46
N ASP F 124 37.81 -2.67 9.36
CA ASP F 124 38.51 -2.31 8.13
C ASP F 124 37.55 -1.75 7.07
N SER F 125 36.37 -1.31 7.47
CA SER F 125 35.40 -0.70 6.56
C SER F 125 34.65 0.41 7.28
N PRO F 126 35.30 1.54 7.50
CA PRO F 126 34.63 2.65 8.19
C PRO F 126 33.60 3.33 7.30
N ASN F 127 32.60 3.94 7.95
CA ASN F 127 31.59 4.71 7.24
C ASN F 127 31.97 6.18 7.30
N PRO F 128 32.36 6.80 6.17
CA PRO F 128 32.87 8.16 6.22
C PRO F 128 31.84 9.20 6.62
N ASN F 129 30.64 9.14 6.05
CA ASN F 129 29.67 10.21 6.23
C ASN F 129 28.89 10.09 7.54
N SER F 130 29.53 9.54 8.57
CA SER F 130 28.96 9.49 9.91
C SER F 130 30.01 9.08 10.94
N PRO F 131 31.02 9.90 11.18
CA PRO F 131 32.05 9.54 12.16
C PRO F 131 31.60 9.80 13.59
N LYS F 132 32.27 9.13 14.52
CA LYS F 132 31.92 9.21 15.93
C LYS F 132 33.02 9.81 16.81
N GLN F 133 34.21 10.03 16.28
CA GLN F 133 35.28 10.67 17.03
C GLN F 133 36.09 11.56 16.08
N GLU F 134 37.14 12.18 16.62
CA GLU F 134 37.95 13.12 15.86
C GLU F 134 39.37 12.63 15.61
N PRO F 135 40.07 12.04 16.59
CA PRO F 135 41.45 11.58 16.31
C PRO F 135 41.55 10.62 15.14
N ALA F 136 40.59 9.68 15.02
CA ALA F 136 40.65 8.73 13.92
C ALA F 136 40.05 9.30 12.64
N TRP F 137 38.94 10.04 12.76
CA TRP F 137 38.26 10.56 11.57
C TRP F 137 39.13 11.57 10.83
N ARG F 138 39.80 12.46 11.57
CA ARG F 138 40.67 13.44 10.93
C ARG F 138 41.78 12.75 10.15
N SER F 139 42.49 11.82 10.79
CA SER F 139 43.56 11.11 10.12
C SER F 139 43.03 10.25 8.97
N PHE F 140 41.88 9.62 9.16
CA PHE F 140 41.34 8.74 8.12
C PHE F 140 40.91 9.52 6.89
N SER F 141 40.36 10.72 7.08
CA SER F 141 39.81 11.49 5.96
C SER F 141 40.85 12.31 5.21
N ARG F 142 41.91 12.76 5.87
CA ARG F 142 42.88 13.65 5.24
C ARG F 142 44.30 13.11 5.24
N ASN F 143 44.54 11.91 5.77
CA ASN F 143 45.90 11.36 5.79
C ASN F 143 45.88 9.84 6.00
N LYS F 144 45.58 9.08 4.94
CA LYS F 144 45.56 7.63 5.04
C LYS F 144 46.91 7.05 5.45
N ALA F 145 48.01 7.78 5.20
CA ALA F 145 49.33 7.25 5.52
C ALA F 145 49.54 7.15 7.03
N GLU F 146 49.15 8.18 7.77
CA GLU F 146 49.31 8.15 9.22
C GLU F 146 48.20 7.38 9.92
N TYR F 147 47.01 7.32 9.31
CA TYR F 147 45.92 6.54 9.90
C TYR F 147 46.27 5.06 9.94
N ASP F 148 46.89 4.55 8.87
CA ASP F 148 47.30 3.15 8.84
C ASP F 148 48.41 2.86 9.84
N LYS F 149 49.20 3.86 10.23
CA LYS F 149 50.23 3.64 11.24
C LYS F 149 49.62 3.48 12.62
N LYS F 150 48.56 4.24 12.92
CA LYS F 150 47.90 4.10 14.22
C LYS F 150 47.20 2.75 14.35
N VAL F 151 46.64 2.25 13.25
CA VAL F 151 45.97 0.95 13.30
C VAL F 151 46.99 -0.16 13.53
N LEU F 152 48.17 -0.05 12.91
CA LEU F 152 49.20 -1.06 13.10
C LEU F 152 49.78 -1.00 14.51
N LEU F 153 50.01 0.22 15.03
CA LEU F 153 50.52 0.36 16.38
C LEU F 153 49.50 -0.15 17.41
N GLN F 154 48.21 0.08 17.14
CA GLN F 154 47.18 -0.42 18.04
C GLN F 154 47.01 -1.93 17.93
N ALA F 155 47.27 -2.50 16.76
CA ALA F 155 47.16 -3.94 16.59
C ALA F 155 48.17 -4.68 17.45
N ARG F 156 49.39 -4.14 17.57
CA ARG F 156 50.39 -4.74 18.44
C ARG F 156 50.15 -4.38 19.91
N GLN F 157 49.39 -3.33 20.19
CA GLN F 157 49.04 -3.01 21.57
C GLN F 157 48.19 -4.10 22.19
N TYR F 158 47.21 -4.60 21.46
CA TYR F 158 46.34 -5.67 21.93
C TYR F 158 46.81 -7.03 21.39
N SER F 159 48.06 -7.35 21.70
CA SER F 159 48.65 -8.61 21.25
C SER F 159 49.57 -9.19 22.32
N THR G 8 29.07 -30.11 -16.54
CA THR G 8 28.52 -28.87 -17.09
C THR G 8 27.87 -28.03 -16.00
N HIS G 9 26.94 -28.63 -15.27
CA HIS G 9 26.27 -27.94 -14.18
C HIS G 9 27.15 -27.90 -12.94
N ILE G 10 26.61 -27.35 -11.86
CA ILE G 10 27.34 -27.24 -10.59
C ILE G 10 26.34 -27.28 -9.46
N ASN G 11 26.78 -27.77 -8.31
CA ASN G 11 25.96 -27.86 -7.10
C ASN G 11 26.49 -26.86 -6.08
N LEU G 12 25.64 -25.90 -5.71
CA LEU G 12 26.01 -24.86 -4.77
C LEU G 12 25.14 -24.97 -3.51
N LYS G 13 25.65 -24.40 -2.42
CA LYS G 13 24.99 -24.43 -1.13
C LYS G 13 25.01 -23.05 -0.50
N VAL G 14 23.84 -22.59 -0.05
CA VAL G 14 23.70 -21.30 0.61
C VAL G 14 23.26 -21.53 2.04
N SER G 15 23.99 -20.94 2.99
CA SER G 15 23.71 -21.12 4.41
C SER G 15 23.91 -19.82 5.16
N ASP G 16 23.05 -19.56 6.13
CA ASP G 16 23.15 -18.39 6.98
C ASP G 16 23.32 -18.75 8.46
N GLY G 17 23.53 -20.03 8.77
CA GLY G 17 23.67 -20.47 10.14
C GLY G 17 22.46 -21.15 10.73
N SER G 18 21.42 -21.39 9.94
CA SER G 18 20.21 -22.04 10.43
C SER G 18 19.50 -22.76 9.30
N SER G 19 19.06 -22.01 8.29
CA SER G 19 18.40 -22.58 7.12
C SER G 19 19.39 -22.68 5.97
N GLU G 20 19.35 -23.81 5.26
CA GLU G 20 20.27 -24.08 4.17
C GLU G 20 19.49 -24.59 2.96
N ILE G 21 19.93 -24.19 1.77
CA ILE G 21 19.28 -24.56 0.52
C ILE G 21 20.35 -24.95 -0.48
N PHE G 22 20.15 -26.06 -1.18
CA PHE G 22 21.06 -26.53 -2.22
C PHE G 22 20.47 -26.19 -3.58
N PHE G 23 21.29 -25.61 -4.45
CA PHE G 23 20.89 -25.26 -5.81
C PHE G 23 21.71 -26.07 -6.81
N LYS G 24 21.22 -26.10 -8.05
CA LYS G 24 21.90 -26.81 -9.13
C LYS G 24 21.66 -26.05 -10.42
N ILE G 25 22.69 -25.34 -10.89
CA ILE G 25 22.62 -24.54 -12.11
C ILE G 25 23.92 -24.72 -12.89
N LYS G 26 23.93 -24.17 -14.11
CA LYS G 26 25.09 -24.23 -14.97
C LYS G 26 26.01 -23.04 -14.70
N LYS G 27 27.29 -23.20 -15.09
CA LYS G 27 28.29 -22.18 -14.80
C LYS G 27 28.02 -20.87 -15.51
N THR G 28 27.14 -20.85 -16.51
CA THR G 28 26.80 -19.62 -17.21
C THR G 28 25.64 -18.88 -16.57
N THR G 29 24.92 -19.51 -15.66
CA THR G 29 23.78 -18.87 -15.01
C THR G 29 24.27 -17.81 -14.02
N PRO G 30 23.70 -16.61 -14.03
CA PRO G 30 24.12 -15.60 -13.05
C PRO G 30 23.78 -16.01 -11.63
N LEU G 31 24.67 -15.67 -10.70
CA LEU G 31 24.49 -16.08 -9.31
C LEU G 31 23.37 -15.32 -8.61
N ARG G 32 22.95 -14.17 -9.14
CA ARG G 32 21.87 -13.41 -8.52
C ARG G 32 20.52 -14.09 -8.66
N ARG G 33 20.41 -15.12 -9.52
CA ARG G 33 19.15 -15.85 -9.64
C ARG G 33 18.82 -16.57 -8.34
N LEU G 34 19.79 -17.30 -7.78
CA LEU G 34 19.56 -17.98 -6.51
C LEU G 34 19.56 -17.01 -5.34
N MET G 35 20.23 -15.87 -5.47
CA MET G 35 20.26 -14.89 -4.38
C MET G 35 18.87 -14.35 -4.10
N GLU G 36 18.14 -13.95 -5.15
CA GLU G 36 16.79 -13.43 -4.96
C GLU G 36 15.84 -14.53 -4.52
N ALA G 37 16.02 -15.74 -5.03
CA ALA G 37 15.15 -16.85 -4.64
C ALA G 37 15.42 -17.27 -3.20
N PHE G 38 16.68 -17.26 -2.78
CA PHE G 38 17.00 -17.60 -1.39
C PHE G 38 16.45 -16.55 -0.44
N ALA G 39 16.60 -15.27 -0.77
CA ALA G 39 16.09 -14.21 0.10
C ALA G 39 14.57 -14.21 0.14
N LYS G 40 13.90 -14.57 -0.95
CA LYS G 40 12.45 -14.60 -0.96
C LYS G 40 11.91 -15.70 -0.06
N ARG G 41 12.60 -16.84 0.00
CA ARG G 41 12.19 -17.91 0.89
C ARG G 41 12.41 -17.54 2.35
N GLN G 42 13.39 -16.70 2.63
CA GLN G 42 13.66 -16.23 3.98
C GLN G 42 12.89 -14.98 4.34
N GLY G 43 11.98 -14.53 3.48
CA GLY G 43 11.22 -13.33 3.74
C GLY G 43 12.02 -12.05 3.77
N LYS G 44 13.17 -12.03 3.12
CA LYS G 44 14.06 -10.88 3.11
C LYS G 44 14.28 -10.40 1.68
N GLU G 45 15.06 -9.33 1.55
CA GLU G 45 15.42 -8.77 0.25
C GLU G 45 16.88 -9.06 -0.05
N MET G 46 17.21 -9.03 -1.34
CA MET G 46 18.58 -9.32 -1.76
C MET G 46 19.55 -8.24 -1.29
N ASP G 47 19.12 -6.98 -1.33
CA ASP G 47 19.98 -5.87 -0.89
C ASP G 47 20.17 -5.84 0.63
N SER G 48 19.46 -6.68 1.38
CA SER G 48 19.61 -6.75 2.82
C SER G 48 20.52 -7.90 3.26
N LEU G 49 21.13 -8.62 2.32
CA LEU G 49 21.97 -9.75 2.65
C LEU G 49 23.25 -9.69 1.83
N ARG G 50 24.31 -10.27 2.36
CA ARG G 50 25.59 -10.41 1.67
C ARG G 50 25.83 -11.87 1.33
N PHE G 51 26.77 -12.10 0.41
CA PHE G 51 27.13 -13.44 -0.01
C PHE G 51 28.63 -13.50 -0.20
N LEU G 52 29.31 -14.34 0.59
CA LEU G 52 30.76 -14.43 0.57
C LEU G 52 31.18 -15.81 0.07
N TYR G 53 32.17 -15.83 -0.82
CA TYR G 53 32.80 -17.05 -1.31
C TYR G 53 34.28 -17.00 -0.92
N ASP G 54 34.67 -17.81 0.05
CA ASP G 54 36.03 -17.81 0.60
C ASP G 54 36.41 -16.44 1.14
N GLY G 55 35.43 -15.68 1.63
CA GLY G 55 35.68 -14.37 2.21
C GLY G 55 35.27 -13.22 1.31
N ILE G 56 35.62 -13.28 0.03
CA ILE G 56 35.36 -12.19 -0.89
C ILE G 56 33.87 -12.12 -1.18
N ARG G 57 33.34 -10.90 -1.25
CA ARG G 57 31.93 -10.70 -1.56
C ARG G 57 31.65 -11.04 -3.02
N ILE G 58 30.41 -11.44 -3.29
CA ILE G 58 29.97 -11.84 -4.62
C ILE G 58 29.06 -10.76 -5.17
N GLN G 59 29.29 -10.37 -6.43
CA GLN G 59 28.44 -9.41 -7.11
C GLN G 59 27.32 -10.13 -7.85
N ALA G 60 26.23 -9.42 -8.08
CA ALA G 60 25.07 -10.00 -8.74
C ALA G 60 25.34 -10.37 -10.20
N ASP G 61 26.38 -9.81 -10.81
CA ASP G 61 26.69 -10.05 -12.21
C ASP G 61 27.70 -11.18 -12.41
N GLN G 62 28.07 -11.89 -11.35
CA GLN G 62 29.10 -12.92 -11.44
C GLN G 62 28.48 -14.29 -11.66
N THR G 63 29.28 -15.20 -12.20
CA THR G 63 28.89 -16.56 -12.52
C THR G 63 29.79 -17.54 -11.76
N PRO G 64 29.33 -18.79 -11.58
CA PRO G 64 30.16 -19.77 -10.85
C PRO G 64 31.54 -19.98 -11.47
N GLU G 65 31.66 -19.91 -12.80
CA GLU G 65 32.95 -20.10 -13.44
C GLU G 65 33.85 -18.88 -13.31
N ASP G 66 33.29 -17.70 -13.03
CA ASP G 66 34.11 -16.51 -12.83
C ASP G 66 34.96 -16.63 -11.58
N LEU G 67 34.39 -17.14 -10.49
CA LEU G 67 35.11 -17.32 -9.24
C LEU G 67 35.79 -18.69 -9.15
N ASP G 68 35.72 -19.49 -10.21
CA ASP G 68 36.26 -20.85 -10.22
C ASP G 68 35.67 -21.68 -9.08
N MET G 69 34.34 -21.77 -9.09
CA MET G 69 33.62 -22.50 -8.06
C MET G 69 33.67 -23.99 -8.34
N GLU G 70 34.19 -24.76 -7.39
CA GLU G 70 34.24 -26.21 -7.52
C GLU G 70 32.87 -26.80 -7.22
N ASP G 71 32.78 -28.11 -7.10
CA ASP G 71 31.51 -28.78 -6.86
C ASP G 71 31.25 -28.87 -5.36
N ASN G 72 29.98 -28.68 -4.98
CA ASN G 72 29.54 -28.72 -3.59
C ASN G 72 30.29 -27.70 -2.74
N ASP G 73 30.27 -26.45 -3.18
CA ASP G 73 30.86 -25.34 -2.45
C ASP G 73 29.78 -24.58 -1.70
N ILE G 74 30.19 -23.92 -0.62
CA ILE G 74 29.28 -23.22 0.28
C ILE G 74 29.40 -21.72 0.05
N ILE G 75 28.26 -21.04 -0.02
CA ILE G 75 28.20 -19.59 -0.14
C ILE G 75 27.50 -19.07 1.12
N GLU G 76 28.28 -18.55 2.06
CA GLU G 76 27.72 -18.05 3.30
C GLU G 76 26.93 -16.77 3.07
N ALA G 77 25.81 -16.65 3.77
CA ALA G 77 24.93 -15.49 3.66
C ALA G 77 24.97 -14.71 4.96
N HIS G 78 25.40 -13.45 4.88
CA HIS G 78 25.50 -12.57 6.03
C HIS G 78 24.48 -11.44 5.92
N ARG G 79 24.30 -10.71 7.01
CA ARG G 79 23.37 -9.59 7.06
C ARG G 79 24.07 -8.32 6.63
N GLU G 80 23.43 -7.57 5.73
CA GLU G 80 23.99 -6.31 5.27
C GLU G 80 23.94 -5.28 6.40
N GLN G 81 25.10 -4.76 6.78
CA GLN G 81 25.21 -3.84 7.90
C GLN G 81 25.95 -2.58 7.47
N ILE G 82 25.99 -1.62 8.40
CA ILE G 82 26.70 -0.36 8.19
C ILE G 82 26.96 0.26 9.55
N GLY G 83 28.15 0.86 9.70
CA GLY G 83 28.51 1.50 10.95
C GLY G 83 28.11 2.97 10.99
N GLY G 84 28.01 3.49 12.21
CA GLY G 84 27.65 4.88 12.41
C GLY G 84 28.11 5.43 13.73
N MET H 1 -3.78 54.56 14.23
CA MET H 1 -2.60 55.25 14.77
C MET H 1 -1.73 54.28 15.57
N LEU H 2 -0.46 54.18 15.19
CA LEU H 2 0.46 53.22 15.76
C LEU H 2 1.28 53.88 16.87
N GLU H 3 1.57 53.09 17.91
CA GLU H 3 2.45 53.56 19.00
C GLU H 3 3.06 52.31 19.65
N ALA H 4 4.17 51.87 19.08
CA ALA H 4 4.86 50.65 19.54
C ALA H 4 6.15 51.05 20.23
N LYS H 5 6.20 50.85 21.54
CA LYS H 5 7.36 51.20 22.35
C LYS H 5 8.13 49.94 22.73
N PHE H 6 9.43 49.93 22.43
CA PHE H 6 10.31 48.85 22.87
C PHE H 6 10.91 49.21 24.22
N GLU H 7 10.92 48.24 25.14
CA GLU H 7 11.56 48.45 26.43
C GLU H 7 13.06 48.66 26.27
N GLU H 8 13.67 48.04 25.27
CA GLU H 8 15.10 48.17 25.01
C GLU H 8 15.29 48.44 23.53
N ALA H 9 15.88 49.59 23.19
CA ALA H 9 15.99 49.98 21.80
C ALA H 9 16.93 49.06 21.03
N SER H 10 17.85 48.38 21.74
CA SER H 10 18.77 47.47 21.07
C SER H 10 18.04 46.28 20.47
N LEU H 11 16.86 45.93 21.02
CA LEU H 11 16.09 44.81 20.49
C LEU H 11 15.71 45.05 19.03
N PHE H 12 15.05 46.17 18.76
CA PHE H 12 14.68 46.51 17.38
C PHE H 12 15.91 46.82 16.53
N LYS H 13 17.03 47.22 17.16
CA LYS H 13 18.26 47.39 16.42
C LYS H 13 18.79 46.06 15.92
N ARG H 14 18.78 45.03 16.77
CA ARG H 14 19.25 43.71 16.35
C ARG H 14 18.32 43.10 15.31
N ILE H 15 17.03 43.41 15.36
CA ILE H 15 16.09 42.86 14.39
C ILE H 15 16.39 43.38 12.99
N ILE H 16 16.69 44.67 12.87
CA ILE H 16 17.00 45.24 11.57
C ILE H 16 18.34 44.74 11.06
N ASP H 17 19.30 44.52 11.97
CA ASP H 17 20.58 43.95 11.57
C ASP H 17 20.44 42.53 11.04
N GLY H 18 19.32 41.87 11.33
CA GLY H 18 19.12 40.50 10.89
C GLY H 18 18.90 40.34 9.40
N PHE H 19 18.46 41.41 8.72
CA PHE H 19 18.20 41.29 7.29
C PHE H 19 18.30 42.64 6.57
N LYS H 20 19.28 43.46 6.95
CA LYS H 20 19.55 44.68 6.21
C LYS H 20 20.62 44.50 5.15
N ASP H 21 21.39 43.42 5.20
CA ASP H 21 22.41 43.13 4.22
C ASP H 21 21.92 42.25 3.08
N CYS H 22 20.74 41.65 3.21
CA CYS H 22 20.13 40.88 2.15
C CYS H 22 18.85 41.50 1.60
N VAL H 23 18.14 42.32 2.38
CA VAL H 23 16.94 42.99 1.92
C VAL H 23 17.13 44.49 2.09
N GLN H 24 16.56 45.26 1.15
CA GLN H 24 16.65 46.71 1.18
C GLN H 24 15.35 47.39 1.55
N LEU H 25 14.24 46.96 0.97
CA LEU H 25 12.93 47.56 1.21
C LEU H 25 12.00 46.51 1.80
N VAL H 26 11.35 46.85 2.92
CA VAL H 26 10.48 45.94 3.65
C VAL H 26 9.20 46.65 4.01
N ASN H 27 8.07 45.94 3.91
CA ASN H 27 6.78 46.42 4.37
C ASN H 27 6.50 45.83 5.75
N PHE H 28 6.35 46.70 6.75
CA PHE H 28 6.05 46.29 8.12
C PHE H 28 4.54 46.45 8.32
N GLN H 29 3.81 45.33 8.21
CA GLN H 29 2.37 45.34 8.38
C GLN H 29 2.05 45.28 9.86
N CYS H 30 1.55 46.40 10.40
CA CYS H 30 1.28 46.54 11.83
C CYS H 30 -0.21 46.31 12.07
N LYS H 31 -0.54 45.23 12.77
CA LYS H 31 -1.90 44.89 13.13
C LYS H 31 -2.08 45.06 14.64
N GLU H 32 -3.15 44.47 15.18
CA GLU H 32 -3.35 44.46 16.62
C GLU H 32 -2.58 43.33 17.30
N ASP H 33 -2.26 42.26 16.56
CA ASP H 33 -1.48 41.17 17.13
C ASP H 33 -0.02 41.56 17.33
N GLY H 34 0.45 42.51 16.55
CA GLY H 34 1.83 42.95 16.59
C GLY H 34 2.27 43.45 15.22
N ILE H 35 3.55 43.26 14.93
CA ILE H 35 4.15 43.69 13.68
C ILE H 35 4.55 42.47 12.88
N ILE H 36 4.14 42.41 11.62
CA ILE H 36 4.47 41.33 10.71
C ILE H 36 5.22 41.91 9.52
N ALA H 37 6.29 41.23 9.10
CA ALA H 37 7.11 41.71 8.01
C ALA H 37 7.72 40.54 7.25
N GLN H 38 7.59 40.55 5.93
CA GLN H 38 8.21 39.55 5.08
C GLN H 38 8.78 40.24 3.84
N ALA H 39 9.89 39.70 3.35
CA ALA H 39 10.55 40.26 2.17
C ALA H 39 11.55 39.25 1.63
N VAL H 40 11.73 39.27 0.32
CA VAL H 40 12.66 38.38 -0.37
C VAL H 40 13.84 39.20 -0.89
N ASP H 41 15.01 38.57 -0.93
CA ASP H 41 16.21 39.24 -1.39
C ASP H 41 16.21 39.35 -2.91
N ASP H 42 17.24 40.01 -3.45
CA ASP H 42 17.34 40.17 -4.90
C ASP H 42 17.54 38.83 -5.60
N SER H 43 18.14 37.86 -4.91
CA SER H 43 18.36 36.54 -5.49
C SER H 43 17.08 35.72 -5.60
N ARG H 44 15.99 36.17 -4.97
CA ARG H 44 14.68 35.51 -5.06
C ARG H 44 14.73 34.09 -4.50
N VAL H 45 15.68 33.82 -3.59
CA VAL H 45 15.82 32.48 -3.03
C VAL H 45 15.75 32.54 -1.51
N LEU H 46 16.10 33.68 -0.93
CA LEU H 46 16.09 33.86 0.51
C LEU H 46 14.92 34.75 0.89
N LEU H 47 14.01 34.23 1.71
CA LEU H 47 12.85 34.96 2.18
C LEU H 47 12.99 35.18 3.68
N VAL H 48 13.02 36.45 4.10
CA VAL H 48 13.08 36.81 5.51
C VAL H 48 11.66 37.09 5.99
N SER H 49 11.29 36.52 7.13
CA SER H 49 9.96 36.66 7.69
C SER H 49 10.09 37.07 9.16
N LEU H 50 9.57 38.24 9.50
CA LEU H 50 9.62 38.77 10.85
C LEU H 50 8.22 38.79 11.45
N GLU H 51 8.15 38.45 12.73
CA GLU H 51 6.89 38.53 13.48
C GLU H 51 7.20 38.93 14.91
N ILE H 52 6.57 40.00 15.38
CA ILE H 52 6.73 40.50 16.73
C ILE H 52 5.35 40.56 17.39
N GLY H 53 5.25 40.02 18.60
CA GLY H 53 4.01 40.00 19.33
C GLY H 53 3.91 41.16 20.32
N VAL H 54 2.68 41.37 20.81
CA VAL H 54 2.43 42.47 21.74
C VAL H 54 3.13 42.22 23.07
N GLU H 55 3.39 40.95 23.41
CA GLU H 55 4.10 40.64 24.65
C GLU H 55 5.56 41.06 24.60
N ALA H 56 6.11 41.29 23.41
CA ALA H 56 7.48 41.75 23.29
C ALA H 56 7.60 43.25 23.57
N PHE H 57 6.61 44.02 23.14
CA PHE H 57 6.63 45.45 23.39
C PHE H 57 6.32 45.74 24.86
N GLN H 58 6.92 46.83 25.37
CA GLN H 58 6.53 47.34 26.68
C GLN H 58 5.10 47.90 26.63
N GLU H 59 4.81 48.68 25.60
CA GLU H 59 3.45 49.15 25.32
C GLU H 59 3.23 49.10 23.81
N TYR H 60 1.99 48.79 23.43
CA TYR H 60 1.65 48.67 22.01
C TYR H 60 0.22 49.14 21.80
N ARG H 61 0.01 49.86 20.70
CA ARG H 61 -1.31 50.34 20.33
C ARG H 61 -1.37 50.50 18.83
N CYS H 62 -2.37 49.89 18.20
CA CYS H 62 -2.55 49.97 16.75
C CYS H 62 -4.04 49.88 16.47
N ASP H 63 -4.68 51.05 16.33
CA ASP H 63 -6.13 51.08 16.18
C ASP H 63 -6.58 50.52 14.84
N HIS H 64 -5.79 50.68 13.79
CA HIS H 64 -6.15 50.24 12.45
C HIS H 64 -4.92 49.67 11.76
N PRO H 65 -5.11 48.72 10.84
CA PRO H 65 -3.96 48.13 10.14
C PRO H 65 -3.22 49.18 9.31
N VAL H 66 -1.91 49.24 9.50
CA VAL H 66 -1.03 50.17 8.79
C VAL H 66 0.15 49.40 8.25
N THR H 67 0.60 49.76 7.04
CA THR H 67 1.77 49.17 6.41
C THR H 67 2.86 50.23 6.33
N LEU H 68 4.00 49.96 6.98
CA LEU H 68 5.10 50.92 7.06
C LEU H 68 6.21 50.45 6.12
N GLY H 69 6.17 50.93 4.88
CA GLY H 69 7.21 50.64 3.92
C GLY H 69 8.44 51.48 4.18
N MET H 70 9.55 50.84 4.55
CA MET H 70 10.76 51.55 4.96
C MET H 70 11.98 51.02 4.21
N ASP H 71 12.95 51.90 4.02
CA ASP H 71 14.26 51.53 3.48
C ASP H 71 15.17 51.16 4.65
N LEU H 72 15.61 49.90 4.69
CA LEU H 72 16.42 49.44 5.80
C LEU H 72 17.77 50.13 5.86
N THR H 73 18.26 50.61 4.71
CA THR H 73 19.54 51.34 4.71
C THR H 73 19.41 52.65 5.45
N SER H 74 18.26 53.33 5.33
CA SER H 74 18.04 54.57 6.05
C SER H 74 17.59 54.32 7.48
N LEU H 75 16.80 53.26 7.70
CA LEU H 75 16.32 52.96 9.05
C LEU H 75 17.46 52.53 9.96
N SER H 76 18.42 51.78 9.43
CA SER H 76 19.56 51.35 10.24
C SER H 76 20.42 52.53 10.66
N ASP H 77 20.47 53.58 9.84
CA ASP H 77 21.25 54.76 10.21
C ASP H 77 20.60 55.51 11.37
N ILE H 78 19.27 55.53 11.42
CA ILE H 78 18.59 56.18 12.53
C ILE H 78 18.77 55.38 13.82
N LEU H 79 18.61 54.06 13.74
CA LEU H 79 18.80 53.21 14.90
C LEU H 79 20.25 53.19 15.37
N ARG H 80 21.20 53.50 14.49
CA ARG H 80 22.59 53.59 14.89
C ARG H 80 22.83 54.78 15.81
N GLU H 81 22.00 55.82 15.71
CA GLU H 81 22.15 56.99 16.56
C GLU H 81 21.67 56.74 17.98
N GLY H 82 20.70 55.84 18.16
CA GLY H 82 20.18 55.57 19.48
C GLY H 82 21.10 54.72 20.33
N ASN H 83 20.90 54.81 21.64
CA ASN H 83 21.68 54.04 22.60
C ASN H 83 20.98 52.72 22.91
N ASN H 84 21.81 51.70 23.17
CA ASN H 84 21.26 50.36 23.40
C ASN H 84 20.39 50.29 24.66
N THR H 85 20.67 51.15 25.64
CA THR H 85 19.93 51.16 26.90
C THR H 85 18.79 52.18 26.89
N ASP H 86 18.22 52.46 25.73
CA ASP H 86 17.13 53.41 25.59
C ASP H 86 15.83 52.68 25.27
N THR H 87 14.73 53.42 25.26
CA THR H 87 13.41 52.90 24.94
C THR H 87 12.96 53.51 23.62
N LEU H 88 13.11 52.74 22.54
CA LEU H 88 12.64 53.20 21.24
C LEU H 88 11.13 53.12 21.16
N THR H 89 10.54 54.08 20.44
CA THR H 89 9.11 54.13 20.25
C THR H 89 8.80 54.50 18.80
N LEU H 90 8.02 53.66 18.13
CA LEU H 90 7.59 53.92 16.75
C LEU H 90 6.20 54.52 16.77
N ILE H 91 6.04 55.65 16.08
CA ILE H 91 4.78 56.39 16.05
C ILE H 91 4.42 56.68 14.61
N ALA H 92 3.14 56.47 14.26
CA ALA H 92 2.65 56.76 12.91
C ALA H 92 1.19 57.15 13.00
N ASP H 93 0.73 57.91 12.01
CA ASP H 93 -0.64 58.37 11.95
C ASP H 93 -1.52 57.31 11.25
N ASN H 94 -2.78 57.68 10.98
CA ASN H 94 -3.68 56.75 10.31
C ASN H 94 -3.34 56.62 8.83
N THR H 95 -3.15 57.75 8.15
CA THR H 95 -2.69 57.77 6.77
C THR H 95 -1.27 58.35 6.75
N PRO H 96 -0.25 57.55 7.05
CA PRO H 96 1.08 58.11 7.26
C PRO H 96 1.99 58.02 6.05
N ASP H 97 2.67 59.14 5.75
CA ASP H 97 3.76 59.14 4.79
C ASP H 97 5.13 59.11 5.47
N SER H 98 5.15 59.21 6.80
CA SER H 98 6.40 59.17 7.56
C SER H 98 6.08 58.66 8.96
N ILE H 99 7.10 58.09 9.61
CA ILE H 99 6.97 57.62 10.98
C ILE H 99 7.98 58.34 11.86
N ILE H 100 7.74 58.27 13.17
CA ILE H 100 8.57 58.94 14.16
C ILE H 100 9.26 57.90 15.03
N LEU H 101 10.54 58.10 15.29
CA LEU H 101 11.34 57.23 16.15
C LEU H 101 11.79 58.04 17.36
N LEU H 102 11.20 57.74 18.52
CA LEU H 102 11.46 58.49 19.75
C LEU H 102 12.38 57.67 20.64
N PHE H 103 13.59 58.17 20.85
CA PHE H 103 14.58 57.53 21.72
C PHE H 103 14.52 58.20 23.09
N GLU H 104 14.12 57.44 24.10
CA GLU H 104 14.02 57.93 25.47
C GLU H 104 14.96 57.12 26.36
N ASP H 105 15.96 57.80 26.93
CA ASP H 105 16.88 57.15 27.84
C ASP H 105 16.22 56.93 29.19
N THR H 106 16.58 55.82 29.83
CA THR H 106 16.03 55.45 31.13
C THR H 106 16.88 55.91 32.30
N LYS H 107 18.04 56.50 32.04
CA LYS H 107 18.95 56.94 33.10
C LYS H 107 19.28 58.42 33.01
N LYS H 108 19.93 58.87 31.93
CA LYS H 108 20.33 60.26 31.80
C LYS H 108 19.15 61.21 31.65
N ASP H 109 17.93 60.69 31.48
CA ASP H 109 16.73 61.50 31.31
C ASP H 109 16.83 62.39 30.08
N ASP H 110 17.25 61.78 28.96
CA ASP H 110 17.41 62.47 27.69
C ASP H 110 16.35 61.98 26.70
N ILE H 111 16.15 62.76 25.65
CA ILE H 111 15.17 62.46 24.61
C ILE H 111 15.76 62.82 23.26
N ALA H 112 15.62 61.92 22.29
CA ALA H 112 16.00 62.19 20.90
C ALA H 112 14.88 61.70 19.99
N GLU H 113 14.64 62.43 18.90
CA GLU H 113 13.53 62.12 18.02
C GLU H 113 13.95 62.30 16.56
N TYR H 114 13.72 61.26 15.77
CA TYR H 114 14.01 61.26 14.34
C TYR H 114 12.74 60.91 13.57
N SER H 115 12.80 61.13 12.25
CA SER H 115 11.69 60.82 11.37
C SER H 115 12.23 60.17 10.10
N LEU H 116 11.42 59.30 9.51
CA LEU H 116 11.80 58.56 8.32
C LEU H 116 10.65 58.55 7.33
N LYS H 117 10.97 58.79 6.06
CA LYS H 117 9.96 58.83 5.01
C LYS H 117 9.54 57.42 4.62
N LEU H 118 8.24 57.23 4.42
CA LEU H 118 7.70 55.94 4.04
C LEU H 118 7.64 55.81 2.51
N MET H 119 7.66 54.57 2.04
CA MET H 119 7.66 54.26 0.62
C MET H 119 6.49 53.34 0.28
N ASP H 120 6.23 53.23 -1.02
CA ASP H 120 5.18 52.36 -1.55
C ASP H 120 5.85 51.11 -2.11
N ILE H 121 5.83 50.03 -1.32
CA ILE H 121 6.44 48.77 -1.70
C ILE H 121 5.35 47.73 -1.92
N ASP H 122 5.51 46.95 -2.98
CA ASP H 122 4.54 45.89 -3.30
C ASP H 122 4.90 44.61 -2.55
N ALA H 123 3.87 43.93 -2.04
CA ALA H 123 4.08 42.68 -1.32
C ALA H 123 4.52 41.60 -2.29
N ASP H 124 5.56 40.85 -1.92
CA ASP H 124 6.14 39.81 -2.76
C ASP H 124 5.91 38.47 -2.07
N PHE H 125 4.88 37.74 -2.54
CA PHE H 125 4.56 36.40 -2.07
C PHE H 125 4.29 36.36 -0.57
N LEU H 126 4.27 35.15 -0.01
CA LEU H 126 4.00 34.97 1.41
C LEU H 126 4.67 33.68 1.87
N GLY H 127 5.58 33.78 2.84
CA GLY H 127 6.24 32.61 3.38
C GLY H 127 5.33 31.78 4.26
N ILE H 128 5.16 30.50 3.92
CA ILE H 128 4.31 29.59 4.67
C ILE H 128 5.15 28.41 5.12
N GLU H 129 5.11 28.11 6.41
CA GLU H 129 5.83 26.97 6.95
C GLU H 129 5.24 25.67 6.40
N GLU H 130 6.11 24.69 6.18
CA GLU H 130 5.67 23.39 5.70
C GLU H 130 4.92 22.66 6.81
N LEU H 131 4.10 21.69 6.39
CA LEU H 131 3.33 20.92 7.36
C LEU H 131 4.23 20.04 8.22
N GLN H 132 5.27 19.44 7.62
CA GLN H 132 6.18 18.58 8.35
C GLN H 132 7.55 18.66 7.70
N TYR H 133 8.59 18.60 8.53
CA TYR H 133 9.97 18.59 8.07
C TYR H 133 10.61 17.25 8.39
N ASP H 134 11.48 16.78 7.49
CA ASP H 134 12.12 15.48 7.68
C ASP H 134 12.94 15.46 8.96
N SER H 135 13.63 16.56 9.27
CA SER H 135 14.42 16.65 10.48
C SER H 135 14.28 18.06 11.06
N THR H 136 14.37 18.13 12.39
CA THR H 136 14.33 19.40 13.11
C THR H 136 15.41 19.37 14.17
N LEU H 137 16.30 20.35 14.14
CA LEU H 137 17.36 20.44 15.13
C LEU H 137 17.47 21.87 15.63
N SER H 138 18.08 22.01 16.80
CA SER H 138 18.33 23.31 17.40
C SER H 138 19.59 23.22 18.26
N LEU H 139 20.40 24.26 18.21
CA LEU H 139 21.66 24.31 18.94
C LEU H 139 21.92 25.76 19.32
N PRO H 140 22.85 26.01 20.24
CA PRO H 140 23.21 27.39 20.57
C PRO H 140 23.59 28.18 19.32
N SER H 141 23.02 29.39 19.20
CA SER H 141 23.23 30.20 18.01
C SER H 141 24.69 30.61 17.87
N SER H 142 25.41 30.77 18.99
CA SER H 142 26.83 31.08 18.91
C SER H 142 27.63 29.92 18.34
N GLU H 143 27.17 28.69 18.59
CA GLU H 143 27.87 27.52 18.06
C GLU H 143 27.59 27.33 16.57
N PHE H 144 26.35 27.57 16.14
CA PHE H 144 26.02 27.45 14.73
C PHE H 144 26.68 28.56 13.90
N SER H 145 26.93 29.72 14.51
CA SER H 145 27.59 30.80 13.79
C SER H 145 29.03 30.43 13.47
N LYS H 146 29.75 29.88 14.44
CA LYS H 146 31.14 29.50 14.21
C LYS H 146 31.25 28.41 13.15
N ILE H 147 30.28 27.50 13.09
CA ILE H 147 30.32 26.42 12.11
C ILE H 147 30.21 26.99 10.69
N VAL H 148 29.26 27.91 10.49
CA VAL H 148 29.08 28.49 9.16
C VAL H 148 30.29 29.34 8.78
N ARG H 149 30.83 30.10 9.73
CA ARG H 149 31.96 30.97 9.43
C ARG H 149 33.21 30.18 9.06
N ASP H 150 33.52 29.13 9.83
CA ASP H 150 34.72 28.35 9.55
C ASP H 150 34.63 27.61 8.23
N LEU H 151 33.42 27.17 7.85
CA LEU H 151 33.25 26.46 6.59
C LEU H 151 33.06 27.38 5.40
N SER H 152 32.65 28.62 5.63
CA SER H 152 32.41 29.53 4.51
C SER H 152 33.71 29.94 3.82
N GLN H 153 34.82 29.97 4.56
CA GLN H 153 36.10 30.30 3.96
C GLN H 153 36.78 29.12 3.29
N LEU H 154 36.16 27.93 3.36
CA LEU H 154 36.66 26.75 2.66
C LEU H 154 35.86 26.40 1.42
N SER H 155 34.65 26.93 1.27
CA SER H 155 33.81 26.67 0.11
C SER H 155 32.65 27.67 0.13
N ASP H 156 32.05 27.85 -1.03
CA ASP H 156 30.87 28.71 -1.15
C ASP H 156 29.56 27.94 -1.01
N SER H 157 29.64 26.63 -0.71
CA SER H 157 28.45 25.81 -0.51
C SER H 157 28.69 24.89 0.67
N ILE H 158 27.81 24.97 1.67
CA ILE H 158 27.90 24.14 2.87
C ILE H 158 26.82 23.07 2.79
N ASN H 159 27.20 21.83 3.03
CA ASN H 159 26.30 20.69 2.98
C ASN H 159 25.94 20.23 4.39
N ILE H 160 24.66 19.93 4.60
CA ILE H 160 24.16 19.43 5.86
C ILE H 160 23.67 18.01 5.65
N MET H 161 24.19 17.07 6.43
CA MET H 161 23.80 15.67 6.34
C MET H 161 23.46 15.16 7.72
N ILE H 162 22.29 14.52 7.85
CA ILE H 162 21.82 14.00 9.12
C ILE H 162 21.51 12.52 8.94
N THR H 163 22.24 11.67 9.66
CA THR H 163 22.00 10.23 9.62
C THR H 163 22.66 9.59 10.84
N CYS H 164 22.07 8.48 11.29
CA CYS H 164 22.58 7.72 12.43
C CYS H 164 22.69 8.59 13.68
N GLU H 165 21.70 9.47 13.88
CA GLU H 165 21.69 10.40 15.00
C GLU H 165 22.98 11.22 15.04
N THR H 166 23.41 11.68 13.88
CA THR H 166 24.66 12.41 13.72
C THR H 166 24.48 13.49 12.66
N ILE H 167 24.95 14.69 12.96
CA ILE H 167 24.81 15.84 12.07
C ILE H 167 26.19 16.24 11.58
N LYS H 168 26.41 16.10 10.27
CA LYS H 168 27.71 16.35 9.65
C LYS H 168 27.60 17.56 8.74
N PHE H 169 28.41 18.59 9.02
CA PHE H 169 28.49 19.77 8.17
C PHE H 169 29.74 19.64 7.30
N VAL H 170 29.56 19.74 5.99
CA VAL H 170 30.62 19.53 5.02
C VAL H 170 30.76 20.78 4.14
N ALA H 171 32.00 21.17 3.86
CA ALA H 171 32.31 22.23 2.92
C ALA H 171 33.36 21.72 1.96
N ASP H 172 33.03 21.71 0.66
CA ASP H 172 33.89 21.14 -0.38
C ASP H 172 34.22 22.24 -1.37
N GLY H 173 35.44 22.78 -1.27
CA GLY H 173 35.87 23.88 -2.10
C GLY H 173 36.96 23.49 -3.08
N ASP H 174 37.58 24.52 -3.67
CA ASP H 174 38.63 24.30 -4.65
C ASP H 174 39.97 24.03 -3.97
N ILE H 175 40.28 24.75 -2.90
CA ILE H 175 41.57 24.60 -2.24
C ILE H 175 41.55 23.45 -1.25
N GLY H 176 40.57 23.44 -0.33
CA GLY H 176 40.48 22.41 0.68
C GLY H 176 39.03 22.03 0.95
N SER H 177 38.88 21.12 1.91
CA SER H 177 37.56 20.63 2.30
C SER H 177 37.54 20.45 3.81
N GLY H 178 36.46 20.93 4.45
CA GLY H 178 36.31 20.86 5.88
C GLY H 178 35.16 19.94 6.30
N SER H 179 35.07 19.75 7.62
CA SER H 179 34.05 18.86 8.18
C SER H 179 33.85 19.20 9.64
N VAL H 180 32.59 19.42 10.02
CA VAL H 180 32.20 19.68 11.41
C VAL H 180 31.09 18.70 11.76
N ILE H 181 31.33 17.86 12.76
CA ILE H 181 30.39 16.83 13.19
C ILE H 181 29.97 17.15 14.62
N ILE H 182 28.65 17.23 14.83
CA ILE H 182 28.09 17.49 16.15
C ILE H 182 27.21 16.30 16.53
N LYS H 183 27.14 16.03 17.83
CA LYS H 183 26.36 14.92 18.36
C LYS H 183 25.21 15.43 19.19
N PRO H 184 23.98 14.99 18.91
CA PRO H 184 22.83 15.49 19.68
C PRO H 184 22.84 14.96 21.10
N PHE H 185 22.48 15.84 22.04
CA PHE H 185 22.37 15.48 23.44
C PHE H 185 21.63 16.55 24.22
N VAL H 186 20.56 16.16 24.92
CA VAL H 186 19.78 17.08 25.75
C VAL H 186 20.13 16.81 27.20
N ASP H 187 20.67 17.83 27.88
CA ASP H 187 21.06 17.73 29.27
C ASP H 187 20.00 18.37 30.15
N MET H 188 19.45 17.60 31.09
CA MET H 188 18.41 18.14 31.96
C MET H 188 18.93 19.22 32.88
N GLU H 189 20.19 19.14 33.29
CA GLU H 189 20.73 20.14 34.21
C GLU H 189 20.93 21.49 33.52
N HIS H 190 21.22 21.49 32.22
CA HIS H 190 21.41 22.72 31.45
C HIS H 190 20.77 22.55 30.08
N PRO H 191 19.43 22.61 30.01
CA PRO H 191 18.77 22.38 28.71
C PRO H 191 19.00 23.47 27.69
N GLU H 192 19.43 24.66 28.12
CA GLU H 192 19.58 25.77 27.19
C GLU H 192 20.78 25.56 26.26
N THR H 193 21.79 24.81 26.71
CA THR H 193 23.00 24.57 25.93
C THR H 193 22.95 23.25 25.19
N SER H 194 21.76 22.69 24.98
CA SER H 194 21.63 21.37 24.39
C SER H 194 21.63 21.45 22.86
N ILE H 195 21.82 20.28 22.24
CA ILE H 195 21.71 20.13 20.79
C ILE H 195 20.64 19.07 20.56
N LYS H 196 19.41 19.52 20.37
CA LYS H 196 18.27 18.60 20.21
C LYS H 196 18.07 18.29 18.74
N LEU H 197 17.86 17.01 18.43
CA LEU H 197 17.64 16.54 17.07
C LEU H 197 16.44 15.62 17.03
N GLU H 198 15.50 15.91 16.13
CA GLU H 198 14.32 15.08 15.90
C GLU H 198 14.32 14.69 14.43
N MET H 199 14.80 13.48 14.12
CA MET H 199 14.93 13.01 12.75
C MET H 199 13.80 12.03 12.45
N ASP H 200 12.84 12.48 11.62
CA ASP H 200 11.84 11.56 11.10
C ASP H 200 12.35 10.80 9.89
N GLN H 201 13.29 11.39 9.13
CA GLN H 201 13.87 10.77 7.96
C GLN H 201 15.23 11.42 7.76
N PRO H 202 16.26 10.65 7.40
CA PRO H 202 17.57 11.25 7.14
C PRO H 202 17.51 12.24 6.00
N VAL H 203 18.37 13.27 6.08
CA VAL H 203 18.38 14.36 5.12
C VAL H 203 19.81 14.60 4.65
N ASP H 204 19.92 15.16 3.44
CA ASP H 204 21.22 15.46 2.84
C ASP H 204 21.02 16.63 1.88
N LEU H 205 21.28 17.84 2.36
CA LEU H 205 21.02 19.04 1.60
C LEU H 205 22.27 19.93 1.59
N THR H 206 22.35 20.79 0.57
CA THR H 206 23.44 21.73 0.40
C THR H 206 22.87 23.12 0.21
N PHE H 207 23.46 24.10 0.90
CA PHE H 207 22.99 25.48 0.86
C PHE H 207 24.15 26.40 0.47
N GLY H 208 23.79 27.54 -0.13
CA GLY H 208 24.80 28.53 -0.48
C GLY H 208 25.36 29.18 0.77
N ALA H 209 26.70 29.20 0.88
CA ALA H 209 27.32 29.72 2.09
C ALA H 209 27.05 31.21 2.27
N LYS H 210 26.94 31.96 1.17
CA LYS H 210 26.69 33.39 1.28
C LYS H 210 25.31 33.70 1.83
N TYR H 211 24.39 32.73 1.79
CA TYR H 211 23.07 32.92 2.39
C TYR H 211 23.06 32.54 3.85
N LEU H 212 23.78 31.48 4.23
CA LEU H 212 23.91 31.12 5.63
C LEU H 212 24.66 32.19 6.42
N LEU H 213 25.59 32.89 5.75
CA LEU H 213 26.30 33.99 6.42
C LEU H 213 25.36 35.14 6.74
N ASP H 214 24.30 35.32 5.96
CA ASP H 214 23.30 36.32 6.29
C ASP H 214 22.34 35.83 7.37
N ILE H 215 22.07 34.52 7.41
CA ILE H 215 21.13 33.99 8.39
C ILE H 215 21.71 34.04 9.80
N ILE H 216 23.00 33.76 9.94
CA ILE H 216 23.63 33.76 11.25
C ILE H 216 23.71 35.15 11.86
N LYS H 217 23.39 36.20 11.10
CA LYS H 217 23.40 37.55 11.64
C LYS H 217 22.27 37.81 12.62
N GLY H 218 21.33 36.88 12.75
CA GLY H 218 20.28 36.95 13.75
C GLY H 218 20.64 36.30 15.07
N SER H 219 21.91 35.91 15.25
CA SER H 219 22.30 35.22 16.48
C SER H 219 22.18 36.14 17.69
N SER H 220 22.25 37.46 17.47
CA SER H 220 22.10 38.41 18.57
C SER H 220 20.68 38.46 19.11
N LEU H 221 19.71 37.84 18.43
CA LEU H 221 18.33 37.87 18.88
C LEU H 221 18.05 36.79 19.91
N SER H 222 18.46 35.55 19.63
CA SER H 222 18.17 34.42 20.50
C SER H 222 19.45 33.66 20.81
N ASP H 223 19.45 33.01 21.98
CA ASP H 223 20.59 32.18 22.36
C ASP H 223 20.65 30.89 21.54
N ARG H 224 19.54 30.52 20.90
CA ARG H 224 19.46 29.29 20.12
C ARG H 224 18.89 29.57 18.74
N VAL H 225 19.21 28.69 17.80
CA VAL H 225 18.73 28.78 16.42
C VAL H 225 18.03 27.46 16.09
N GLY H 226 16.87 27.58 15.43
CA GLY H 226 16.08 26.43 15.07
C GLY H 226 16.17 26.18 13.58
N ILE H 227 16.63 24.98 13.22
CA ILE H 227 16.85 24.59 11.84
C ILE H 227 15.88 23.47 11.51
N ARG H 228 14.99 23.71 10.56
CA ARG H 228 14.02 22.73 10.09
C ARG H 228 14.34 22.43 8.63
N LEU H 229 14.78 21.20 8.36
CA LEU H 229 15.23 20.78 7.04
C LEU H 229 14.17 19.89 6.39
N SER H 230 13.97 20.07 5.08
CA SER H 230 13.00 19.29 4.32
C SER H 230 13.59 18.98 2.95
N SER H 231 13.31 17.78 2.46
CA SER H 231 13.87 17.35 1.18
C SER H 231 13.22 18.09 0.01
N GLU H 232 11.89 18.15 0.00
CA GLU H 232 11.14 18.77 -1.09
C GLU H 232 10.60 20.13 -0.70
N ALA H 233 11.34 20.89 0.10
CA ALA H 233 10.88 22.19 0.57
C ALA H 233 12.09 22.98 1.05
N PRO H 234 12.02 24.31 1.03
CA PRO H 234 13.14 25.11 1.55
C PRO H 234 13.29 24.97 3.06
N ALA H 235 14.53 25.06 3.51
CA ALA H 235 14.82 24.95 4.94
C ALA H 235 14.29 26.17 5.68
N LEU H 236 14.10 25.99 7.00
CA LEU H 236 13.54 27.04 7.85
C LEU H 236 14.50 27.25 9.03
N PHE H 237 15.26 28.34 8.97
CA PHE H 237 16.10 28.78 10.08
C PHE H 237 15.34 29.86 10.85
N GLN H 238 15.27 29.72 12.17
CA GLN H 238 14.43 30.60 12.97
C GLN H 238 15.13 30.95 14.28
N PHE H 239 14.96 32.20 14.70
CA PHE H 239 15.43 32.69 15.99
C PHE H 239 14.22 33.17 16.79
N ASP H 240 14.05 32.62 17.99
CA ASP H 240 12.88 32.92 18.80
C ASP H 240 13.08 34.21 19.58
N LEU H 241 12.08 35.08 19.53
CA LEU H 241 12.05 36.28 20.35
C LEU H 241 11.23 36.02 21.61
N LYS H 242 11.05 37.06 22.42
CA LYS H 242 10.22 36.93 23.62
C LYS H 242 8.80 36.54 23.26
N SER H 243 8.26 37.12 22.18
CA SER H 243 6.94 36.77 21.65
C SER H 243 6.98 37.06 20.16
N GLY H 244 7.58 36.15 19.42
CA GLY H 244 7.73 36.29 17.99
C GLY H 244 8.94 35.52 17.51
N PHE H 245 9.41 35.89 16.32
CA PHE H 245 10.53 35.18 15.71
C PHE H 245 11.06 35.98 14.53
N LEU H 246 12.29 35.64 14.13
CA LEU H 246 12.85 36.05 12.86
C LEU H 246 13.32 34.79 12.15
N GLN H 247 12.70 34.47 11.02
CA GLN H 247 12.99 33.22 10.33
C GLN H 247 13.44 33.48 8.90
N PHE H 248 14.06 32.48 8.30
CA PHE H 248 14.61 32.56 6.95
C PHE H 248 14.21 31.32 6.17
N PHE H 249 13.58 31.51 5.03
CA PHE H 249 13.24 30.41 4.12
C PHE H 249 14.32 30.34 3.04
N LEU H 250 15.19 29.34 3.14
CA LEU H 250 16.30 29.16 2.20
C LEU H 250 16.10 27.87 1.43
N ALA H 251 16.14 27.97 0.08
CA ALA H 251 15.99 26.80 -0.77
C ALA H 251 17.33 26.11 -0.99
N PRO H 252 17.36 24.78 -0.92
CA PRO H 252 18.61 24.06 -1.12
C PRO H 252 19.04 24.09 -2.59
N LYS H 253 20.31 23.72 -2.81
CA LYS H 253 20.87 23.66 -4.16
C LYS H 253 20.65 22.27 -4.71
N PHE H 254 19.54 22.12 -5.45
CA PHE H 254 19.18 20.83 -6.03
C PHE H 254 19.98 20.60 -7.32
N ASN H 255 19.65 19.52 -8.03
CA ASN H 255 20.29 19.16 -9.29
C ASN H 255 21.80 18.98 -9.14
N ASP H 256 22.51 18.99 -10.27
CA ASP H 256 23.96 18.82 -10.26
C ASP H 256 24.59 19.53 -11.45
#